data_7E9X
#
_entry.id   7E9X
#
_cell.length_a   54.657
_cell.length_b   129.647
_cell.length_c   151.141
_cell.angle_alpha   90.000
_cell.angle_beta   91.027
_cell.angle_gamma   90.000
#
_symmetry.space_group_name_H-M   'P 1 21 1'
#
loop_
_entity.id
_entity.type
_entity.pdbx_description
1 polymer Trehalase
2 non-polymer GLYCEROL
3 water water
#
_entity_poly.entity_id   1
_entity_poly.type   'polypeptide(L)'
_entity_poly.pdbx_seq_one_letter_code
;MDSDTDTDSGPVVATTKLVTFLQRVQHTALRSYPKKQTPDPKSYIDLSLKRPYSLSTIESAFDDLTSESHDQPVPVETLE
KFVKEYFDGAGEDLLHHEPVDFVSDPSGFLSNVENEEVREWAREVHGLWRNLSCRVSDSVRESADRHTLLPLPEPVIIPG
SRFREVYYWDSYWVIKGLMTSQMFTTAKGLVTNLMSLVETYGYALNGARAYYTNRSQPPLLSSMVYEIYNVTKDEELVRK
AIPLLLKEYEFWNSGKHKVVIRDANGYDHVLSRYYAMWNKPRPESSVFDEESASGFSTMLEKQRFHRDIATAAESGCAFS
TRWMRDPPNFTTMATTSVVPVDLNVFLLKMELDIAFMMKVSGDQNGSDRFVKASKAREKAFQTVFWNEKAGQWLDYWLSS
SGEESETWKAENQNTNVFASNFAPIWINSINSDENLVKKVVTALKNSGLIAPAGILTSLTNSGQQWDSPNGWAPQQEMIV
TGLGRSSVKEAKEMAEDIARRWIKSNYLVYKKSGTIHEKLKVTELGEYGGGGEYMPQTGFGWSNGVILAFLEEYGWPSHL
SIEALEHHHHHH
;
_entity_poly.pdbx_strand_id   A,B,C,D
#
# COMPACT_ATOMS: atom_id res chain seq x y z
N SER A 9 29.49 -28.06 11.01
CA SER A 9 29.13 -26.64 10.98
C SER A 9 27.84 -26.37 11.77
N GLY A 10 27.76 -25.19 12.39
CA GLY A 10 26.62 -24.82 13.19
C GLY A 10 25.36 -24.58 12.37
N PRO A 11 24.47 -23.73 12.87
CA PRO A 11 23.17 -23.55 12.21
C PRO A 11 23.30 -22.91 10.83
N VAL A 12 22.35 -23.26 9.98
CA VAL A 12 22.23 -22.69 8.63
C VAL A 12 20.78 -22.31 8.41
N VAL A 13 20.54 -21.07 7.99
CA VAL A 13 19.20 -20.62 7.63
C VAL A 13 19.00 -20.82 6.15
N ALA A 14 18.03 -21.67 5.79
CA ALA A 14 17.81 -22.02 4.39
C ALA A 14 17.38 -20.79 3.59
N THR A 15 17.73 -20.77 2.31
CA THR A 15 17.24 -19.71 1.46
C THR A 15 16.04 -20.25 0.68
N THR A 16 15.54 -19.47 -0.27
CA THR A 16 14.29 -19.74 -0.95
C THR A 16 14.53 -20.39 -2.31
N LYS A 17 13.48 -21.02 -2.84
CA LYS A 17 13.59 -21.63 -4.15
C LYS A 17 13.99 -20.59 -5.20
N LEU A 18 13.43 -19.39 -5.12
CA LEU A 18 13.74 -18.36 -6.10
C LEU A 18 15.22 -18.04 -6.10
N VAL A 19 15.80 -17.85 -4.91
CA VAL A 19 17.20 -17.49 -4.83
C VAL A 19 18.08 -18.58 -5.43
N THR A 20 17.80 -19.85 -5.10
CA THR A 20 18.65 -20.90 -5.66
C THR A 20 18.46 -21.02 -7.17
N PHE A 21 17.27 -20.72 -7.69
CA PHE A 21 17.11 -20.73 -9.15
C PHE A 21 17.83 -19.55 -9.79
N LEU A 22 17.76 -18.36 -9.19
CA LEU A 22 18.49 -17.23 -9.76
C LEU A 22 20.01 -17.45 -9.71
N GLN A 23 20.49 -18.26 -8.78
CA GLN A 23 21.91 -18.63 -8.79
C GLN A 23 22.23 -19.44 -10.04
N ARG A 24 21.31 -20.31 -10.47
CA ARG A 24 21.53 -21.02 -11.72
C ARG A 24 21.70 -20.04 -12.87
N VAL A 25 20.80 -19.06 -12.98
CA VAL A 25 20.91 -18.07 -14.04
C VAL A 25 22.26 -17.37 -13.95
N GLN A 26 22.62 -16.97 -12.72
CA GLN A 26 23.88 -16.28 -12.50
C GLN A 26 25.07 -17.08 -13.01
N HIS A 27 25.10 -18.37 -12.69
CA HIS A 27 26.20 -19.22 -13.16
C HIS A 27 26.23 -19.28 -14.68
N THR A 28 25.07 -19.42 -15.31
CA THR A 28 25.01 -19.46 -16.76
C THR A 28 25.52 -18.15 -17.36
N ALA A 29 25.11 -17.02 -16.78
CA ALA A 29 25.54 -15.73 -17.30
C ALA A 29 27.05 -15.58 -17.24
N LEU A 30 27.64 -15.88 -16.08
CA LEU A 30 29.08 -15.66 -15.95
C LEU A 30 29.86 -16.63 -16.83
N ARG A 31 29.32 -17.84 -17.04
CA ARG A 31 29.96 -18.78 -17.94
C ARG A 31 29.84 -18.33 -19.40
N SER A 32 28.73 -17.68 -19.75
CA SER A 32 28.45 -17.32 -21.14
C SER A 32 29.11 -16.00 -21.57
N TYR A 33 29.32 -15.07 -20.66
CA TYR A 33 29.93 -13.82 -21.05
C TYR A 33 31.43 -13.97 -21.15
N PRO A 34 32.11 -13.05 -21.84
CA PRO A 34 33.55 -12.93 -21.67
C PRO A 34 33.86 -12.31 -20.32
N LYS A 35 35.06 -12.60 -19.80
CA LYS A 35 35.45 -12.02 -18.53
C LYS A 35 35.47 -10.50 -18.61
N LYS A 36 35.81 -9.95 -19.77
CA LYS A 36 35.98 -8.50 -19.92
C LYS A 36 34.70 -7.73 -19.60
N GLN A 37 33.54 -8.26 -20.00
CA GLN A 37 32.26 -7.58 -19.85
C GLN A 37 31.26 -8.54 -19.19
N THR A 38 31.51 -8.87 -17.92
CA THR A 38 30.53 -9.65 -17.19
C THR A 38 29.69 -8.74 -16.29
N PRO A 39 28.37 -8.89 -16.26
CA PRO A 39 27.55 -8.00 -15.43
C PRO A 39 27.76 -8.28 -13.95
N ASP A 40 27.38 -7.30 -13.13
CA ASP A 40 27.49 -7.45 -11.68
C ASP A 40 26.69 -8.68 -11.28
N PRO A 41 27.34 -9.72 -10.75
CA PRO A 41 26.62 -10.97 -10.49
C PRO A 41 25.41 -10.80 -9.62
N LYS A 42 25.45 -9.81 -8.72
CA LYS A 42 24.36 -9.60 -7.78
C LYS A 42 23.08 -9.19 -8.48
N SER A 43 23.18 -8.56 -9.65
CA SER A 43 21.99 -8.12 -10.36
C SER A 43 21.12 -9.29 -10.85
N TYR A 44 21.71 -10.48 -11.02
CA TYR A 44 20.90 -11.66 -11.33
C TYR A 44 20.10 -12.13 -10.13
N ILE A 45 20.66 -11.99 -8.91
CA ILE A 45 19.90 -12.38 -7.72
C ILE A 45 18.88 -11.33 -7.33
N ASP A 46 18.91 -10.17 -7.99
CA ASP A 46 17.95 -9.11 -7.74
C ASP A 46 16.87 -9.02 -8.81
N LEU A 47 16.89 -9.90 -9.79
CA LEU A 47 15.75 -10.02 -10.71
C LEU A 47 14.47 -10.36 -9.96
N SER A 48 13.34 -10.17 -10.64
CA SER A 48 12.05 -10.66 -10.15
C SER A 48 11.30 -11.30 -11.32
N LEU A 49 10.30 -12.12 -11.01
CA LEU A 49 9.60 -12.86 -12.07
C LEU A 49 8.64 -11.95 -12.82
N LYS A 50 8.75 -11.93 -14.16
CA LYS A 50 7.87 -11.08 -14.96
C LYS A 50 6.48 -11.71 -15.03
N ARG A 51 5.47 -10.95 -14.62
CA ARG A 51 4.09 -11.42 -14.75
C ARG A 51 3.77 -11.63 -16.23
N PRO A 52 2.96 -12.65 -16.58
CA PRO A 52 2.24 -13.56 -15.68
C PRO A 52 2.94 -14.90 -15.40
N TYR A 53 4.23 -15.01 -15.66
CA TYR A 53 4.85 -16.33 -15.60
C TYR A 53 5.14 -16.76 -14.17
N SER A 54 5.03 -18.06 -13.95
CA SER A 54 5.40 -18.68 -12.69
C SER A 54 6.88 -19.07 -12.69
N LEU A 55 7.40 -19.33 -11.49
CA LEU A 55 8.71 -19.93 -11.36
C LEU A 55 8.81 -21.26 -12.10
N SER A 56 7.79 -22.10 -11.96
CA SER A 56 7.84 -23.40 -12.61
C SER A 56 7.99 -23.24 -14.11
N THR A 57 7.28 -22.29 -14.71
CA THR A 57 7.37 -22.03 -16.14
C THR A 57 8.76 -21.54 -16.53
N ILE A 58 9.23 -20.51 -15.83
CA ILE A 58 10.51 -19.89 -16.19
C ILE A 58 11.65 -20.88 -16.01
N GLU A 59 11.63 -21.66 -14.93
CA GLU A 59 12.69 -22.65 -14.73
C GLU A 59 12.64 -23.71 -15.82
N SER A 60 11.43 -24.10 -16.23
CA SER A 60 11.30 -25.11 -17.27
C SER A 60 11.92 -24.65 -18.58
N ALA A 61 11.61 -23.41 -18.99
CA ALA A 61 12.24 -22.85 -20.17
C ALA A 61 13.76 -22.74 -20.00
N PHE A 62 14.21 -22.37 -18.79
CA PHE A 62 15.65 -22.29 -18.54
C PHE A 62 16.31 -23.65 -18.69
N ASP A 63 15.66 -24.70 -18.17
CA ASP A 63 16.19 -26.05 -18.36
C ASP A 63 16.29 -26.39 -19.85
N ASP A 64 15.26 -26.04 -20.64
CA ASP A 64 15.32 -26.28 -22.08
C ASP A 64 16.42 -25.47 -22.73
N LEU A 65 16.54 -24.20 -22.36
CA LEU A 65 17.50 -23.33 -23.02
C LEU A 65 18.92 -23.81 -22.80
N THR A 66 19.22 -24.30 -21.60
CA THR A 66 20.54 -24.77 -21.23
C THR A 66 20.69 -26.28 -21.41
N SER A 67 19.81 -26.91 -22.18
CA SER A 67 19.92 -28.35 -22.45
C SER A 67 20.96 -28.62 -23.55
N GLU A 68 22.18 -28.18 -23.28
CA GLU A 68 23.34 -28.51 -24.11
C GLU A 68 24.59 -28.16 -23.31
N SER A 69 25.57 -29.08 -23.32
CA SER A 69 26.79 -28.92 -22.57
C SER A 69 27.84 -28.12 -23.34
N PRO A 73 28.44 -23.72 -23.89
CA PRO A 73 27.86 -22.54 -23.23
C PRO A 73 26.68 -21.97 -23.99
N VAL A 74 25.82 -21.28 -23.27
CA VAL A 74 24.67 -20.61 -23.90
C VAL A 74 25.16 -19.33 -24.56
N PRO A 75 24.80 -19.08 -25.82
CA PRO A 75 25.19 -17.81 -26.46
C PRO A 75 24.68 -16.61 -25.68
N VAL A 76 25.53 -15.58 -25.62
CA VAL A 76 25.20 -14.35 -24.89
C VAL A 76 23.88 -13.78 -25.35
N GLU A 77 23.66 -13.76 -26.67
CA GLU A 77 22.45 -13.14 -27.21
C GLU A 77 21.20 -13.88 -26.77
N THR A 78 21.26 -15.21 -26.71
CA THR A 78 20.11 -15.99 -26.29
C THR A 78 19.84 -15.80 -24.80
N LEU A 79 20.90 -15.66 -24.01
CA LEU A 79 20.75 -15.47 -22.57
C LEU A 79 20.10 -14.13 -22.26
N GLU A 80 20.57 -13.06 -22.90
CA GLU A 80 19.98 -11.75 -22.64
C GLU A 80 18.52 -11.71 -23.06
N LYS A 81 18.21 -12.37 -24.19
CA LYS A 81 16.82 -12.46 -24.62
C LYS A 81 15.97 -13.18 -23.57
N PHE A 82 16.49 -14.29 -23.04
CA PHE A 82 15.79 -15.05 -22.02
C PHE A 82 15.55 -14.20 -20.77
N VAL A 83 16.58 -13.50 -20.29
CA VAL A 83 16.44 -12.66 -19.11
C VAL A 83 15.43 -11.55 -19.36
N LYS A 84 15.52 -10.92 -20.54
CA LYS A 84 14.54 -9.90 -20.89
C LYS A 84 13.13 -10.47 -20.96
N GLU A 85 13.00 -11.74 -21.33
CA GLU A 85 11.69 -12.30 -21.58
C GLU A 85 10.93 -12.59 -20.29
N TYR A 86 11.58 -13.25 -19.33
CA TYR A 86 10.88 -13.82 -18.20
C TYR A 86 11.08 -13.07 -16.87
N PHE A 87 11.93 -12.04 -16.83
CA PHE A 87 12.24 -11.35 -15.58
C PHE A 87 12.06 -9.84 -15.72
N ASP A 88 11.71 -9.19 -14.60
CA ASP A 88 11.83 -7.75 -14.47
C ASP A 88 13.22 -7.46 -13.91
N GLY A 89 13.87 -6.42 -14.44
CA GLY A 89 15.27 -6.20 -14.15
C GLY A 89 15.52 -5.88 -12.69
N ALA A 90 16.79 -6.01 -12.30
CA ALA A 90 17.20 -5.65 -10.95
C ALA A 90 16.83 -4.22 -10.63
N GLY A 91 16.16 -4.01 -9.49
CA GLY A 91 15.78 -2.68 -9.08
C GLY A 91 14.43 -2.20 -9.57
N GLU A 92 13.82 -2.90 -10.55
CA GLU A 92 12.54 -2.42 -11.05
C GLU A 92 11.43 -2.56 -10.02
N ASP A 93 11.54 -3.54 -9.11
CA ASP A 93 10.58 -3.67 -8.02
C ASP A 93 10.92 -2.78 -6.81
N LEU A 94 11.85 -1.85 -6.98
CA LEU A 94 12.22 -0.88 -5.93
C LEU A 94 11.92 0.51 -6.47
N LEU A 95 10.78 1.06 -6.11
CA LEU A 95 10.28 2.27 -6.77
C LEU A 95 10.85 3.51 -6.10
N HIS A 96 11.10 4.54 -6.92
CA HIS A 96 11.40 5.84 -6.35
C HIS A 96 10.23 6.34 -5.50
N HIS A 97 10.55 6.92 -4.35
CA HIS A 97 9.56 7.46 -3.43
C HIS A 97 9.98 8.86 -3.03
N GLU A 98 9.05 9.82 -3.11
CA GLU A 98 9.32 11.15 -2.60
C GLU A 98 9.11 11.13 -1.09
N PRO A 99 10.15 11.38 -0.29
CA PRO A 99 9.95 11.44 1.17
C PRO A 99 8.97 12.55 1.50
N VAL A 100 7.99 12.22 2.36
CA VAL A 100 6.99 13.22 2.73
C VAL A 100 7.61 14.37 3.53
N ASP A 101 8.80 14.18 4.11
CA ASP A 101 9.42 15.23 4.91
C ASP A 101 10.55 15.92 4.20
N PHE A 102 10.81 15.61 2.93
CA PHE A 102 11.92 16.23 2.24
C PHE A 102 11.59 17.68 1.89
N VAL A 103 12.54 18.57 2.16
CA VAL A 103 12.39 19.98 1.83
C VAL A 103 13.72 20.46 1.25
N SER A 104 13.67 21.04 0.05
CA SER A 104 14.89 21.36 -0.71
C SER A 104 15.82 22.25 0.09
N ASP A 105 15.28 23.21 0.82
CA ASP A 105 16.08 24.18 1.56
C ASP A 105 15.39 24.45 2.89
N PRO A 106 15.59 23.58 3.88
CA PRO A 106 14.87 23.73 5.15
C PRO A 106 15.28 24.99 5.87
N SER A 107 14.30 25.65 6.49
CA SER A 107 14.60 26.77 7.37
C SER A 107 15.55 26.32 8.47
N GLY A 108 16.63 27.07 8.65
CA GLY A 108 17.59 26.73 9.69
C GLY A 108 18.46 25.53 9.40
N PHE A 109 18.46 25.05 8.15
CA PHE A 109 19.31 23.94 7.77
C PHE A 109 20.75 24.40 7.78
N LEU A 110 21.57 23.77 8.63
CA LEU A 110 23.01 24.04 8.69
C LEU A 110 23.26 25.53 8.89
N SER A 111 22.52 26.13 9.84
CA SER A 111 22.60 27.57 10.09
C SER A 111 23.98 27.96 10.62
N ASN A 112 24.64 27.06 11.34
CA ASN A 112 25.97 27.27 11.89
C ASN A 112 27.07 27.18 10.82
N VAL A 113 26.74 26.95 9.56
CA VAL A 113 27.73 26.87 8.50
C VAL A 113 27.81 28.26 7.86
N GLU A 114 28.91 28.98 8.16
CA GLU A 114 29.07 30.35 7.67
C GLU A 114 29.55 30.39 6.23
N ASN A 115 30.50 29.53 5.86
CA ASN A 115 30.98 29.47 4.50
C ASN A 115 29.83 29.12 3.57
N GLU A 116 29.42 30.08 2.73
CA GLU A 116 28.25 29.89 1.88
C GLU A 116 28.49 28.83 0.83
N GLU A 117 29.74 28.67 0.39
CA GLU A 117 30.03 27.64 -0.59
C GLU A 117 29.89 26.25 0.04
N VAL A 118 30.37 26.10 1.28
CA VAL A 118 30.19 24.84 2.00
C VAL A 118 28.70 24.57 2.22
N ARG A 119 27.96 25.58 2.69
CA ARG A 119 26.55 25.38 2.99
C ARG A 119 25.77 24.98 1.74
N GLU A 120 26.11 25.57 0.59
CA GLU A 120 25.34 25.30 -0.62
C GLU A 120 25.66 23.91 -1.18
N TRP A 121 26.93 23.50 -1.10
CA TRP A 121 27.27 22.11 -1.45
C TRP A 121 26.55 21.13 -0.53
N ALA A 122 26.43 21.46 0.76
CA ALA A 122 25.74 20.59 1.70
C ALA A 122 24.27 20.46 1.35
N ARG A 123 23.67 21.55 0.86
CA ARG A 123 22.28 21.47 0.42
C ARG A 123 22.14 20.50 -0.74
N GLU A 124 23.14 20.48 -1.64
CA GLU A 124 23.15 19.51 -2.73
C GLU A 124 23.23 18.09 -2.20
N VAL A 125 24.13 17.86 -1.24
CA VAL A 125 24.22 16.56 -0.60
C VAL A 125 22.88 16.19 0.02
N HIS A 126 22.32 17.11 0.80
CA HIS A 126 20.99 16.92 1.38
C HIS A 126 19.97 16.55 0.30
N GLY A 127 20.06 17.18 -0.88
CA GLY A 127 19.13 16.88 -1.96
C GLY A 127 19.19 15.44 -2.46
N LEU A 128 20.31 14.77 -2.23
CA LEU A 128 20.47 13.39 -2.68
C LEU A 128 19.65 12.40 -1.86
N TRP A 129 19.03 12.83 -0.75
CA TRP A 129 18.14 11.93 -0.02
C TRP A 129 16.99 11.47 -0.92
N ARG A 130 16.52 12.35 -1.80
CA ARG A 130 15.50 11.97 -2.79
C ARG A 130 15.98 10.82 -3.67
N ASN A 131 17.21 10.90 -4.15
CA ASN A 131 17.75 9.82 -4.98
C ASN A 131 17.76 8.49 -4.25
N LEU A 132 18.12 8.49 -2.97
CA LEU A 132 18.22 7.25 -2.23
C LEU A 132 16.90 6.78 -1.66
N SER A 133 15.81 7.53 -1.85
CA SER A 133 14.53 7.21 -1.23
C SER A 133 13.72 6.30 -2.13
N CYS A 134 13.24 5.17 -1.57
CA CYS A 134 12.57 4.14 -2.36
C CYS A 134 11.48 3.48 -1.53
N ARG A 135 10.62 2.74 -2.23
CA ARG A 135 9.57 1.94 -1.62
C ARG A 135 9.40 0.67 -2.43
N VAL A 136 9.22 -0.47 -1.76
CA VAL A 136 8.97 -1.71 -2.48
C VAL A 136 7.67 -1.59 -3.28
N SER A 137 7.63 -2.23 -4.45
CA SER A 137 6.44 -2.16 -5.27
C SER A 137 5.28 -2.95 -4.64
N ASP A 138 4.08 -2.70 -5.16
CA ASP A 138 2.91 -3.46 -4.72
C ASP A 138 3.09 -4.96 -4.94
N SER A 139 3.73 -5.35 -6.05
CA SER A 139 3.93 -6.77 -6.31
C SER A 139 4.79 -7.42 -5.22
N VAL A 140 5.77 -6.69 -4.68
CA VAL A 140 6.58 -7.21 -3.58
C VAL A 140 5.69 -7.51 -2.37
N ARG A 141 4.73 -6.64 -2.09
CA ARG A 141 3.83 -6.91 -0.98
C ARG A 141 2.76 -7.93 -1.35
N GLU A 142 2.19 -7.82 -2.56
CA GLU A 142 1.10 -8.71 -2.96
C GLU A 142 1.55 -10.15 -3.10
N SER A 143 2.74 -10.37 -3.68
CA SER A 143 3.22 -11.70 -4.03
C SER A 143 4.75 -11.73 -3.87
N ALA A 144 5.17 -11.70 -2.61
CA ALA A 144 6.57 -11.58 -2.27
C ALA A 144 7.41 -12.73 -2.82
N ASP A 145 6.77 -13.88 -3.10
CA ASP A 145 7.51 -15.05 -3.55
C ASP A 145 8.07 -14.88 -4.95
N ARG A 146 7.67 -13.84 -5.67
CA ARG A 146 8.20 -13.52 -6.99
C ARG A 146 9.39 -12.57 -6.94
N HIS A 147 9.83 -12.19 -5.74
CA HIS A 147 10.89 -11.21 -5.58
C HIS A 147 11.87 -11.71 -4.52
N THR A 148 13.16 -11.39 -4.70
CA THR A 148 14.08 -11.52 -3.59
C THR A 148 14.11 -10.26 -2.73
N LEU A 149 13.70 -9.11 -3.27
CA LEU A 149 13.48 -7.94 -2.44
C LEU A 149 12.41 -8.25 -1.40
N LEU A 150 12.72 -7.89 -0.03
CA LEU A 150 11.69 -8.33 0.90
C LEU A 150 10.64 -7.24 1.07
N PRO A 151 9.40 -7.60 1.44
CA PRO A 151 8.38 -6.57 1.66
C PRO A 151 8.64 -5.87 2.98
N LEU A 152 8.42 -4.57 3.00
CA LEU A 152 8.67 -3.72 4.16
C LEU A 152 7.49 -2.77 4.34
N PRO A 153 7.17 -2.40 5.59
CA PRO A 153 5.97 -1.59 5.83
C PRO A 153 6.10 -0.13 5.44
N GLU A 154 7.31 0.41 5.33
CA GLU A 154 7.53 1.83 5.15
C GLU A 154 8.61 2.06 4.09
N PRO A 155 8.58 3.23 3.44
CA PRO A 155 9.64 3.58 2.51
C PRO A 155 11.01 3.55 3.17
N VAL A 156 12.05 3.49 2.34
CA VAL A 156 13.40 3.25 2.81
C VAL A 156 14.35 4.30 2.27
N ILE A 157 15.57 4.27 2.82
CA ILE A 157 16.75 4.92 2.25
C ILE A 157 17.75 3.80 1.99
N ILE A 158 18.20 3.66 0.75
CA ILE A 158 19.16 2.62 0.41
C ILE A 158 20.57 3.21 0.39
N PRO A 159 21.61 2.39 0.51
CA PRO A 159 22.96 2.94 0.36
C PRO A 159 23.19 3.57 -1.00
N GLY A 160 22.70 2.94 -2.06
CA GLY A 160 22.85 3.49 -3.39
C GLY A 160 23.44 2.50 -4.38
N SER A 161 23.26 2.78 -5.67
CA SER A 161 23.91 2.02 -6.76
C SER A 161 23.55 0.55 -6.61
N ARG A 162 24.52 -0.37 -6.62
CA ARG A 162 24.20 -1.80 -6.61
C ARG A 162 23.46 -2.23 -5.35
N PHE A 163 23.50 -1.42 -4.28
CA PHE A 163 22.83 -1.75 -3.02
C PHE A 163 21.38 -1.29 -3.12
N ARG A 164 20.60 -2.08 -3.86
CA ARG A 164 19.19 -1.77 -4.13
C ARG A 164 18.27 -2.37 -3.07
N GLU A 165 18.56 -2.09 -1.82
CA GLU A 165 17.77 -2.59 -0.70
C GLU A 165 18.29 -1.89 0.54
N VAL A 166 17.46 -1.81 1.57
CA VAL A 166 17.93 -1.21 2.82
C VAL A 166 18.92 -2.15 3.50
N TYR A 167 19.99 -1.57 4.08
CA TYR A 167 20.96 -2.28 4.88
C TYR A 167 20.84 -1.87 6.35
N TYR A 168 21.30 -2.75 7.25
CA TYR A 168 21.13 -2.55 8.68
C TYR A 168 22.04 -1.42 9.23
N TRP A 169 23.36 -1.63 9.35
CA TRP A 169 24.09 -0.65 10.15
C TRP A 169 24.27 0.67 9.42
N ASP A 170 24.29 0.65 8.08
CA ASP A 170 24.28 1.90 7.31
C ASP A 170 23.21 2.86 7.81
N SER A 171 22.03 2.34 8.18
CA SER A 171 20.91 3.20 8.54
C SER A 171 21.17 4.09 9.75
N TYR A 172 22.13 3.74 10.61
CA TYR A 172 22.40 4.62 11.75
C TYR A 172 23.00 5.93 11.28
N TRP A 173 24.07 5.86 10.47
CA TRP A 173 24.69 7.10 10.00
C TRP A 173 23.81 7.80 8.99
N VAL A 174 22.96 7.04 8.29
CA VAL A 174 21.92 7.69 7.48
C VAL A 174 21.01 8.52 8.37
N ILE A 175 20.57 7.93 9.49
CA ILE A 175 19.64 8.62 10.39
C ILE A 175 20.31 9.86 10.98
N LYS A 176 21.61 9.79 11.30
CA LYS A 176 22.24 11.00 11.84
C LYS A 176 22.18 12.12 10.81
N GLY A 177 22.35 11.78 9.53
CA GLY A 177 22.22 12.78 8.49
C GLY A 177 20.78 13.21 8.26
N LEU A 178 19.85 12.26 8.37
CA LEU A 178 18.43 12.60 8.22
C LEU A 178 18.00 13.58 9.29
N MET A 179 18.51 13.43 10.51
CA MET A 179 18.22 14.40 11.58
C MET A 179 18.65 15.80 11.18
N THR A 180 19.91 15.93 10.72
CA THR A 180 20.37 17.21 10.21
C THR A 180 19.45 17.72 9.12
N SER A 181 18.98 16.81 8.27
CA SER A 181 18.11 17.15 7.15
C SER A 181 16.66 17.37 7.54
N GLN A 182 16.31 17.26 8.83
CA GLN A 182 14.96 17.54 9.34
C GLN A 182 13.93 16.56 8.78
N MET A 183 14.35 15.31 8.63
CA MET A 183 13.55 14.26 8.01
C MET A 183 13.28 13.16 9.04
N PHE A 184 12.57 13.49 10.12
CA PHE A 184 12.36 12.52 11.18
C PHE A 184 11.29 11.49 10.84
N THR A 185 10.41 11.79 9.90
CA THR A 185 9.48 10.76 9.43
C THR A 185 10.22 9.69 8.63
N THR A 186 11.07 10.10 7.70
CA THR A 186 11.90 9.12 7.00
C THR A 186 12.80 8.38 7.98
N ALA A 187 13.38 9.09 8.95
CA ALA A 187 14.25 8.42 9.92
C ALA A 187 13.49 7.34 10.66
N LYS A 188 12.30 7.69 11.16
CA LYS A 188 11.49 6.70 11.87
C LYS A 188 11.15 5.53 10.96
N GLY A 189 10.90 5.80 9.68
CA GLY A 189 10.51 4.74 8.77
C GLY A 189 11.57 3.66 8.68
N LEU A 190 12.84 4.06 8.73
CA LEU A 190 13.94 3.11 8.70
C LEU A 190 13.87 2.17 9.89
N VAL A 191 13.68 2.74 11.08
CA VAL A 191 13.63 1.94 12.30
C VAL A 191 12.40 1.04 12.31
N THR A 192 11.25 1.55 11.85
CA THR A 192 10.07 0.69 11.73
C THR A 192 10.35 -0.51 10.83
N ASN A 193 11.06 -0.28 9.72
CA ASN A 193 11.39 -1.36 8.80
C ASN A 193 12.30 -2.38 9.43
N LEU A 194 13.32 -1.92 10.18
CA LEU A 194 14.26 -2.81 10.82
C LEU A 194 13.61 -3.56 11.97
N MET A 195 12.72 -2.88 12.71
CA MET A 195 11.95 -3.56 13.75
C MET A 195 11.06 -4.66 13.16
N SER A 196 10.50 -4.44 11.98
CA SER A 196 9.70 -5.51 11.36
C SER A 196 10.56 -6.73 11.03
N LEU A 197 11.82 -6.52 10.64
CA LEU A 197 12.70 -7.65 10.39
C LEU A 197 13.03 -8.40 11.67
N VAL A 198 13.30 -7.68 12.77
CA VAL A 198 13.54 -8.36 14.05
C VAL A 198 12.31 -9.18 14.43
N GLU A 199 11.12 -8.62 14.23
CA GLU A 199 9.91 -9.34 14.61
C GLU A 199 9.76 -10.64 13.82
N THR A 200 10.03 -10.59 12.51
CA THR A 200 9.92 -11.75 11.65
C THR A 200 11.03 -12.77 11.91
N TYR A 201 12.29 -12.33 11.92
CA TYR A 201 13.41 -13.25 11.91
C TYR A 201 14.05 -13.49 13.27
N GLY A 202 13.89 -12.57 14.22
CA GLY A 202 14.61 -12.61 15.48
C GLY A 202 15.82 -11.70 15.55
N TYR A 203 16.19 -11.08 14.43
CA TYR A 203 17.34 -10.18 14.32
C TYR A 203 17.10 -9.33 13.08
N ALA A 204 17.77 -8.20 13.02
CA ALA A 204 17.68 -7.37 11.81
C ALA A 204 18.65 -7.92 10.77
N LEU A 205 18.15 -8.14 9.54
CA LEU A 205 18.99 -8.79 8.53
C LEU A 205 20.11 -7.87 8.05
N ASN A 206 21.17 -8.52 7.54
CA ASN A 206 22.25 -7.82 6.84
C ASN A 206 21.66 -6.78 5.89
N GLY A 207 20.63 -7.17 5.12
CA GLY A 207 19.88 -6.26 4.27
C GLY A 207 18.56 -6.91 3.94
N ALA A 208 17.67 -6.16 3.29
CA ALA A 208 16.29 -6.60 3.15
C ALA A 208 16.11 -7.37 1.83
N ARG A 209 16.84 -8.48 1.72
CA ARG A 209 16.81 -9.39 0.57
C ARG A 209 16.69 -10.81 1.08
N ALA A 210 16.08 -11.69 0.27
CA ALA A 210 15.92 -13.08 0.71
C ALA A 210 17.26 -13.75 0.95
N TYR A 211 18.31 -13.38 0.22
CA TYR A 211 19.62 -14.01 0.43
C TYR A 211 20.36 -13.47 1.67
N TYR A 212 19.71 -12.62 2.47
CA TYR A 212 20.29 -12.10 3.70
C TYR A 212 19.62 -12.61 4.97
N THR A 213 18.63 -13.51 4.86
CA THR A 213 17.90 -13.97 6.05
C THR A 213 18.76 -14.81 6.98
N ASN A 214 19.97 -15.21 6.55
CA ASN A 214 20.84 -16.06 7.35
C ASN A 214 21.77 -15.28 8.30
N ARG A 215 21.74 -13.95 8.29
CA ARG A 215 22.68 -13.21 9.13
C ARG A 215 22.17 -11.80 9.39
N SER A 216 22.81 -11.14 10.37
CA SER A 216 22.49 -9.79 10.78
C SER A 216 23.57 -8.80 10.30
N GLN A 217 23.90 -7.81 11.13
CA GLN A 217 24.96 -6.82 10.87
C GLN A 217 25.26 -6.14 12.20
N PRO A 218 26.24 -5.22 12.28
CA PRO A 218 26.51 -4.54 13.56
C PRO A 218 25.26 -3.93 14.17
N PRO A 219 25.01 -4.18 15.44
CA PRO A 219 23.67 -3.92 16.03
C PRO A 219 23.45 -2.48 16.47
N LEU A 220 23.12 -1.63 15.50
CA LEU A 220 22.91 -0.21 15.73
C LEU A 220 21.45 0.17 15.96
N LEU A 221 20.51 -0.78 15.91
CA LEU A 221 19.09 -0.42 15.98
C LEU A 221 18.76 0.36 17.25
N SER A 222 19.27 -0.10 18.39
CA SER A 222 19.01 0.62 19.63
C SER A 222 19.52 2.06 19.54
N SER A 223 20.65 2.28 18.86
CA SER A 223 21.17 3.64 18.75
C SER A 223 20.30 4.50 17.84
N MET A 224 19.74 3.91 16.78
CA MET A 224 18.83 4.64 15.92
C MET A 224 17.55 5.04 16.66
N VAL A 225 17.02 4.11 17.47
CA VAL A 225 15.82 4.42 18.24
C VAL A 225 16.15 5.51 19.26
N TYR A 226 17.32 5.42 19.88
CA TYR A 226 17.69 6.42 20.90
C TYR A 226 17.83 7.81 20.29
N GLU A 227 18.56 7.91 19.17
CA GLU A 227 18.79 9.24 18.59
C GLU A 227 17.49 9.87 18.10
N ILE A 228 16.57 9.07 17.54
CA ILE A 228 15.29 9.63 17.12
C ILE A 228 14.49 10.12 18.33
N TYR A 229 14.35 9.26 19.35
CA TYR A 229 13.53 9.60 20.51
C TYR A 229 14.11 10.78 21.26
N ASN A 230 15.43 10.88 21.30
CA ASN A 230 16.07 11.99 21.99
C ASN A 230 15.61 13.32 21.44
N VAL A 231 15.26 13.39 20.16
CA VAL A 231 14.68 14.60 19.58
C VAL A 231 13.15 14.58 19.66
N THR A 232 12.50 13.52 19.18
CA THR A 232 11.05 13.57 19.00
C THR A 232 10.26 13.24 20.26
N LYS A 233 10.85 12.56 21.24
CA LYS A 233 10.15 12.16 22.46
C LYS A 233 8.92 11.31 22.15
N ASP A 234 9.01 10.53 21.08
CA ASP A 234 7.98 9.62 20.60
C ASP A 234 7.87 8.44 21.55
N GLU A 235 6.98 8.53 22.53
CA GLU A 235 6.92 7.50 23.57
C GLU A 235 6.42 6.18 23.01
N GLU A 236 5.54 6.20 22.01
CA GLU A 236 5.03 4.97 21.42
C GLU A 236 6.13 4.20 20.71
N LEU A 237 7.09 4.92 20.11
CA LEU A 237 8.21 4.27 19.47
C LEU A 237 9.01 3.45 20.46
N VAL A 238 9.34 4.04 21.62
CA VAL A 238 10.15 3.32 22.60
C VAL A 238 9.39 2.14 23.16
N ARG A 239 8.09 2.31 23.45
CA ARG A 239 7.27 1.21 23.92
C ARG A 239 7.29 0.05 22.93
N LYS A 240 7.20 0.35 21.64
CA LYS A 240 7.28 -0.70 20.63
C LYS A 240 8.68 -1.28 20.53
N ALA A 241 9.70 -0.46 20.73
CA ALA A 241 11.06 -0.88 20.44
C ALA A 241 11.57 -1.83 21.49
N ILE A 242 11.22 -1.61 22.78
CA ILE A 242 11.88 -2.33 23.86
C ILE A 242 11.84 -3.84 23.70
N PRO A 243 10.70 -4.49 23.46
CA PRO A 243 10.74 -5.95 23.35
C PRO A 243 11.54 -6.43 22.16
N LEU A 244 11.54 -5.67 21.06
CA LEU A 244 12.34 -6.05 19.90
C LEU A 244 13.83 -5.87 20.17
N LEU A 245 14.20 -4.79 20.89
CA LEU A 245 15.60 -4.64 21.27
C LEU A 245 16.02 -5.75 22.22
N LEU A 246 15.13 -6.16 23.14
CA LEU A 246 15.44 -7.28 24.04
C LEU A 246 15.65 -8.56 23.26
N LYS A 247 14.83 -8.79 22.24
CA LYS A 247 14.98 -9.95 21.38
C LYS A 247 16.33 -9.92 20.66
N GLU A 248 16.66 -8.79 20.06
CA GLU A 248 17.96 -8.66 19.40
C GLU A 248 19.10 -8.87 20.40
N TYR A 249 18.95 -8.29 21.60
CA TYR A 249 20.00 -8.45 22.61
C TYR A 249 20.22 -9.92 22.93
N GLU A 250 19.14 -10.69 23.10
CA GLU A 250 19.29 -12.11 23.38
C GLU A 250 19.94 -12.84 22.21
N PHE A 251 19.59 -12.46 20.99
CA PHE A 251 20.22 -13.03 19.79
C PHE A 251 21.75 -12.91 19.85
N TRP A 252 22.26 -11.72 20.20
CA TRP A 252 23.71 -11.52 20.23
C TRP A 252 24.37 -12.14 21.45
N ASN A 253 23.60 -12.43 22.50
CA ASN A 253 24.14 -12.95 23.74
C ASN A 253 23.79 -14.41 23.98
N SER A 254 23.51 -15.16 22.93
CA SER A 254 23.20 -16.58 23.07
C SER A 254 23.77 -17.35 21.89
N GLY A 255 23.72 -18.68 22.01
CA GLY A 255 24.04 -19.54 20.90
C GLY A 255 25.44 -19.27 20.40
N LYS A 256 25.60 -19.37 19.08
CA LYS A 256 26.91 -19.22 18.47
C LYS A 256 27.48 -17.81 18.67
N HIS A 257 26.63 -16.80 18.91
CA HIS A 257 27.11 -15.44 19.05
C HIS A 257 27.73 -15.14 20.40
N LYS A 258 27.48 -15.98 21.40
CA LYS A 258 27.98 -15.78 22.75
C LYS A 258 29.30 -16.52 22.95
N VAL A 259 30.28 -15.83 23.55
CA VAL A 259 31.54 -16.46 23.94
C VAL A 259 31.87 -16.03 25.36
N VAL A 260 32.63 -16.87 26.08
CA VAL A 260 32.98 -16.61 27.47
C VAL A 260 34.50 -16.64 27.61
N ILE A 261 35.08 -15.55 28.12
CA ILE A 261 36.52 -15.41 28.26
C ILE A 261 36.85 -15.07 29.71
N ARG A 262 37.60 -15.95 30.37
CA ARG A 262 38.00 -15.74 31.76
C ARG A 262 39.32 -14.99 31.81
N ASP A 263 39.40 -13.96 32.66
CA ASP A 263 40.63 -13.20 32.72
C ASP A 263 41.60 -13.80 33.73
N ALA A 264 42.75 -13.14 33.88
CA ALA A 264 43.80 -13.66 34.75
C ALA A 264 43.36 -13.71 36.21
N ASN A 265 42.54 -12.75 36.65
CA ASN A 265 41.98 -12.78 38.00
C ASN A 265 40.77 -13.70 38.12
N GLY A 266 40.47 -14.48 37.08
CA GLY A 266 39.45 -15.51 37.15
C GLY A 266 38.02 -15.06 36.98
N TYR A 267 37.77 -13.82 36.54
CA TYR A 267 36.41 -13.35 36.31
C TYR A 267 35.98 -13.67 34.88
N ASP A 268 34.76 -14.16 34.73
CA ASP A 268 34.25 -14.60 33.44
C ASP A 268 33.54 -13.45 32.75
N HIS A 269 33.91 -13.21 31.50
CA HIS A 269 33.36 -12.11 30.72
C HIS A 269 32.54 -12.68 29.56
N VAL A 270 31.28 -12.28 29.49
CA VAL A 270 30.38 -12.67 28.41
C VAL A 270 30.52 -11.65 27.28
N LEU A 271 30.93 -12.12 26.10
CA LEU A 271 31.17 -11.23 24.98
C LEU A 271 30.56 -11.85 23.73
N SER A 272 30.55 -11.09 22.64
CA SER A 272 29.93 -11.55 21.41
C SER A 272 30.92 -11.60 20.26
N ARG A 273 30.60 -12.45 19.31
CA ARG A 273 31.31 -12.51 18.03
C ARG A 273 30.27 -12.49 16.93
N TYR A 274 30.74 -12.23 15.72
CA TYR A 274 29.87 -12.43 14.57
C TYR A 274 29.81 -13.92 14.24
N TYR A 275 28.70 -14.33 13.60
CA TYR A 275 28.53 -15.72 13.20
C TYR A 275 27.34 -15.85 12.27
N ALA A 276 27.61 -15.81 10.96
CA ALA A 276 26.57 -16.03 9.97
C ALA A 276 26.05 -17.47 10.05
N MET A 277 24.75 -17.62 9.92
CA MET A 277 24.14 -18.95 9.87
C MET A 277 24.06 -19.43 8.41
N TRP A 278 25.25 -19.58 7.81
CA TRP A 278 25.41 -19.85 6.40
C TRP A 278 26.77 -20.50 6.18
N ASN A 279 26.84 -21.54 5.31
CA ASN A 279 28.13 -22.18 5.06
C ASN A 279 28.33 -22.51 3.59
N LYS A 280 27.77 -21.72 2.71
CA LYS A 280 27.84 -21.90 1.27
C LYS A 280 28.31 -20.59 0.66
N PRO A 281 28.58 -20.58 -0.65
CA PRO A 281 28.80 -19.30 -1.33
C PRO A 281 27.61 -18.38 -1.09
N ARG A 282 27.90 -17.10 -0.87
CA ARG A 282 26.84 -16.09 -0.79
C ARG A 282 26.14 -16.00 -2.15
N PRO A 283 24.81 -16.11 -2.21
CA PRO A 283 24.16 -16.12 -3.53
C PRO A 283 24.43 -14.87 -4.33
N GLU A 284 24.57 -13.71 -3.67
CA GLU A 284 24.84 -12.46 -4.38
C GLU A 284 26.25 -12.41 -4.96
N SER A 285 27.12 -13.33 -4.55
CA SER A 285 28.51 -13.36 -4.96
C SER A 285 28.92 -14.80 -5.27
N SER A 286 27.98 -15.58 -5.83
CA SER A 286 28.12 -17.04 -5.80
C SER A 286 29.39 -17.51 -6.49
N VAL A 287 29.66 -17.00 -7.69
CA VAL A 287 30.81 -17.49 -8.46
C VAL A 287 32.12 -16.98 -7.86
N PHE A 288 32.17 -15.71 -7.45
CA PHE A 288 33.36 -15.21 -6.80
C PHE A 288 33.70 -15.99 -5.54
N ASP A 289 32.67 -16.35 -4.76
CA ASP A 289 32.89 -17.12 -3.54
C ASP A 289 33.35 -18.54 -3.86
N GLU A 290 32.79 -19.17 -4.89
CA GLU A 290 33.31 -20.46 -5.32
C GLU A 290 34.77 -20.34 -5.72
N GLU A 291 35.09 -19.33 -6.55
CA GLU A 291 36.47 -19.11 -6.98
C GLU A 291 37.39 -18.87 -5.78
N SER A 292 36.91 -18.13 -4.79
CA SER A 292 37.71 -17.88 -3.60
C SER A 292 38.05 -19.16 -2.85
N ALA A 293 37.17 -20.16 -2.91
CA ALA A 293 37.31 -21.39 -2.14
C ALA A 293 37.92 -22.53 -2.94
N SER A 294 38.30 -22.28 -4.20
CA SER A 294 38.72 -23.33 -5.11
C SER A 294 39.97 -24.08 -4.64
N GLY A 295 40.80 -23.46 -3.80
CA GLY A 295 41.99 -24.14 -3.33
C GLY A 295 41.78 -25.14 -2.22
N PHE A 296 40.61 -25.14 -1.59
CA PHE A 296 40.34 -26.08 -0.50
C PHE A 296 40.01 -27.44 -1.08
N SER A 297 40.60 -28.49 -0.49
CA SER A 297 40.46 -29.83 -1.05
C SER A 297 39.20 -30.54 -0.57
N THR A 298 38.82 -30.34 0.69
CA THR A 298 37.71 -31.05 1.30
C THR A 298 36.50 -30.12 1.45
N MET A 299 35.31 -30.69 1.28
CA MET A 299 34.09 -29.91 1.42
C MET A 299 33.95 -29.31 2.80
N LEU A 300 34.48 -30.00 3.83
CA LEU A 300 34.42 -29.46 5.18
C LEU A 300 35.24 -28.19 5.30
N GLU A 301 36.39 -28.15 4.61
CA GLU A 301 37.19 -26.93 4.59
C GLU A 301 36.46 -25.81 3.87
N LYS A 302 35.80 -26.13 2.75
CA LYS A 302 35.04 -25.12 2.01
C LYS A 302 33.93 -24.53 2.87
N GLN A 303 33.28 -25.37 3.69
CA GLN A 303 32.15 -24.89 4.48
C GLN A 303 32.61 -23.96 5.59
N ARG A 304 33.70 -24.30 6.27
CA ARG A 304 34.25 -23.41 7.29
C ARG A 304 34.60 -22.06 6.68
N PHE A 305 35.29 -22.08 5.54
CA PHE A 305 35.66 -20.83 4.86
C PHE A 305 34.43 -20.02 4.46
N HIS A 306 33.46 -20.66 3.78
CA HIS A 306 32.25 -19.94 3.38
C HIS A 306 31.53 -19.36 4.59
N ARG A 307 31.53 -20.06 5.72
CA ARG A 307 30.91 -19.47 6.91
C ARG A 307 31.72 -18.28 7.41
N ASP A 308 33.04 -18.38 7.38
CA ASP A 308 33.85 -17.24 7.79
C ASP A 308 33.69 -16.07 6.83
N ILE A 309 33.43 -16.35 5.55
CA ILE A 309 33.19 -15.28 4.58
C ILE A 309 31.85 -14.60 4.85
N ALA A 310 30.80 -15.41 5.09
CA ALA A 310 29.49 -14.83 5.32
C ALA A 310 29.47 -14.07 6.63
N THR A 311 30.29 -14.51 7.57
CA THR A 311 30.42 -13.83 8.85
C THR A 311 31.12 -12.49 8.71
N ALA A 312 32.13 -12.40 7.84
CA ALA A 312 32.70 -11.10 7.52
C ALA A 312 31.67 -10.18 6.87
N ALA A 313 30.73 -10.73 6.09
CA ALA A 313 29.63 -9.89 5.61
C ALA A 313 28.76 -9.41 6.78
N GLU A 314 28.54 -10.27 7.77
CA GLU A 314 27.79 -9.85 8.96
C GLU A 314 28.53 -8.76 9.73
N SER A 315 29.87 -8.75 9.70
CA SER A 315 30.61 -7.70 10.39
C SER A 315 30.36 -6.31 9.84
N GLY A 316 29.71 -6.21 8.69
CA GLY A 316 29.64 -4.95 7.99
C GLY A 316 30.92 -4.55 7.28
N CYS A 317 32.01 -5.31 7.44
CA CYS A 317 33.31 -4.90 6.93
C CYS A 317 33.92 -6.00 6.06
N ALA A 318 33.22 -6.37 4.99
CA ALA A 318 33.71 -7.36 4.03
C ALA A 318 34.42 -6.65 2.89
N PHE A 319 35.74 -6.87 2.72
CA PHE A 319 36.60 -7.69 3.59
C PHE A 319 37.86 -6.93 4.03
N SER A 320 38.63 -7.52 4.94
CA SER A 320 39.74 -6.84 5.60
C SER A 320 40.77 -7.84 6.10
N THR A 321 42.04 -7.42 6.11
CA THR A 321 43.05 -8.15 6.85
C THR A 321 42.64 -8.36 8.30
N ARG A 322 41.73 -7.52 8.81
CA ARG A 322 41.25 -7.67 10.19
C ARG A 322 40.73 -9.07 10.48
N TRP A 323 40.10 -9.72 9.50
CA TRP A 323 39.47 -11.02 9.73
C TRP A 323 40.29 -12.18 9.21
N MET A 324 41.48 -11.94 8.69
CA MET A 324 42.30 -12.99 8.10
C MET A 324 43.28 -13.53 9.13
N ARG A 325 43.30 -14.86 9.29
CA ARG A 325 44.26 -15.49 10.18
C ARG A 325 45.68 -15.23 9.71
N ASP A 326 45.91 -15.26 8.39
CA ASP A 326 47.24 -15.03 7.82
C ASP A 326 47.11 -13.92 6.78
N PRO A 327 47.00 -12.66 7.21
CA PRO A 327 46.82 -11.58 6.25
C PRO A 327 48.07 -11.40 5.41
N PRO A 328 47.94 -10.99 4.14
CA PRO A 328 46.71 -10.62 3.47
C PRO A 328 46.15 -11.76 2.59
N ASN A 329 46.32 -13.01 3.02
CA ASN A 329 45.82 -14.15 2.26
C ASN A 329 44.32 -14.28 2.48
N PHE A 330 43.55 -13.90 1.46
CA PHE A 330 42.08 -13.95 1.53
C PHE A 330 41.54 -15.32 1.92
N THR A 331 42.23 -16.40 1.52
CA THR A 331 41.69 -17.71 1.83
C THR A 331 41.81 -18.08 3.29
N THR A 332 42.51 -17.28 4.10
CA THR A 332 42.57 -17.54 5.54
C THR A 332 41.55 -16.73 6.33
N MET A 333 40.51 -16.21 5.68
CA MET A 333 39.41 -15.54 6.38
C MET A 333 38.95 -16.41 7.53
N ALA A 334 38.79 -15.79 8.71
CA ALA A 334 38.49 -16.58 9.91
C ALA A 334 37.59 -15.77 10.85
N THR A 335 36.56 -15.14 10.31
CA THR A 335 35.82 -14.14 11.05
C THR A 335 35.17 -14.70 12.30
N THR A 336 34.75 -15.98 12.27
CA THR A 336 34.09 -16.55 13.44
C THR A 336 35.02 -16.75 14.62
N SER A 337 36.33 -16.61 14.45
CA SER A 337 37.28 -16.73 15.55
C SER A 337 37.55 -15.41 16.25
N VAL A 338 36.97 -14.30 15.80
CA VAL A 338 37.32 -12.98 16.32
C VAL A 338 36.23 -12.49 17.27
N VAL A 339 36.64 -12.10 18.48
CA VAL A 339 35.79 -11.34 19.38
C VAL A 339 36.04 -9.87 19.09
N PRO A 340 35.17 -9.19 18.35
CA PRO A 340 35.55 -7.89 17.77
C PRO A 340 35.30 -6.71 18.70
N VAL A 341 36.22 -5.75 18.64
CA VAL A 341 36.13 -4.56 19.47
C VAL A 341 34.84 -3.81 19.16
N ASP A 342 34.60 -3.52 17.88
CA ASP A 342 33.49 -2.65 17.54
C ASP A 342 32.15 -3.32 17.81
N LEU A 343 32.01 -4.61 17.47
CA LEU A 343 30.80 -5.35 17.83
C LEU A 343 30.49 -5.18 19.32
N ASN A 344 31.50 -5.38 20.18
CA ASN A 344 31.18 -5.33 21.60
C ASN A 344 30.99 -3.90 22.11
N VAL A 345 31.55 -2.90 21.40
CA VAL A 345 31.14 -1.52 21.63
C VAL A 345 29.66 -1.34 21.35
N PHE A 346 29.18 -1.88 20.22
CA PHE A 346 27.77 -1.72 19.92
C PHE A 346 26.90 -2.44 20.93
N LEU A 347 27.35 -3.58 21.46
CA LEU A 347 26.53 -4.24 22.48
C LEU A 347 26.59 -3.50 23.80
N LEU A 348 27.74 -2.90 24.12
CA LEU A 348 27.77 -2.01 25.27
C LEU A 348 26.78 -0.88 25.06
N LYS A 349 26.77 -0.31 23.86
CA LYS A 349 25.84 0.76 23.54
C LYS A 349 24.38 0.29 23.66
N MET A 350 24.09 -0.94 23.24
CA MET A 350 22.75 -1.50 23.42
C MET A 350 22.35 -1.49 24.88
N GLU A 351 23.24 -1.98 25.75
CA GLU A 351 22.96 -2.01 27.17
C GLU A 351 22.71 -0.62 27.73
N LEU A 352 23.47 0.38 27.25
CA LEU A 352 23.26 1.76 27.70
C LEU A 352 21.95 2.32 27.17
N ASP A 353 21.63 2.06 25.89
CA ASP A 353 20.37 2.52 25.33
C ASP A 353 19.18 1.85 25.99
N ILE A 354 19.26 0.54 26.22
CA ILE A 354 18.11 -0.19 26.77
C ILE A 354 17.85 0.25 28.20
N ALA A 355 18.91 0.52 28.97
CA ALA A 355 18.70 1.03 30.32
C ALA A 355 17.96 2.36 30.28
N PHE A 356 18.35 3.23 29.34
CA PHE A 356 17.69 4.52 29.19
C PHE A 356 16.21 4.35 28.87
N MET A 357 15.90 3.58 27.82
CA MET A 357 14.51 3.41 27.41
C MET A 357 13.68 2.81 28.51
N MET A 358 14.23 1.84 29.24
CA MET A 358 13.45 1.25 30.31
C MET A 358 13.22 2.25 31.43
N LYS A 359 14.17 3.15 31.67
CA LYS A 359 13.96 4.21 32.65
C LYS A 359 12.84 5.15 32.21
N VAL A 360 12.87 5.61 30.96
CA VAL A 360 11.87 6.57 30.54
C VAL A 360 10.51 5.93 30.36
N SER A 361 10.45 4.62 30.13
CA SER A 361 9.18 3.90 30.10
C SER A 361 8.72 3.46 31.49
N GLY A 362 9.51 3.74 32.53
CA GLY A 362 9.09 3.51 33.89
C GLY A 362 9.43 2.15 34.46
N ASP A 363 10.36 1.40 33.86
CA ASP A 363 10.66 0.03 34.27
C ASP A 363 12.01 0.04 34.98
N GLN A 364 11.96 0.18 36.31
CA GLN A 364 13.17 0.31 37.13
C GLN A 364 13.96 -0.99 37.16
N ASN A 365 13.28 -2.12 37.30
CA ASN A 365 13.97 -3.40 37.35
C ASN A 365 14.74 -3.64 36.05
N GLY A 366 14.13 -3.35 34.91
CA GLY A 366 14.82 -3.54 33.65
C GLY A 366 16.00 -2.59 33.48
N SER A 367 15.78 -1.32 33.81
CA SER A 367 16.87 -0.35 33.81
C SER A 367 18.02 -0.85 34.68
N ASP A 368 17.69 -1.34 35.89
CA ASP A 368 18.74 -1.83 36.79
C ASP A 368 19.51 -2.99 36.17
N ARG A 369 18.80 -3.93 35.53
CA ARG A 369 19.45 -5.09 34.96
C ARG A 369 20.46 -4.70 33.88
N PHE A 370 20.14 -3.69 33.08
CA PHE A 370 21.03 -3.32 31.99
C PHE A 370 22.11 -2.32 32.41
N VAL A 371 21.92 -1.60 33.52
CA VAL A 371 23.06 -0.90 34.10
C VAL A 371 24.10 -1.90 34.60
N LYS A 372 23.64 -2.95 35.28
CA LYS A 372 24.54 -4.02 35.67
C LYS A 372 25.28 -4.62 34.47
N ALA A 373 24.55 -4.89 33.37
CA ALA A 373 25.16 -5.47 32.17
C ALA A 373 26.21 -4.53 31.58
N SER A 374 25.86 -3.27 31.34
CA SER A 374 26.83 -2.33 30.79
C SER A 374 28.05 -2.21 31.71
N LYS A 375 27.83 -2.22 33.04
CA LYS A 375 28.98 -2.19 33.94
C LYS A 375 29.87 -3.40 33.73
N ALA A 376 29.27 -4.57 33.49
CA ALA A 376 30.05 -5.78 33.23
C ALA A 376 30.88 -5.66 31.95
N ARG A 377 30.26 -5.16 30.88
CA ARG A 377 30.99 -5.07 29.62
C ARG A 377 32.04 -3.97 29.67
N GLU A 378 31.77 -2.88 30.42
CA GLU A 378 32.83 -1.91 30.70
C GLU A 378 34.05 -2.59 31.29
N LYS A 379 33.86 -3.52 32.22
CA LYS A 379 34.97 -4.27 32.78
C LYS A 379 35.68 -5.08 31.71
N ALA A 380 34.91 -5.76 30.84
CA ALA A 380 35.53 -6.51 29.76
C ALA A 380 36.44 -5.64 28.90
N PHE A 381 36.01 -4.41 28.61
CA PHE A 381 36.84 -3.57 27.75
C PHE A 381 38.15 -3.23 28.43
N GLN A 382 38.12 -3.02 29.74
CA GLN A 382 39.33 -2.71 30.49
C GLN A 382 40.29 -3.88 30.55
N THR A 383 39.79 -5.11 30.56
CA THR A 383 40.59 -6.30 30.81
C THR A 383 40.81 -7.17 29.58
N VAL A 384 39.75 -7.43 28.80
CA VAL A 384 39.88 -8.32 27.64
C VAL A 384 40.42 -7.58 26.42
N PHE A 385 39.92 -6.37 26.16
CA PHE A 385 40.25 -5.66 24.92
C PHE A 385 41.40 -4.67 25.06
N TRP A 386 41.45 -3.92 26.16
CA TRP A 386 42.44 -2.84 26.27
C TRP A 386 43.85 -3.39 26.16
N ASN A 387 44.73 -2.60 25.55
CA ASN A 387 46.16 -2.89 25.58
C ASN A 387 46.89 -1.61 25.96
N GLU A 388 47.45 -1.59 27.18
CA GLU A 388 48.13 -0.40 27.67
C GLU A 388 49.26 0.02 26.74
N LYS A 389 50.13 -0.94 26.38
CA LYS A 389 51.28 -0.59 25.55
C LYS A 389 50.84 0.00 24.22
N ALA A 390 49.77 -0.51 23.63
CA ALA A 390 49.33 0.00 22.34
C ALA A 390 48.46 1.24 22.46
N GLY A 391 47.92 1.53 23.65
CA GLY A 391 47.08 2.70 23.81
C GLY A 391 45.77 2.59 23.07
N GLN A 392 45.30 1.39 22.84
CA GLN A 392 44.06 1.16 22.09
C GLN A 392 43.50 -0.19 22.50
N TRP A 393 42.33 -0.51 21.93
CA TRP A 393 41.66 -1.78 22.17
C TRP A 393 41.87 -2.71 20.99
N LEU A 394 42.12 -3.98 21.27
CA LEU A 394 42.49 -4.95 20.27
C LEU A 394 41.45 -6.06 20.19
N ASP A 395 41.18 -6.53 18.96
CA ASP A 395 40.35 -7.71 18.77
C ASP A 395 40.97 -8.89 19.51
N TYR A 396 40.15 -9.72 20.11
CA TYR A 396 40.61 -10.93 20.79
C TYR A 396 40.30 -12.16 19.94
N TRP A 397 41.34 -12.93 19.60
CA TRP A 397 41.16 -14.13 18.77
C TRP A 397 41.02 -15.37 19.65
N LEU A 398 39.97 -16.14 19.42
CA LEU A 398 39.71 -17.32 20.22
C LEU A 398 40.76 -18.39 19.99
N SER A 399 41.07 -19.15 21.05
CA SER A 399 41.98 -20.28 20.92
C SER A 399 41.31 -21.48 20.27
N SER A 400 40.03 -21.68 20.55
CA SER A 400 39.28 -22.83 20.05
C SER A 400 38.05 -22.39 19.28
N SER A 401 36.97 -23.16 19.36
CA SER A 401 35.71 -22.88 18.65
C SER A 401 34.99 -21.64 19.18
N GLU A 404 32.54 -23.38 23.96
CA GLU A 404 33.51 -23.75 24.98
C GLU A 404 34.27 -22.54 25.55
N SER A 405 34.16 -22.32 26.85
CA SER A 405 34.79 -21.16 27.49
C SER A 405 36.32 -21.27 27.41
N GLU A 406 36.99 -20.12 27.41
CA GLU A 406 38.45 -20.13 27.40
C GLU A 406 39.01 -19.02 28.28
N THR A 407 40.32 -19.06 28.46
CA THR A 407 41.02 -18.15 29.35
C THR A 407 41.87 -17.20 28.53
N TRP A 408 41.78 -15.92 28.85
CA TRP A 408 42.49 -14.87 28.12
C TRP A 408 43.99 -15.12 28.10
N LYS A 409 44.56 -15.07 26.90
CA LYS A 409 46.01 -15.12 26.70
C LYS A 409 46.46 -13.85 25.99
N ALA A 410 47.59 -13.29 26.45
CA ALA A 410 48.07 -12.02 25.90
C ALA A 410 48.41 -12.13 24.43
N GLU A 411 48.97 -13.26 24.01
CA GLU A 411 49.37 -13.41 22.62
C GLU A 411 48.17 -13.57 21.68
N ASN A 412 46.94 -13.58 22.19
CA ASN A 412 45.77 -13.71 21.35
C ASN A 412 45.09 -12.39 21.03
N GLN A 413 45.54 -11.30 21.62
CA GLN A 413 45.13 -9.98 21.12
C GLN A 413 45.76 -9.75 19.75
N ASN A 414 44.97 -9.21 18.84
CA ASN A 414 45.48 -8.85 17.52
C ASN A 414 46.10 -7.46 17.60
N THR A 415 47.44 -7.40 17.67
CA THR A 415 48.17 -6.14 17.76
C THR A 415 48.16 -5.33 16.47
N ASN A 416 47.59 -5.84 15.39
CA ASN A 416 47.56 -5.03 14.18
C ASN A 416 46.63 -3.83 14.36
N VAL A 417 46.87 -2.78 13.59
CA VAL A 417 46.33 -1.46 13.88
C VAL A 417 45.17 -1.17 12.94
N PHE A 418 43.98 -0.94 13.55
CA PHE A 418 42.75 -0.71 12.81
C PHE A 418 41.99 0.48 13.38
N ALA A 419 41.25 1.16 12.49
CA ALA A 419 40.39 2.23 12.97
C ALA A 419 39.37 1.70 13.98
N SER A 420 38.93 0.45 13.79
CA SER A 420 38.01 -0.15 14.74
C SER A 420 38.63 -0.33 16.13
N ASN A 421 39.96 -0.41 16.23
CA ASN A 421 40.63 -0.46 17.53
C ASN A 421 40.32 0.75 18.39
N PHE A 422 39.90 1.85 17.78
CA PHE A 422 39.60 3.07 18.51
C PHE A 422 38.10 3.30 18.66
N ALA A 423 37.27 2.36 18.20
CA ALA A 423 35.82 2.46 18.38
C ALA A 423 35.38 2.73 19.81
N PRO A 424 35.98 2.16 20.87
CA PRO A 424 35.43 2.40 22.22
C PRO A 424 35.46 3.86 22.67
N ILE A 425 36.24 4.74 22.02
CA ILE A 425 36.22 6.17 22.37
C ILE A 425 34.82 6.75 22.18
N TRP A 426 34.00 6.11 21.35
CA TRP A 426 32.62 6.54 21.12
C TRP A 426 31.77 6.49 22.39
N ILE A 427 32.09 5.60 23.33
CA ILE A 427 31.28 5.33 24.51
C ILE A 427 31.55 6.37 25.60
N ASN A 428 30.49 6.86 26.24
CA ASN A 428 30.64 8.00 27.16
C ASN A 428 31.46 7.64 28.39
N SER A 429 31.34 6.42 28.92
CA SER A 429 32.16 6.08 30.08
C SER A 429 33.66 6.12 29.73
N ILE A 430 33.98 5.95 28.45
CA ILE A 430 35.36 6.02 27.98
C ILE A 430 35.78 7.46 27.71
N ASN A 431 35.02 8.18 26.86
CA ASN A 431 35.47 9.51 26.48
C ASN A 431 35.34 10.52 27.62
N SER A 432 34.69 10.15 28.72
CA SER A 432 34.62 10.98 29.93
C SER A 432 35.86 10.82 30.80
N ASP A 433 36.74 9.88 30.49
CA ASP A 433 37.90 9.55 31.31
C ASP A 433 39.11 10.27 30.71
N GLU A 434 39.47 11.40 31.34
CA GLU A 434 40.50 12.30 30.83
C GLU A 434 41.81 11.57 30.55
N ASN A 435 42.28 10.83 31.54
CA ASN A 435 43.61 10.25 31.42
C ASN A 435 43.62 9.08 30.46
N LEU A 436 42.49 8.40 30.30
CA LEU A 436 42.39 7.41 29.23
C LEU A 436 42.38 8.10 27.86
N VAL A 437 41.60 9.18 27.72
CA VAL A 437 41.48 9.85 26.42
C VAL A 437 42.85 10.33 25.93
N LYS A 438 43.66 10.89 26.83
CA LYS A 438 44.99 11.36 26.44
C LYS A 438 45.87 10.22 25.94
N LYS A 439 45.78 9.06 26.58
CA LYS A 439 46.55 7.91 26.11
C LYS A 439 46.10 7.52 24.71
N VAL A 440 44.78 7.57 24.46
CA VAL A 440 44.23 7.16 23.17
C VAL A 440 44.59 8.17 22.09
N VAL A 441 44.48 9.46 22.40
CA VAL A 441 44.93 10.53 21.51
C VAL A 441 46.38 10.31 21.07
N THR A 442 47.27 10.07 22.05
CA THR A 442 48.68 9.85 21.72
C THR A 442 48.85 8.63 20.82
N ALA A 443 48.15 7.54 21.15
CA ALA A 443 48.21 6.33 20.34
C ALA A 443 47.70 6.60 18.93
N LEU A 444 46.59 7.34 18.81
CA LEU A 444 46.07 7.58 17.47
C LEU A 444 47.00 8.48 16.67
N LYS A 445 47.57 9.51 17.31
CA LYS A 445 48.49 10.42 16.64
C LYS A 445 49.71 9.69 16.10
N ASN A 446 50.22 8.72 16.84
CA ASN A 446 51.43 8.01 16.44
C ASN A 446 51.14 6.73 15.68
N SER A 447 49.86 6.38 15.48
CA SER A 447 49.53 5.09 14.87
C SER A 447 49.83 5.05 13.38
N GLY A 448 49.78 6.21 12.73
CA GLY A 448 49.83 6.26 11.28
C GLY A 448 48.49 6.10 10.59
N LEU A 449 47.39 5.96 11.33
CA LEU A 449 46.06 5.90 10.74
C LEU A 449 45.55 7.27 10.29
N ILE A 450 46.06 8.35 10.88
CA ILE A 450 45.63 9.68 10.50
C ILE A 450 46.30 10.03 9.18
N ALA A 451 45.49 10.17 8.14
CA ALA A 451 45.97 10.38 6.79
C ALA A 451 45.49 11.75 6.33
N PRO A 452 45.90 12.24 5.15
CA PRO A 452 45.44 13.56 4.72
C PRO A 452 43.92 13.72 4.65
N ALA A 453 43.15 12.69 4.33
CA ALA A 453 41.71 12.88 4.21
C ALA A 453 40.90 12.28 5.36
N GLY A 454 41.52 11.66 6.33
CA GLY A 454 40.77 11.04 7.41
C GLY A 454 41.51 9.85 7.97
N ILE A 455 40.76 9.01 8.68
CA ILE A 455 41.34 7.87 9.38
C ILE A 455 41.32 6.63 8.49
N LEU A 456 42.50 6.07 8.24
CA LEU A 456 42.64 4.79 7.55
C LEU A 456 41.94 3.68 8.32
N THR A 457 41.27 2.79 7.60
CA THR A 457 40.66 1.67 8.30
C THR A 457 41.70 0.63 8.73
N SER A 458 42.86 0.58 8.07
CA SER A 458 43.95 -0.29 8.49
C SER A 458 45.26 0.26 7.90
N LEU A 459 46.36 -0.44 8.19
CA LEU A 459 47.68 -0.06 7.67
C LEU A 459 48.20 -1.00 6.60
N THR A 460 47.45 -2.04 6.24
CA THR A 460 47.92 -3.02 5.27
C THR A 460 47.17 -2.82 3.96
N ASN A 461 47.91 -2.59 2.87
CA ASN A 461 47.28 -2.52 1.56
C ASN A 461 47.12 -3.93 1.03
N SER A 462 45.91 -4.46 1.12
CA SER A 462 45.62 -5.85 0.82
C SER A 462 44.94 -6.08 -0.52
N GLY A 463 44.47 -5.03 -1.18
CA GLY A 463 43.51 -5.18 -2.26
C GLY A 463 42.05 -5.19 -1.86
N GLN A 464 41.73 -5.33 -0.57
CA GLN A 464 40.35 -5.34 -0.09
C GLN A 464 39.88 -3.94 0.28
N GLN A 465 38.55 -3.75 0.29
CA GLN A 465 38.06 -2.39 0.47
C GLN A 465 38.10 -1.91 1.92
N TRP A 466 38.06 -2.81 2.89
CA TRP A 466 38.23 -2.44 4.31
C TRP A 466 39.68 -2.60 4.75
N ASP A 467 40.55 -1.93 4.01
CA ASP A 467 41.96 -1.87 4.30
C ASP A 467 42.50 -0.56 3.73
N SER A 468 43.69 -0.21 4.16
CA SER A 468 44.44 0.87 3.54
C SER A 468 44.42 0.67 2.02
N PRO A 469 44.32 1.73 1.22
CA PRO A 469 44.39 3.15 1.60
C PRO A 469 43.04 3.81 1.93
N ASN A 470 42.04 3.00 2.26
CA ASN A 470 40.68 3.52 2.36
C ASN A 470 40.34 3.97 3.77
N GLY A 471 39.46 4.97 3.85
CA GLY A 471 38.76 5.28 5.09
C GLY A 471 37.26 5.31 4.85
N TRP A 472 36.51 5.10 5.93
CA TRP A 472 35.08 4.79 5.85
C TRP A 472 34.29 5.68 6.80
N ALA A 473 33.18 6.25 6.30
CA ALA A 473 32.39 7.21 7.06
C ALA A 473 32.05 6.73 8.48
N PRO A 474 31.48 5.54 8.71
CA PRO A 474 31.11 5.16 10.09
C PRO A 474 32.27 5.21 11.06
N GLN A 475 33.47 4.82 10.59
CA GLN A 475 34.61 4.77 11.48
C GLN A 475 35.15 6.16 11.76
N GLN A 476 35.08 7.08 10.79
CA GLN A 476 35.36 8.48 11.06
C GLN A 476 34.43 9.01 12.14
N GLU A 477 33.13 8.78 11.98
CA GLU A 477 32.14 9.39 12.84
C GLU A 477 32.29 8.91 14.28
N MET A 478 32.57 7.62 14.47
CA MET A 478 32.65 7.13 15.84
C MET A 478 33.84 7.73 16.58
N ILE A 479 34.98 7.87 15.90
CA ILE A 479 36.16 8.43 16.53
C ILE A 479 36.00 9.92 16.75
N VAL A 480 35.47 10.63 15.74
CA VAL A 480 35.31 12.08 15.86
C VAL A 480 34.31 12.43 16.95
N THR A 481 33.15 11.77 16.97
CA THR A 481 32.16 11.99 18.02
C THR A 481 32.74 11.68 19.39
N GLY A 482 33.44 10.55 19.52
CA GLY A 482 34.02 10.17 20.80
C GLY A 482 35.05 11.16 21.33
N LEU A 483 36.09 11.42 20.53
CA LEU A 483 37.08 12.41 20.89
C LEU A 483 36.45 13.76 21.17
N GLY A 484 35.52 14.17 20.29
CA GLY A 484 34.83 15.45 20.45
C GLY A 484 33.98 15.55 21.70
N ARG A 485 33.55 14.43 22.27
CA ARG A 485 32.78 14.46 23.51
C ARG A 485 33.65 14.62 24.75
N SER A 486 34.94 14.34 24.67
CA SER A 486 35.80 14.47 25.84
C SER A 486 35.97 15.94 26.22
N SER A 487 36.58 16.16 27.40
CA SER A 487 36.95 17.51 27.84
C SER A 487 38.39 17.88 27.48
N VAL A 488 39.17 16.92 26.95
CA VAL A 488 40.58 17.11 26.63
C VAL A 488 40.69 17.98 25.38
N LYS A 489 41.31 19.15 25.53
CA LYS A 489 41.42 20.08 24.41
C LYS A 489 42.06 19.44 23.18
N GLU A 490 43.11 18.65 23.39
CA GLU A 490 43.82 18.06 22.26
C GLU A 490 42.97 17.04 21.51
N ALA A 491 42.09 16.33 22.23
CA ALA A 491 41.15 15.41 21.58
C ALA A 491 40.14 16.17 20.74
N LYS A 492 39.59 17.25 21.30
CA LYS A 492 38.58 18.02 20.59
C LYS A 492 39.15 18.64 19.33
N GLU A 493 40.39 19.14 19.40
CA GLU A 493 41.00 19.75 18.22
C GLU A 493 41.32 18.71 17.16
N MET A 494 41.78 17.53 17.59
CA MET A 494 42.03 16.45 16.64
C MET A 494 40.74 15.98 15.97
N ALA A 495 39.66 15.88 16.75
CA ALA A 495 38.37 15.46 16.20
C ALA A 495 37.89 16.44 15.13
N GLU A 496 37.98 17.74 15.41
CA GLU A 496 37.57 18.74 14.44
C GLU A 496 38.46 18.71 13.20
N ASP A 497 39.76 18.49 13.39
CA ASP A 497 40.65 18.47 12.23
C ASP A 497 40.31 17.30 11.32
N ILE A 498 40.11 16.11 11.88
CA ILE A 498 39.72 14.94 11.08
C ILE A 498 38.39 15.20 10.38
N ALA A 499 37.41 15.73 11.13
CA ALA A 499 36.12 16.03 10.50
C ALA A 499 36.28 16.96 9.31
N ARG A 500 37.12 18.00 9.44
CA ARG A 500 37.23 18.95 8.34
C ARG A 500 38.04 18.37 7.17
N ARG A 501 39.06 17.56 7.44
CA ARG A 501 39.75 16.89 6.34
C ARG A 501 38.81 15.97 5.60
N TRP A 502 37.99 15.22 6.35
CA TRP A 502 37.02 14.30 5.76
C TRP A 502 36.01 15.05 4.89
N ILE A 503 35.45 16.13 5.42
CA ILE A 503 34.50 16.94 4.65
C ILE A 503 35.16 17.46 3.37
N LYS A 504 36.37 18.01 3.50
CA LYS A 504 37.04 18.63 2.36
C LYS A 504 37.29 17.62 1.24
N SER A 505 37.82 16.44 1.58
CA SER A 505 38.08 15.43 0.56
C SER A 505 36.80 15.04 -0.16
N ASN A 506 35.71 14.86 0.61
CA ASN A 506 34.43 14.54 -0.01
C ASN A 506 33.97 15.66 -0.93
N TYR A 507 34.16 16.93 -0.51
CA TYR A 507 33.86 18.06 -1.36
C TYR A 507 34.68 18.02 -2.65
N LEU A 508 35.96 17.65 -2.55
CA LEU A 508 36.82 17.64 -3.73
C LEU A 508 36.46 16.48 -4.66
N VAL A 509 36.11 15.31 -4.10
CA VAL A 509 35.68 14.20 -4.96
C VAL A 509 34.43 14.60 -5.74
N TYR A 510 33.52 15.30 -5.07
CA TYR A 510 32.24 15.65 -5.68
C TYR A 510 32.42 16.64 -6.82
N LYS A 511 33.38 17.54 -6.71
CA LYS A 511 33.64 18.49 -7.79
C LYS A 511 34.10 17.78 -9.06
N LYS A 512 34.80 16.65 -8.94
CA LYS A 512 35.27 15.91 -10.11
C LYS A 512 34.25 14.93 -10.63
N SER A 513 33.42 14.34 -9.76
CA SER A 513 32.53 13.26 -10.14
C SER A 513 31.04 13.59 -10.04
N GLY A 514 30.67 14.65 -9.33
CA GLY A 514 29.27 14.90 -9.08
C GLY A 514 28.59 13.87 -8.21
N THR A 515 29.35 13.00 -7.54
CA THR A 515 28.79 11.93 -6.73
C THR A 515 29.44 11.93 -5.34
N ILE A 516 28.82 11.21 -4.41
CA ILE A 516 29.41 10.91 -3.11
C ILE A 516 29.75 9.43 -3.08
N HIS A 517 30.91 9.10 -2.55
CA HIS A 517 31.41 7.73 -2.68
C HIS A 517 31.29 6.91 -1.40
N GLU A 518 31.21 5.59 -1.62
CA GLU A 518 31.09 4.60 -0.56
C GLU A 518 32.25 4.69 0.43
N LYS A 519 33.47 4.79 -0.09
CA LYS A 519 34.67 4.92 0.72
C LYS A 519 35.66 5.84 0.01
N LEU A 520 36.52 6.47 0.80
CA LEU A 520 37.54 7.39 0.31
C LEU A 520 38.92 6.74 0.36
N LYS A 521 39.79 7.14 -0.57
CA LYS A 521 41.20 6.77 -0.46
C LYS A 521 41.85 7.88 0.36
N VAL A 522 41.83 7.72 1.69
CA VAL A 522 42.22 8.84 2.54
C VAL A 522 43.71 9.15 2.52
N THR A 523 44.53 8.34 1.83
CA THR A 523 45.94 8.73 1.70
C THR A 523 46.12 9.96 0.83
N GLU A 524 45.11 10.33 0.04
CA GLU A 524 45.22 11.47 -0.88
C GLU A 524 43.91 12.24 -0.84
N LEU A 525 43.99 13.54 -0.55
CA LEU A 525 42.81 14.39 -0.61
C LEU A 525 42.17 14.36 -1.98
N GLY A 526 40.84 14.27 -2.01
CA GLY A 526 40.10 14.34 -3.24
C GLY A 526 40.02 13.06 -4.04
N GLU A 527 40.33 11.91 -3.45
CA GLU A 527 40.29 10.63 -4.16
C GLU A 527 39.32 9.68 -3.48
N TYR A 528 38.50 9.01 -4.26
CA TYR A 528 37.64 7.98 -3.70
C TYR A 528 38.38 6.64 -3.68
N GLY A 529 37.86 5.70 -2.91
CA GLY A 529 38.51 4.42 -2.72
C GLY A 529 37.88 3.32 -3.56
N GLY A 530 38.62 2.21 -3.67
CA GLY A 530 38.20 1.04 -4.40
C GLY A 530 38.58 -0.23 -3.66
N GLY A 531 38.82 -1.29 -4.42
CA GLY A 531 39.19 -2.58 -3.87
C GLY A 531 37.98 -3.50 -3.73
N GLY A 532 38.28 -4.78 -3.52
CA GLY A 532 37.24 -5.76 -3.31
C GLY A 532 36.67 -6.28 -4.62
N GLU A 533 35.62 -7.07 -4.49
CA GLU A 533 35.08 -7.77 -5.66
C GLU A 533 34.17 -6.90 -6.51
N TYR A 534 33.81 -5.69 -6.07
CA TYR A 534 32.92 -4.85 -6.87
C TYR A 534 33.51 -3.47 -7.05
N MET A 535 33.04 -2.78 -8.11
CA MET A 535 33.53 -1.45 -8.44
C MET A 535 33.10 -0.44 -7.37
N PRO A 536 33.81 0.69 -7.27
CA PRO A 536 33.40 1.74 -6.32
C PRO A 536 31.96 2.17 -6.57
N GLN A 537 31.18 2.27 -5.49
CA GLN A 537 29.77 2.59 -5.55
C GLN A 537 29.51 4.02 -5.08
N THR A 538 28.47 4.65 -5.62
CA THR A 538 28.10 6.01 -5.26
C THR A 538 26.69 6.06 -4.68
N GLY A 539 26.42 7.17 -3.98
CA GLY A 539 25.14 7.45 -3.37
C GLY A 539 25.24 8.62 -2.40
N PHE A 540 25.81 8.39 -1.22
CA PHE A 540 25.95 7.04 -0.67
C PHE A 540 25.56 7.14 0.79
N GLY A 541 24.53 6.39 1.17
CA GLY A 541 23.89 6.51 2.48
C GLY A 541 24.72 7.06 3.63
N TRP A 542 25.60 6.24 4.20
CA TRP A 542 26.28 6.71 5.41
C TRP A 542 27.31 7.78 5.11
N SER A 543 27.75 7.89 3.85
CA SER A 543 28.70 8.93 3.49
C SER A 543 28.02 10.30 3.51
N ASN A 544 26.84 10.38 2.89
CA ASN A 544 26.06 11.60 2.96
C ASN A 544 25.75 11.96 4.41
N GLY A 545 25.34 10.95 5.20
CA GLY A 545 24.93 11.21 6.57
C GLY A 545 26.05 11.78 7.42
N VAL A 546 27.27 11.25 7.28
CA VAL A 546 28.37 11.72 8.10
C VAL A 546 28.82 13.12 7.67
N ILE A 547 28.77 13.43 6.37
CA ILE A 547 29.04 14.80 5.92
C ILE A 547 28.08 15.78 6.59
N LEU A 548 26.80 15.46 6.55
CA LEU A 548 25.80 16.36 7.11
C LEU A 548 25.92 16.44 8.63
N ALA A 549 26.13 15.30 9.30
CA ALA A 549 26.29 15.30 10.75
C ALA A 549 27.52 16.07 11.17
N PHE A 550 28.61 15.95 10.42
CA PHE A 550 29.84 16.66 10.77
C PHE A 550 29.66 18.17 10.64
N LEU A 551 28.99 18.60 9.56
CA LEU A 551 28.77 20.03 9.38
C LEU A 551 27.83 20.59 10.44
N GLU A 552 26.81 19.81 10.83
CA GLU A 552 25.94 20.27 11.89
C GLU A 552 26.71 20.45 13.18
N GLU A 553 27.60 19.52 13.50
CA GLU A 553 28.36 19.61 14.74
C GLU A 553 29.37 20.74 14.71
N TYR A 554 30.10 20.89 13.60
CA TYR A 554 31.29 21.73 13.55
C TYR A 554 31.11 23.00 12.74
N GLY A 555 30.05 23.14 11.97
CA GLY A 555 29.93 24.28 11.06
C GLY A 555 31.13 24.38 10.13
N TRP A 556 31.22 25.53 9.49
CA TRP A 556 32.38 25.85 8.66
C TRP A 556 32.54 27.37 8.67
N PRO A 557 33.51 27.91 9.42
CA PRO A 557 33.64 29.36 9.54
C PRO A 557 33.93 30.01 8.20
N SER A 558 33.37 31.21 8.00
CA SER A 558 33.49 31.90 6.72
C SER A 558 34.94 32.17 6.31
N HIS A 559 35.87 32.24 7.28
CA HIS A 559 37.25 32.53 6.92
C HIS A 559 37.98 31.30 6.41
N LEU A 560 37.77 30.14 7.05
CA LEU A 560 38.39 28.90 6.61
C LEU A 560 37.77 28.45 5.29
N SER A 561 38.56 27.77 4.46
CA SER A 561 38.12 27.58 3.09
C SER A 561 38.72 26.32 2.48
N ILE A 562 38.76 26.32 1.14
CA ILE A 562 39.20 25.25 0.23
C ILE A 562 40.71 24.97 0.32
N SER B 9 43.73 43.42 -36.04
CA SER B 9 43.60 44.37 -37.14
C SER B 9 42.17 44.90 -37.29
N GLY B 10 41.24 44.33 -36.54
CA GLY B 10 39.86 44.80 -36.56
C GLY B 10 39.52 45.55 -35.29
N PRO B 11 38.25 45.88 -35.11
CA PRO B 11 37.84 46.64 -33.94
C PRO B 11 37.96 45.82 -32.66
N VAL B 12 37.96 46.53 -31.54
CA VAL B 12 38.02 45.93 -30.23
C VAL B 12 36.91 46.58 -29.41
N VAL B 13 35.90 45.80 -29.05
CA VAL B 13 34.76 46.29 -28.30
C VAL B 13 35.14 46.28 -26.83
N ALA B 14 35.24 47.45 -26.22
CA ALA B 14 35.71 47.55 -24.84
C ALA B 14 34.70 46.96 -23.85
N THR B 15 35.21 46.39 -22.77
CA THR B 15 34.38 45.83 -21.71
C THR B 15 34.13 46.90 -20.63
N THR B 16 33.38 46.54 -19.58
CA THR B 16 33.02 47.52 -18.57
C THR B 16 34.12 47.69 -17.52
N LYS B 17 34.07 48.83 -16.84
CA LYS B 17 35.03 49.04 -15.76
C LYS B 17 34.94 47.92 -14.72
N LEU B 18 33.73 47.43 -14.45
CA LEU B 18 33.58 46.38 -13.45
C LEU B 18 34.33 45.12 -13.87
N VAL B 19 34.16 44.70 -15.14
CA VAL B 19 34.87 43.51 -15.61
C VAL B 19 36.38 43.69 -15.46
N THR B 20 36.89 44.83 -15.91
CA THR B 20 38.31 45.10 -15.80
C THR B 20 38.79 44.97 -14.34
N PHE B 21 37.98 45.47 -13.40
CA PHE B 21 38.38 45.39 -11.99
C PHE B 21 38.33 43.96 -11.48
N LEU B 22 37.26 43.22 -11.82
CA LEU B 22 37.16 41.83 -11.36
C LEU B 22 38.33 40.99 -11.87
N GLN B 23 38.86 41.31 -13.05
CA GLN B 23 40.08 40.63 -13.52
C GLN B 23 41.25 40.87 -12.58
N ARG B 24 41.38 42.09 -12.05
CA ARG B 24 42.38 42.33 -11.01
C ARG B 24 42.18 41.38 -9.84
N VAL B 25 40.95 41.31 -9.33
CA VAL B 25 40.61 40.37 -8.26
C VAL B 25 40.98 38.96 -8.65
N GLN B 26 40.65 38.58 -9.90
CA GLN B 26 40.91 37.24 -10.36
C GLN B 26 42.40 36.94 -10.38
N HIS B 27 43.21 37.89 -10.88
CA HIS B 27 44.66 37.70 -10.85
C HIS B 27 45.19 37.54 -9.43
N THR B 28 44.74 38.41 -8.51
CA THR B 28 45.21 38.28 -7.14
C THR B 28 44.83 36.93 -6.56
N ALA B 29 43.62 36.46 -6.86
CA ALA B 29 43.13 35.22 -6.27
C ALA B 29 43.95 34.03 -6.73
N LEU B 30 44.22 33.93 -8.03
CA LEU B 30 44.97 32.76 -8.51
C LEU B 30 46.45 32.82 -8.12
N ARG B 31 46.95 33.98 -7.72
CA ARG B 31 48.29 34.06 -7.15
C ARG B 31 48.32 33.55 -5.70
N SER B 32 47.23 33.75 -4.96
CA SER B 32 47.21 33.37 -3.55
C SER B 32 46.97 31.87 -3.36
N TYR B 33 46.14 31.25 -4.21
CA TYR B 33 45.92 29.84 -3.98
C TYR B 33 47.05 29.02 -4.60
N PRO B 34 47.32 27.82 -4.07
CA PRO B 34 48.29 26.93 -4.70
C PRO B 34 47.89 26.63 -6.14
N LYS B 35 48.89 26.38 -6.98
CA LYS B 35 48.67 25.98 -8.37
C LYS B 35 47.66 24.83 -8.48
N THR B 38 42.97 25.95 -7.06
CA THR B 38 42.29 27.25 -7.13
C THR B 38 40.81 27.15 -7.51
N PRO B 39 40.02 28.15 -7.12
CA PRO B 39 38.63 28.22 -7.60
C PRO B 39 38.55 28.49 -9.10
N ASP B 40 37.38 28.23 -9.67
CA ASP B 40 37.11 28.56 -11.06
C ASP B 40 37.34 30.05 -11.30
N PRO B 41 38.26 30.43 -12.19
CA PRO B 41 38.50 31.87 -12.43
C PRO B 41 37.28 32.63 -12.92
N LYS B 42 36.41 31.98 -13.70
CA LYS B 42 35.17 32.62 -14.14
C LYS B 42 34.36 33.15 -12.97
N SER B 43 34.37 32.45 -11.83
CA SER B 43 33.50 32.84 -10.73
C SER B 43 33.84 34.26 -10.23
N TYR B 44 35.10 34.69 -10.36
CA TYR B 44 35.45 36.04 -9.95
C TYR B 44 34.83 37.09 -10.88
N ILE B 45 34.70 36.77 -12.17
CA ILE B 45 34.14 37.76 -13.09
C ILE B 45 32.63 37.78 -13.04
N ASP B 46 32.01 36.81 -12.35
CA ASP B 46 30.56 36.75 -12.18
C ASP B 46 30.10 37.35 -10.86
N LEU B 47 31.00 37.94 -10.08
CA LEU B 47 30.58 38.62 -8.86
C LEU B 47 29.78 39.87 -9.21
N SER B 48 29.05 40.39 -8.22
CA SER B 48 28.41 41.68 -8.33
C SER B 48 28.73 42.48 -7.08
N LEU B 49 28.54 43.79 -7.17
CA LEU B 49 28.96 44.68 -6.09
C LEU B 49 27.93 44.68 -4.98
N LYS B 50 28.36 44.40 -3.76
CA LYS B 50 27.39 44.32 -2.66
C LYS B 50 26.94 45.71 -2.28
N ARG B 51 25.62 45.90 -2.17
CA ARG B 51 25.14 47.19 -1.73
C ARG B 51 25.60 47.42 -0.29
N PRO B 52 25.88 48.67 0.09
CA PRO B 52 25.78 49.93 -0.66
C PRO B 52 27.08 50.42 -1.30
N TYR B 53 28.12 49.57 -1.35
CA TYR B 53 29.43 50.02 -1.78
C TYR B 53 29.48 50.29 -3.28
N SER B 54 30.21 51.35 -3.65
CA SER B 54 30.45 51.66 -5.05
C SER B 54 31.71 50.96 -5.54
N LEU B 55 31.87 50.90 -6.87
CA LEU B 55 33.09 50.32 -7.44
C LEU B 55 34.33 51.09 -6.97
N SER B 56 34.26 52.41 -7.00
CA SER B 56 35.42 53.20 -6.56
C SER B 56 35.79 52.87 -5.12
N THR B 57 34.80 52.80 -4.23
CA THR B 57 35.09 52.43 -2.85
C THR B 57 35.78 51.08 -2.79
N ILE B 58 35.25 50.11 -3.54
CA ILE B 58 35.74 48.73 -3.45
C ILE B 58 37.11 48.60 -4.08
N GLU B 59 37.34 49.27 -5.21
CA GLU B 59 38.67 49.24 -5.81
C GLU B 59 39.69 49.93 -4.91
N SER B 60 39.28 51.03 -4.27
CA SER B 60 40.16 51.73 -3.34
C SER B 60 40.59 50.82 -2.20
N ALA B 61 39.66 50.08 -1.62
CA ALA B 61 39.97 49.13 -0.56
C ALA B 61 40.84 47.98 -1.06
N PHE B 62 40.59 47.51 -2.29
CA PHE B 62 41.45 46.49 -2.90
C PHE B 62 42.88 47.01 -3.10
N ASP B 63 43.02 48.24 -3.59
CA ASP B 63 44.34 48.86 -3.70
C ASP B 63 45.05 48.90 -2.35
N ASP B 64 44.34 49.29 -1.29
CA ASP B 64 44.99 49.37 0.03
C ASP B 64 45.40 47.98 0.51
N LEU B 65 44.53 46.99 0.34
CA LEU B 65 44.84 45.65 0.82
C LEU B 65 45.91 44.97 -0.01
N THR B 66 46.13 45.39 -1.25
CA THR B 66 47.19 44.84 -2.07
C THR B 66 48.42 45.73 -2.13
N SER B 67 48.41 46.89 -1.46
CA SER B 67 49.60 47.73 -1.45
C SER B 67 50.73 47.10 -0.66
N GLU B 68 50.39 46.26 0.32
CA GLU B 68 51.35 45.32 0.87
C GLU B 68 51.21 44.00 0.11
N SER B 69 52.14 43.08 0.38
CA SER B 69 52.24 41.84 -0.40
C SER B 69 52.56 42.14 -1.86
N HIS B 70 53.69 42.80 -2.10
CA HIS B 70 54.21 43.01 -3.45
C HIS B 70 55.25 41.95 -3.78
N PRO B 73 52.36 37.38 -1.82
CA PRO B 73 50.96 37.20 -2.20
C PRO B 73 49.98 37.49 -1.08
N VAL B 74 48.79 37.95 -1.46
CA VAL B 74 47.77 38.20 -0.45
C VAL B 74 47.40 36.89 0.24
N PRO B 75 47.43 36.82 1.57
CA PRO B 75 46.99 35.59 2.25
C PRO B 75 45.58 35.21 1.82
N VAL B 76 45.34 33.89 1.71
CA VAL B 76 44.03 33.40 1.29
C VAL B 76 42.93 33.92 2.21
N GLU B 77 43.16 33.88 3.53
CA GLU B 77 42.14 34.35 4.47
C GLU B 77 41.84 35.84 4.26
N THR B 78 42.87 36.62 3.95
CA THR B 78 42.65 38.04 3.68
C THR B 78 41.89 38.23 2.39
N LEU B 79 42.23 37.45 1.36
CA LEU B 79 41.51 37.54 0.10
C LEU B 79 40.06 37.12 0.27
N GLU B 80 39.83 36.00 0.96
CA GLU B 80 38.47 35.47 1.08
C GLU B 80 37.59 36.43 1.85
N LYS B 81 38.15 37.09 2.86
CA LYS B 81 37.39 38.07 3.62
C LYS B 81 37.02 39.25 2.75
N PHE B 82 37.96 39.71 1.91
CA PHE B 82 37.68 40.83 1.01
C PHE B 82 36.53 40.49 0.06
N VAL B 83 36.57 39.31 -0.54
CA VAL B 83 35.52 38.94 -1.49
C VAL B 83 34.17 38.86 -0.79
N LYS B 84 34.13 38.21 0.38
CA LYS B 84 32.88 38.05 1.10
C LYS B 84 32.31 39.40 1.53
N GLU B 85 33.18 40.37 1.80
CA GLU B 85 32.76 41.63 2.37
C GLU B 85 32.14 42.56 1.33
N TYR B 86 32.71 42.65 0.13
CA TYR B 86 32.30 43.68 -0.79
C TYR B 86 31.52 43.15 -1.99
N PHE B 87 31.28 41.85 -2.07
CA PHE B 87 30.68 41.28 -3.27
C PHE B 87 29.56 40.32 -2.90
N ASP B 88 28.56 40.25 -3.78
CA ASP B 88 27.62 39.15 -3.79
C ASP B 88 28.14 38.06 -4.73
N GLY B 89 28.04 36.81 -4.26
CA GLY B 89 28.72 35.71 -4.93
C GLY B 89 28.21 35.46 -6.33
N ALA B 90 29.04 34.76 -7.10
CA ALA B 90 28.70 34.39 -8.46
C ALA B 90 27.36 33.67 -8.53
N GLY B 91 26.48 34.14 -9.42
CA GLY B 91 25.17 33.55 -9.59
C GLY B 91 24.13 33.98 -8.58
N GLU B 92 24.51 34.78 -7.57
CA GLU B 92 23.52 35.22 -6.61
C GLU B 92 22.54 36.21 -7.23
N ASP B 93 22.93 36.86 -8.31
CA ASP B 93 22.01 37.75 -9.03
C ASP B 93 21.27 37.05 -10.15
N LEU B 94 21.35 35.73 -10.24
CA LEU B 94 20.56 34.95 -11.20
C LEU B 94 19.69 33.99 -10.40
N LEU B 95 18.40 34.28 -10.32
CA LEU B 95 17.51 33.63 -9.38
C LEU B 95 16.78 32.48 -10.05
N HIS B 96 16.54 31.42 -9.28
CA HIS B 96 15.71 30.33 -9.76
C HIS B 96 14.33 30.84 -10.14
N HIS B 97 13.78 30.31 -11.23
CA HIS B 97 12.48 30.74 -11.70
C HIS B 97 11.65 29.52 -12.07
N GLU B 98 10.39 29.47 -11.61
CA GLU B 98 9.48 28.40 -12.02
C GLU B 98 8.91 28.73 -13.39
N PRO B 99 9.16 27.90 -14.41
CA PRO B 99 8.60 28.20 -15.73
C PRO B 99 7.08 28.15 -15.67
N VAL B 100 6.43 29.16 -16.27
CA VAL B 100 4.98 29.22 -16.18
C VAL B 100 4.33 28.04 -16.92
N ASP B 101 5.04 27.46 -17.90
CA ASP B 101 4.48 26.45 -18.77
C ASP B 101 5.00 25.05 -18.49
N PHE B 102 5.68 24.83 -17.36
CA PHE B 102 6.15 23.50 -17.01
C PHE B 102 5.02 22.70 -16.37
N VAL B 103 4.82 21.48 -16.82
CA VAL B 103 3.96 20.54 -16.10
C VAL B 103 4.71 19.22 -15.97
N SER B 104 4.48 18.55 -14.83
CA SER B 104 5.31 17.42 -14.42
C SER B 104 5.36 16.33 -15.49
N ASP B 105 4.19 15.91 -15.98
CA ASP B 105 4.08 14.87 -16.99
C ASP B 105 3.08 15.40 -18.01
N PRO B 106 3.54 16.17 -18.97
CA PRO B 106 2.61 16.84 -19.90
C PRO B 106 1.78 15.85 -20.69
N SER B 107 0.53 16.22 -20.95
CA SER B 107 -0.37 15.38 -21.72
C SER B 107 0.20 15.11 -23.11
N GLY B 108 0.38 13.83 -23.44
CA GLY B 108 0.91 13.46 -24.74
C GLY B 108 2.41 13.57 -24.88
N PHE B 109 3.12 13.85 -23.78
CA PHE B 109 4.58 13.97 -23.79
C PHE B 109 5.21 12.62 -24.11
N LEU B 110 5.94 12.56 -25.22
CA LEU B 110 6.67 11.35 -25.60
C LEU B 110 5.75 10.13 -25.59
N SER B 111 4.53 10.31 -26.09
CA SER B 111 3.59 9.20 -26.10
C SER B 111 4.05 8.09 -27.03
N ASN B 112 4.92 8.40 -27.98
CA ASN B 112 5.53 7.42 -28.86
C ASN B 112 6.64 6.61 -28.19
N VAL B 113 7.05 6.98 -26.98
CA VAL B 113 8.04 6.21 -26.23
C VAL B 113 7.26 5.22 -25.38
N GLU B 114 7.27 3.95 -25.80
CA GLU B 114 6.48 2.92 -25.16
C GLU B 114 7.24 2.16 -24.09
N ASN B 115 8.56 2.11 -24.16
CA ASN B 115 9.35 1.57 -23.06
C ASN B 115 9.18 2.47 -21.85
N GLU B 116 8.66 1.90 -20.75
CA GLU B 116 8.30 2.72 -19.60
C GLU B 116 9.51 3.16 -18.79
N GLU B 117 10.54 2.32 -18.70
CA GLU B 117 11.78 2.75 -18.06
C GLU B 117 12.38 3.95 -18.77
N VAL B 118 12.35 3.94 -20.10
CA VAL B 118 12.90 5.06 -20.87
C VAL B 118 12.02 6.29 -20.72
N ARG B 119 10.70 6.12 -20.74
CA ARG B 119 9.80 7.27 -20.64
C ARG B 119 9.92 7.94 -19.28
N GLU B 120 10.11 7.15 -18.22
CA GLU B 120 10.21 7.77 -16.90
C GLU B 120 11.55 8.50 -16.76
N TRP B 121 12.63 7.92 -17.28
CA TRP B 121 13.89 8.63 -17.36
C TRP B 121 13.73 9.95 -18.10
N ALA B 122 13.06 9.93 -19.26
CA ALA B 122 12.90 11.16 -20.02
C ALA B 122 12.09 12.20 -19.25
N ARG B 123 11.08 11.75 -18.49
CA ARG B 123 10.33 12.67 -17.65
C ARG B 123 11.23 13.30 -16.59
N GLU B 124 12.19 12.55 -16.07
CA GLU B 124 13.18 13.15 -15.17
C GLU B 124 14.01 14.20 -15.89
N VAL B 125 14.49 13.87 -17.10
CA VAL B 125 15.26 14.83 -17.91
C VAL B 125 14.44 16.09 -18.15
N HIS B 126 13.19 15.90 -18.55
CA HIS B 126 12.22 17.01 -18.67
C HIS B 126 12.17 17.84 -17.39
N GLY B 127 12.20 17.19 -16.23
CA GLY B 127 12.11 17.91 -14.97
C GLY B 127 13.27 18.84 -14.73
N LEU B 128 14.41 18.58 -15.38
CA LEU B 128 15.58 19.42 -15.19
C LEU B 128 15.43 20.79 -15.82
N TRP B 129 14.40 21.01 -16.66
CA TRP B 129 14.13 22.38 -17.13
C TRP B 129 13.93 23.33 -15.94
N ARG B 130 13.31 22.84 -14.86
CA ARG B 130 13.18 23.67 -13.66
C ARG B 130 14.53 24.04 -13.09
N ASN B 131 15.47 23.09 -13.03
CA ASN B 131 16.81 23.39 -12.51
C ASN B 131 17.49 24.46 -13.35
N LEU B 132 17.31 24.41 -14.67
CA LEU B 132 17.99 25.32 -15.57
C LEU B 132 17.22 26.62 -15.77
N SER B 133 16.02 26.73 -15.22
CA SER B 133 15.20 27.92 -15.39
C SER B 133 15.58 29.01 -14.38
N CYS B 134 15.86 30.20 -14.87
CA CYS B 134 16.36 31.30 -14.05
C CYS B 134 15.77 32.62 -14.51
N ARG B 135 15.89 33.65 -13.66
CA ARG B 135 15.50 35.00 -14.02
C ARG B 135 16.50 35.99 -13.41
N VAL B 136 16.86 36.99 -14.20
CA VAL B 136 17.80 38.01 -13.73
C VAL B 136 17.19 38.75 -12.55
N SER B 137 17.99 39.01 -11.52
CA SER B 137 17.42 39.67 -10.34
C SER B 137 17.05 41.12 -10.65
N ASP B 138 16.20 41.69 -9.81
CA ASP B 138 15.76 43.07 -10.05
C ASP B 138 16.92 44.06 -9.95
N SER B 139 17.92 43.75 -9.15
CA SER B 139 19.08 44.64 -9.05
C SER B 139 19.80 44.75 -10.38
N VAL B 140 19.85 43.64 -11.13
CA VAL B 140 20.53 43.69 -12.42
C VAL B 140 19.81 44.65 -13.34
N ARG B 141 18.48 44.68 -13.29
CA ARG B 141 17.72 45.66 -14.06
C ARG B 141 17.92 47.05 -13.52
N GLU B 142 17.85 47.21 -12.19
CA GLU B 142 17.87 48.53 -11.57
C GLU B 142 19.21 49.24 -11.77
N SER B 143 20.31 48.54 -11.48
CA SER B 143 21.65 49.12 -11.62
C SER B 143 22.56 48.04 -12.22
N ALA B 144 22.46 47.86 -13.54
CA ALA B 144 23.24 46.84 -14.23
C ALA B 144 24.74 47.09 -14.14
N ASP B 145 25.14 48.35 -13.95
CA ASP B 145 26.55 48.68 -13.78
C ASP B 145 27.16 47.95 -12.58
N ARG B 146 26.35 47.44 -11.66
CA ARG B 146 26.85 46.73 -10.49
C ARG B 146 27.07 45.24 -10.74
N HIS B 147 26.73 44.76 -11.93
CA HIS B 147 26.73 43.35 -12.28
C HIS B 147 27.43 43.17 -13.61
N THR B 148 28.03 41.99 -13.78
CA THR B 148 28.40 41.57 -15.13
C THR B 148 27.30 40.75 -15.78
N LEU B 149 26.38 40.19 -14.99
CA LEU B 149 25.12 39.69 -15.53
C LEU B 149 24.40 40.82 -16.27
N LEU B 150 23.96 40.54 -17.48
CA LEU B 150 23.26 41.56 -18.25
C LEU B 150 21.76 41.49 -17.98
N PRO B 151 21.07 42.64 -18.01
CA PRO B 151 19.62 42.60 -17.84
C PRO B 151 18.96 42.01 -19.08
N LEU B 152 17.91 41.24 -18.86
CA LEU B 152 17.14 40.59 -19.92
C LEU B 152 15.66 40.72 -19.61
N PRO B 153 14.81 40.84 -20.63
CA PRO B 153 13.38 41.07 -20.37
C PRO B 153 12.61 39.83 -19.95
N GLU B 154 13.09 38.63 -20.19
CA GLU B 154 12.32 37.44 -19.89
C GLU B 154 13.16 36.45 -19.11
N PRO B 155 12.53 35.53 -18.37
CA PRO B 155 13.27 34.41 -17.79
C PRO B 155 13.98 33.63 -18.88
N VAL B 156 14.97 32.85 -18.46
CA VAL B 156 15.92 32.21 -19.36
C VAL B 156 16.01 30.73 -19.01
N ILE B 157 16.63 29.98 -19.91
CA ILE B 157 17.18 28.67 -19.63
C ILE B 157 18.68 28.76 -19.83
N ILE B 158 19.46 28.32 -18.85
CA ILE B 158 20.92 28.41 -18.93
C ILE B 158 21.48 27.03 -19.23
N PRO B 159 22.70 26.94 -19.76
CA PRO B 159 23.31 25.62 -19.96
C PRO B 159 23.47 24.84 -18.68
N GLY B 160 23.92 25.49 -17.61
CA GLY B 160 24.00 24.85 -16.32
C GLY B 160 25.35 25.03 -15.64
N SER B 161 25.38 24.77 -14.33
CA SER B 161 26.60 24.83 -13.53
C SER B 161 27.34 26.15 -13.73
N ARG B 162 28.58 26.09 -14.22
CA ARG B 162 29.38 27.31 -14.30
C ARG B 162 28.90 28.27 -15.37
N PHE B 163 28.06 27.80 -16.30
CA PHE B 163 27.50 28.68 -17.34
C PHE B 163 26.21 29.28 -16.77
N ARG B 164 26.40 30.27 -15.90
CA ARG B 164 25.33 30.93 -15.14
C ARG B 164 24.82 32.18 -15.86
N GLU B 165 24.53 32.00 -17.15
CA GLU B 165 23.97 33.02 -18.02
C GLU B 165 23.48 32.27 -19.24
N VAL B 166 22.61 32.90 -20.02
CA VAL B 166 22.13 32.28 -21.25
C VAL B 166 23.22 32.41 -22.32
N TYR B 167 23.34 31.39 -23.15
CA TYR B 167 24.26 31.40 -24.29
C TYR B 167 23.47 31.38 -25.58
N TYR B 168 24.14 31.80 -26.65
CA TYR B 168 23.43 31.98 -27.91
C TYR B 168 23.09 30.63 -28.54
N TRP B 169 24.06 29.90 -29.14
CA TRP B 169 23.63 28.78 -29.98
C TRP B 169 23.09 27.60 -29.19
N ASP B 170 23.52 27.44 -27.93
CA ASP B 170 22.90 26.45 -27.04
C ASP B 170 21.39 26.55 -27.04
N SER B 171 20.87 27.76 -27.18
CA SER B 171 19.44 28.01 -27.03
C SER B 171 18.63 27.36 -28.13
N TYR B 172 19.27 27.03 -29.26
CA TYR B 172 18.50 26.37 -30.30
C TYR B 172 18.16 24.94 -29.91
N TRP B 173 19.15 24.16 -29.48
CA TRP B 173 18.86 22.80 -29.08
C TRP B 173 18.06 22.77 -27.78
N VAL B 174 18.23 23.77 -26.92
CA VAL B 174 17.34 23.90 -25.77
C VAL B 174 15.90 24.03 -26.23
N ILE B 175 15.66 24.89 -27.23
CA ILE B 175 14.31 25.13 -27.69
C ILE B 175 13.72 23.89 -28.35
N LYS B 176 14.53 23.12 -29.10
CA LYS B 176 14.01 21.86 -29.65
C LYS B 176 13.50 20.95 -28.54
N GLY B 177 14.20 20.93 -27.40
CA GLY B 177 13.77 20.16 -26.24
C GLY B 177 12.58 20.78 -25.54
N LEU B 178 12.54 22.12 -25.45
CA LEU B 178 11.37 22.77 -24.87
C LEU B 178 10.11 22.50 -25.68
N MET B 179 10.22 22.39 -27.01
CA MET B 179 9.06 22.05 -27.83
C MET B 179 8.54 20.67 -27.47
N THR B 180 9.43 19.70 -27.30
CA THR B 180 9.01 18.38 -26.88
C THR B 180 8.36 18.43 -25.50
N SER B 181 8.89 19.28 -24.61
CA SER B 181 8.35 19.48 -23.28
C SER B 181 7.07 20.32 -23.26
N GLN B 182 6.60 20.78 -24.41
CA GLN B 182 5.40 21.60 -24.51
C GLN B 182 5.54 22.92 -23.76
N MET B 183 6.75 23.48 -23.78
CA MET B 183 7.04 24.72 -23.06
C MET B 183 7.28 25.84 -24.05
N PHE B 184 6.23 26.19 -24.79
CA PHE B 184 6.34 27.16 -25.87
C PHE B 184 6.53 28.58 -25.37
N THR B 185 6.08 28.90 -24.16
CA THR B 185 6.30 30.22 -23.60
C THR B 185 7.75 30.42 -23.15
N THR B 186 8.32 29.42 -22.47
CA THR B 186 9.73 29.45 -22.12
C THR B 186 10.62 29.53 -23.36
N ALA B 187 10.27 28.76 -24.40
CA ALA B 187 11.02 28.82 -25.65
C ALA B 187 10.94 30.20 -26.29
N LYS B 188 9.75 30.80 -26.31
CA LYS B 188 9.64 32.15 -26.84
C LYS B 188 10.46 33.13 -26.02
N GLY B 189 10.46 32.97 -24.70
CA GLY B 189 11.24 33.87 -23.84
C GLY B 189 12.70 33.87 -24.20
N LEU B 190 13.27 32.71 -24.53
CA LEU B 190 14.65 32.65 -24.98
C LEU B 190 14.87 33.50 -26.22
N VAL B 191 13.98 33.37 -27.21
CA VAL B 191 14.13 34.13 -28.45
C VAL B 191 13.98 35.62 -28.19
N THR B 192 13.01 35.99 -27.36
CA THR B 192 12.83 37.38 -26.97
C THR B 192 14.09 37.93 -26.31
N ASN B 193 14.75 37.12 -25.47
CA ASN B 193 15.98 37.57 -24.82
C ASN B 193 17.10 37.77 -25.82
N LEU B 194 17.25 36.87 -26.79
CA LEU B 194 18.31 37.04 -27.77
C LEU B 194 18.00 38.18 -28.71
N MET B 195 16.72 38.40 -29.00
CA MET B 195 16.33 39.51 -29.86
C MET B 195 16.66 40.85 -29.22
N SER B 196 16.46 40.96 -27.91
CA SER B 196 16.87 42.20 -27.24
C SER B 196 18.39 42.40 -27.32
N LEU B 197 19.19 41.33 -27.30
CA LEU B 197 20.62 41.51 -27.45
C LEU B 197 20.98 42.00 -28.86
N VAL B 198 20.37 41.42 -29.89
CA VAL B 198 20.58 41.94 -31.24
C VAL B 198 20.19 43.40 -31.31
N GLU B 199 19.06 43.76 -30.71
CA GLU B 199 18.61 45.14 -30.72
C GLU B 199 19.63 46.06 -30.05
N THR B 200 20.16 45.64 -28.90
CA THR B 200 21.07 46.50 -28.15
C THR B 200 22.44 46.57 -28.79
N TYR B 201 22.98 45.43 -29.23
CA TYR B 201 24.38 45.32 -29.61
C TYR B 201 24.62 45.18 -31.11
N GLY B 202 23.61 44.81 -31.90
CA GLY B 202 23.77 44.56 -33.31
C GLY B 202 23.95 43.11 -33.69
N TYR B 203 24.09 42.23 -32.69
CA TYR B 203 24.32 40.81 -32.88
C TYR B 203 24.00 40.14 -31.56
N ALA B 204 23.68 38.86 -31.61
CA ALA B 204 23.43 38.11 -30.37
C ALA B 204 24.76 37.76 -29.72
N LEU B 205 24.92 38.10 -28.45
CA LEU B 205 26.21 37.91 -27.79
C LEU B 205 26.48 36.42 -27.54
N ASN B 206 27.77 36.09 -27.52
CA ASN B 206 28.24 34.79 -27.06
C ASN B 206 27.41 34.32 -25.87
N GLY B 207 27.34 35.15 -24.83
CA GLY B 207 26.42 34.94 -23.72
C GLY B 207 26.03 36.26 -23.09
N ALA B 208 25.08 36.19 -22.16
CA ALA B 208 24.48 37.42 -21.61
C ALA B 208 25.29 37.95 -20.43
N ARG B 209 26.58 38.22 -20.68
CA ARG B 209 27.48 38.79 -19.68
C ARG B 209 28.23 39.97 -20.28
N ALA B 210 28.67 40.88 -19.40
CA ALA B 210 29.39 42.05 -19.86
C ALA B 210 30.67 41.68 -20.61
N TYR B 211 31.30 40.57 -20.24
CA TYR B 211 32.55 40.21 -20.88
C TYR B 211 32.35 39.52 -22.23
N TYR B 212 31.11 39.35 -22.69
CA TYR B 212 30.83 38.78 -24.00
C TYR B 212 30.33 39.80 -25.01
N THR B 213 30.33 41.10 -24.68
CA THR B 213 29.82 42.10 -25.60
C THR B 213 30.68 42.21 -26.87
N ASN B 214 31.85 41.59 -26.90
CA ASN B 214 32.78 41.74 -28.01
C ASN B 214 32.57 40.70 -29.12
N ARG B 215 31.65 39.77 -28.96
CA ARG B 215 31.56 38.70 -29.96
C ARG B 215 30.18 38.08 -29.91
N SER B 216 29.89 37.26 -30.92
CA SER B 216 28.62 36.56 -31.07
C SER B 216 28.83 35.07 -30.88
N GLN B 217 28.17 34.23 -31.72
CA GLN B 217 28.25 32.78 -31.60
C GLN B 217 27.52 32.21 -32.82
N PRO B 218 27.57 30.90 -33.10
CA PRO B 218 26.89 30.38 -34.32
C PRO B 218 25.48 30.91 -34.43
N PRO B 219 25.08 31.43 -35.61
CA PRO B 219 23.83 32.22 -35.71
C PRO B 219 22.57 31.38 -35.92
N LEU B 220 22.04 30.89 -34.80
CA LEU B 220 20.89 30.00 -34.78
C LEU B 220 19.58 30.73 -34.50
N LEU B 221 19.62 32.05 -34.29
CA LEU B 221 18.39 32.76 -33.92
C LEU B 221 17.26 32.57 -34.93
N SER B 222 17.57 32.65 -36.24
CA SER B 222 16.52 32.49 -37.22
C SER B 222 15.92 31.10 -37.13
N SER B 223 16.74 30.10 -36.84
CA SER B 223 16.21 28.75 -36.69
C SER B 223 15.31 28.64 -35.48
N MET B 224 15.67 29.32 -34.39
CA MET B 224 14.83 29.30 -33.21
C MET B 224 13.47 29.92 -33.49
N VAL B 225 13.46 31.08 -34.14
CA VAL B 225 12.20 31.75 -34.46
C VAL B 225 11.36 30.86 -35.36
N TYR B 226 12.01 30.22 -36.32
CA TYR B 226 11.30 29.38 -37.26
C TYR B 226 10.65 28.18 -36.55
N GLU B 227 11.41 27.45 -35.75
CA GLU B 227 10.87 26.25 -35.14
C GLU B 227 9.70 26.56 -34.21
N ILE B 228 9.78 27.66 -33.48
CA ILE B 228 8.65 28.07 -32.64
C ILE B 228 7.46 28.44 -33.51
N TYR B 229 7.68 29.32 -34.50
CA TYR B 229 6.58 29.77 -35.34
C TYR B 229 5.97 28.62 -36.11
N ASN B 230 6.79 27.65 -36.52
CA ASN B 230 6.27 26.49 -37.23
C ASN B 230 5.19 25.77 -36.41
N VAL B 231 5.22 25.91 -35.09
CA VAL B 231 4.23 25.31 -34.21
C VAL B 231 3.14 26.30 -33.80
N THR B 232 3.52 27.46 -33.27
CA THR B 232 2.55 28.35 -32.66
C THR B 232 1.93 29.32 -33.64
N LYS B 233 2.55 29.52 -34.80
CA LYS B 233 2.05 30.43 -35.83
C LYS B 233 1.88 31.85 -35.29
N ASP B 234 2.80 32.23 -34.41
CA ASP B 234 2.81 33.53 -33.75
C ASP B 234 3.27 34.58 -34.76
N GLU B 235 2.32 35.27 -35.38
CA GLU B 235 2.66 36.20 -36.46
C GLU B 235 3.41 37.41 -35.91
N GLU B 236 3.11 37.85 -34.69
CA GLU B 236 3.79 39.01 -34.14
C GLU B 236 5.25 38.73 -33.86
N LEU B 237 5.59 37.51 -33.44
CA LEU B 237 6.98 37.13 -33.26
C LEU B 237 7.75 37.25 -34.57
N VAL B 238 7.18 36.75 -35.68
CA VAL B 238 7.89 36.82 -36.95
C VAL B 238 8.07 38.27 -37.38
N ARG B 239 7.04 39.10 -37.20
CA ARG B 239 7.16 40.51 -37.55
C ARG B 239 8.22 41.21 -36.70
N LYS B 240 8.25 40.93 -35.39
CA LYS B 240 9.32 41.47 -34.56
C LYS B 240 10.68 40.93 -34.99
N ALA B 241 10.73 39.66 -35.40
CA ALA B 241 12.01 39.02 -35.63
C ALA B 241 12.69 39.51 -36.91
N ILE B 242 11.92 39.80 -37.96
CA ILE B 242 12.53 40.05 -39.28
C ILE B 242 13.51 41.21 -39.25
N PRO B 243 13.16 42.41 -38.75
CA PRO B 243 14.16 43.50 -38.75
C PRO B 243 15.45 43.12 -38.03
N LEU B 244 15.35 42.38 -36.93
CA LEU B 244 16.52 42.02 -36.16
C LEU B 244 17.35 40.95 -36.87
N LEU B 245 16.69 39.98 -37.51
CA LEU B 245 17.45 39.01 -38.29
C LEU B 245 18.15 39.68 -39.47
N LEU B 246 17.53 40.71 -40.05
CA LEU B 246 18.18 41.45 -41.11
C LEU B 246 19.44 42.13 -40.59
N LYS B 247 19.36 42.72 -39.39
CA LYS B 247 20.54 43.31 -38.78
C LYS B 247 21.61 42.26 -38.51
N GLU B 248 21.23 41.12 -37.94
CA GLU B 248 22.20 40.06 -37.69
C GLU B 248 22.85 39.59 -38.98
N TYR B 249 22.04 39.42 -40.03
CA TYR B 249 22.56 38.95 -41.30
C TYR B 249 23.61 39.91 -41.85
N GLU B 250 23.31 41.21 -41.83
CA GLU B 250 24.27 42.19 -42.30
C GLU B 250 25.54 42.19 -41.44
N PHE B 251 25.40 41.94 -40.13
CA PHE B 251 26.58 41.81 -39.26
C PHE B 251 27.48 40.66 -39.74
N TRP B 252 26.90 39.51 -40.08
CA TRP B 252 27.74 38.40 -40.51
C TRP B 252 28.27 38.57 -41.93
N ASN B 253 27.66 39.46 -42.72
CA ASN B 253 28.01 39.60 -44.13
C ASN B 253 28.64 40.96 -44.44
N SER B 254 29.37 41.52 -43.49
CA SER B 254 30.06 42.78 -43.70
C SER B 254 31.28 42.83 -42.78
N GLY B 255 32.12 43.84 -43.00
CA GLY B 255 33.23 44.02 -42.09
C GLY B 255 34.15 42.82 -42.15
N LYS B 256 34.74 42.50 -40.99
CA LYS B 256 35.70 41.40 -40.90
C LYS B 256 35.03 40.04 -41.03
N HIS B 257 33.72 39.95 -40.83
CA HIS B 257 33.05 38.67 -40.93
C HIS B 257 32.88 38.21 -42.38
N LYS B 258 32.93 39.13 -43.35
CA LYS B 258 32.72 38.82 -44.75
C LYS B 258 34.05 38.50 -45.43
N VAL B 259 34.07 37.40 -46.20
CA VAL B 259 35.21 37.07 -47.04
C VAL B 259 34.67 36.72 -48.41
N VAL B 260 35.49 36.93 -49.43
CA VAL B 260 35.12 36.67 -50.82
C VAL B 260 36.14 35.73 -51.43
N ILE B 261 35.66 34.62 -51.97
CA ILE B 261 36.50 33.59 -52.56
C ILE B 261 36.05 33.35 -54.00
N ARG B 262 36.99 33.42 -54.93
CA ARG B 262 36.70 33.30 -56.36
C ARG B 262 37.05 31.91 -56.84
N ASP B 263 36.12 31.27 -57.56
CA ASP B 263 36.34 29.91 -58.04
C ASP B 263 37.19 29.90 -59.31
N ALA B 264 37.39 28.70 -59.86
CA ALA B 264 38.21 28.55 -61.04
C ALA B 264 37.64 29.25 -62.27
N ASN B 265 36.35 29.60 -62.24
CA ASN B 265 35.71 30.27 -63.36
C ASN B 265 35.55 31.77 -63.13
N GLY B 266 36.23 32.33 -62.12
CA GLY B 266 36.13 33.74 -61.88
C GLY B 266 34.86 34.21 -61.23
N TYR B 267 34.08 33.30 -60.64
CA TYR B 267 32.86 33.67 -59.92
C TYR B 267 33.18 33.87 -58.45
N ASP B 268 32.57 34.89 -57.86
CA ASP B 268 32.88 35.34 -56.50
C ASP B 268 31.84 34.81 -55.53
N HIS B 269 32.28 33.99 -54.59
CA HIS B 269 31.41 33.46 -53.54
C HIS B 269 31.61 34.28 -52.27
N VAL B 270 30.53 34.84 -51.74
CA VAL B 270 30.56 35.58 -50.48
C VAL B 270 30.27 34.61 -49.34
N LEU B 271 31.19 34.50 -48.39
CA LEU B 271 31.04 33.61 -47.25
C LEU B 271 31.41 34.38 -45.98
N SER B 272 31.26 33.70 -44.84
CA SER B 272 31.55 34.33 -43.56
C SER B 272 32.58 33.53 -42.76
N ARG B 273 33.29 34.24 -41.89
CA ARG B 273 34.16 33.64 -40.91
C ARG B 273 33.80 34.18 -39.54
N TYR B 274 34.24 33.48 -38.50
CA TYR B 274 34.17 34.06 -37.16
C TYR B 274 35.29 35.08 -37.02
N TYR B 275 35.05 36.09 -36.19
CA TYR B 275 36.01 37.15 -36.00
C TYR B 275 35.62 37.97 -34.78
N ALA B 276 36.10 37.56 -33.61
CA ALA B 276 35.77 38.30 -32.39
C ALA B 276 36.38 39.69 -32.40
N MET B 277 35.65 40.67 -31.89
CA MET B 277 36.16 42.04 -31.79
C MET B 277 36.87 42.24 -30.46
N TRP B 278 37.93 41.47 -30.29
CA TRP B 278 38.62 41.34 -29.01
C TRP B 278 40.04 40.85 -29.25
N ASN B 279 41.05 41.51 -28.65
CA ASN B 279 42.42 41.07 -28.85
C ASN B 279 43.22 41.01 -27.53
N LYS B 280 42.54 40.77 -26.42
CA LYS B 280 43.16 40.65 -25.10
C LYS B 280 42.82 39.29 -24.52
N PRO B 281 43.43 38.88 -23.39
CA PRO B 281 42.94 37.70 -22.68
C PRO B 281 41.44 37.83 -22.43
N ARG B 282 40.73 36.71 -22.51
CA ARG B 282 39.30 36.71 -22.16
C ARG B 282 39.14 36.91 -20.67
N PRO B 283 38.34 37.89 -20.24
CA PRO B 283 38.20 38.14 -18.79
C PRO B 283 37.86 36.90 -17.98
N GLU B 284 36.97 36.04 -18.50
CA GLU B 284 36.53 34.85 -17.78
C GLU B 284 37.63 33.80 -17.65
N SER B 285 38.69 33.88 -18.44
CA SER B 285 39.83 33.00 -18.28
C SER B 285 41.13 33.78 -18.46
N SER B 286 41.23 34.96 -17.84
CA SER B 286 42.30 35.89 -18.24
C SER B 286 43.67 35.36 -17.83
N VAL B 287 43.77 34.75 -16.65
CA VAL B 287 45.06 34.20 -16.22
C VAL B 287 45.49 33.05 -17.14
N PHE B 288 44.57 32.17 -17.49
CA PHE B 288 44.92 31.07 -18.41
C PHE B 288 45.29 31.61 -19.79
N ASP B 289 44.57 32.61 -20.29
CA ASP B 289 44.90 33.12 -21.61
C ASP B 289 46.23 33.86 -21.59
N GLU B 290 46.48 34.61 -20.52
CA GLU B 290 47.76 35.29 -20.38
C GLU B 290 48.91 34.31 -20.45
N GLU B 291 48.84 33.22 -19.68
CA GLU B 291 49.91 32.23 -19.68
C GLU B 291 49.98 31.51 -21.01
N SER B 292 48.82 31.27 -21.64
CA SER B 292 48.78 30.67 -22.97
C SER B 292 49.58 31.48 -23.97
N ALA B 293 49.61 32.80 -23.81
CA ALA B 293 50.19 33.71 -24.78
C ALA B 293 51.62 34.11 -24.43
N SER B 294 52.16 33.61 -23.33
CA SER B 294 53.46 34.05 -22.85
C SER B 294 54.62 33.65 -23.76
N GLY B 295 54.40 32.75 -24.72
CA GLY B 295 55.45 32.37 -25.64
C GLY B 295 55.62 33.27 -26.84
N PHE B 296 54.75 34.28 -27.01
CA PHE B 296 54.86 35.20 -28.13
C PHE B 296 55.76 36.38 -27.76
N SER B 297 56.64 36.77 -28.69
CA SER B 297 57.70 37.71 -28.36
C SER B 297 57.23 39.16 -28.35
N THR B 298 56.19 39.49 -29.10
CA THR B 298 55.78 40.88 -29.29
C THR B 298 54.32 41.06 -28.90
N MET B 299 53.93 42.31 -28.68
CA MET B 299 52.55 42.60 -28.35
C MET B 299 51.62 42.28 -29.53
N LEU B 300 52.08 42.53 -30.76
CA LEU B 300 51.25 42.27 -31.91
C LEU B 300 50.99 40.78 -32.08
N GLU B 301 52.00 39.96 -31.81
CA GLU B 301 51.81 38.52 -31.86
C GLU B 301 50.80 38.07 -30.80
N LYS B 302 50.98 38.54 -29.56
CA LYS B 302 50.03 38.25 -28.49
C LYS B 302 48.61 38.68 -28.87
N GLN B 303 48.48 39.90 -29.39
CA GLN B 303 47.15 40.40 -29.76
C GLN B 303 46.49 39.56 -30.83
N ARG B 304 47.24 39.18 -31.87
CA ARG B 304 46.67 38.34 -32.93
C ARG B 304 46.25 37.00 -32.38
N PHE B 305 47.05 36.42 -31.49
CA PHE B 305 46.70 35.15 -30.88
C PHE B 305 45.45 35.28 -29.99
N HIS B 306 45.39 36.33 -29.17
CA HIS B 306 44.22 36.53 -28.32
C HIS B 306 42.94 36.65 -29.16
N ARG B 307 43.02 37.33 -30.31
CA ARG B 307 41.85 37.43 -31.17
C ARG B 307 41.48 36.06 -31.72
N ASP B 308 42.46 35.29 -32.21
CA ASP B 308 42.14 33.93 -32.68
C ASP B 308 41.55 33.09 -31.56
N ILE B 309 41.92 33.37 -30.31
CA ILE B 309 41.37 32.63 -29.16
C ILE B 309 39.93 33.07 -28.91
N ALA B 310 39.69 34.38 -28.85
CA ALA B 310 38.34 34.88 -28.67
C ALA B 310 37.45 34.49 -29.84
N THR B 311 38.05 34.35 -31.02
CA THR B 311 37.28 33.97 -32.20
C THR B 311 36.88 32.51 -32.13
N ALA B 312 37.77 31.66 -31.60
CA ALA B 312 37.40 30.29 -31.33
C ALA B 312 36.26 30.19 -30.32
N ALA B 313 36.21 31.11 -29.34
CA ALA B 313 35.04 31.15 -28.46
C ALA B 313 33.80 31.55 -29.24
N GLU B 314 33.93 32.51 -30.17
CA GLU B 314 32.79 32.86 -31.01
C GLU B 314 32.29 31.68 -31.83
N SER B 315 33.18 30.76 -32.19
CA SER B 315 32.78 29.60 -32.99
C SER B 315 31.88 28.65 -32.23
N GLY B 316 31.78 28.81 -30.91
CA GLY B 316 31.05 27.89 -30.09
C GLY B 316 31.81 26.64 -29.72
N CYS B 317 32.98 26.41 -30.31
CA CYS B 317 33.74 25.17 -30.11
C CYS B 317 35.16 25.52 -29.65
N ALA B 318 35.29 26.04 -28.43
CA ALA B 318 36.60 26.30 -27.86
C ALA B 318 36.94 25.15 -26.93
N PHE B 319 38.00 24.40 -27.24
CA PHE B 319 38.88 24.59 -28.38
C PHE B 319 39.10 23.26 -29.10
N SER B 320 39.73 23.30 -30.28
CA SER B 320 39.80 22.12 -31.14
C SER B 320 41.00 22.21 -32.07
N THR B 321 41.59 21.04 -32.35
CA THR B 321 42.56 20.94 -33.44
C THR B 321 42.02 21.56 -34.71
N ARG B 322 40.70 21.67 -34.85
CA ARG B 322 40.08 22.24 -36.05
C ARG B 322 40.52 23.68 -36.29
N TRP B 323 40.81 24.42 -35.22
CA TRP B 323 41.17 25.82 -35.38
C TRP B 323 42.68 26.05 -35.38
N MET B 324 43.48 25.01 -35.13
CA MET B 324 44.92 25.17 -35.02
C MET B 324 45.58 25.11 -36.39
N ARG B 325 46.52 26.03 -36.63
CA ARG B 325 47.26 26.03 -37.89
C ARG B 325 48.20 24.83 -37.98
N ASP B 326 48.74 24.39 -36.85
CA ASP B 326 49.61 23.22 -36.80
C ASP B 326 49.22 22.40 -35.58
N PRO B 327 48.16 21.58 -35.70
CA PRO B 327 47.69 20.84 -34.54
C PRO B 327 48.70 19.77 -34.14
N PRO B 328 48.74 19.39 -32.86
CA PRO B 328 47.88 19.84 -31.75
C PRO B 328 48.39 21.04 -30.94
N ASN B 329 49.20 21.92 -31.53
CA ASN B 329 49.81 23.00 -30.76
C ASN B 329 48.79 24.11 -30.52
N PHE B 330 48.38 24.26 -29.25
CA PHE B 330 47.38 25.25 -28.84
C PHE B 330 47.77 26.67 -29.27
N THR B 331 49.07 26.99 -29.28
CA THR B 331 49.50 28.34 -29.62
C THR B 331 49.38 28.65 -31.12
N THR B 332 49.05 27.67 -31.96
CA THR B 332 48.83 27.94 -33.37
C THR B 332 47.35 28.13 -33.69
N MET B 333 46.51 28.39 -32.69
CA MET B 333 45.11 28.74 -32.95
C MET B 333 45.05 29.88 -33.95
N ALA B 334 44.26 29.70 -35.00
CA ALA B 334 44.24 30.62 -36.13
C ALA B 334 42.82 30.79 -36.66
N THR B 335 41.86 30.87 -35.74
CA THR B 335 40.44 30.82 -36.08
C THR B 335 40.04 31.89 -37.08
N THR B 336 40.66 33.07 -37.02
CA THR B 336 40.26 34.08 -37.98
C THR B 336 40.67 33.74 -39.41
N SER B 337 41.47 32.69 -39.60
CA SER B 337 41.89 32.31 -40.94
C SER B 337 40.98 31.25 -41.57
N VAL B 338 39.91 30.84 -40.89
CA VAL B 338 39.09 29.70 -41.34
C VAL B 338 37.73 30.19 -41.84
N VAL B 339 37.34 29.74 -43.04
CA VAL B 339 35.98 29.89 -43.55
C VAL B 339 35.25 28.61 -43.18
N PRO B 340 34.48 28.58 -42.08
CA PRO B 340 34.05 27.31 -41.52
C PRO B 340 32.83 26.75 -42.22
N VAL B 341 32.80 25.42 -42.31
CA VAL B 341 31.65 24.75 -42.93
C VAL B 341 30.37 25.05 -42.16
N ASP B 342 30.39 24.83 -40.83
CA ASP B 342 29.15 24.92 -40.06
C ASP B 342 28.62 26.35 -40.00
N LEU B 343 29.50 27.35 -39.78
CA LEU B 343 29.05 28.72 -39.82
C LEU B 343 28.28 29.03 -41.10
N ASN B 344 28.83 28.65 -42.24
CA ASN B 344 28.12 28.97 -43.47
C ASN B 344 26.87 28.09 -43.67
N VAL B 345 26.81 26.91 -43.05
CA VAL B 345 25.54 26.19 -42.99
C VAL B 345 24.49 27.00 -42.26
N PHE B 346 24.87 27.62 -41.12
CA PHE B 346 23.92 28.44 -40.40
C PHE B 346 23.54 29.68 -41.18
N LEU B 347 24.46 30.26 -41.94
CA LEU B 347 24.08 31.43 -42.74
C LEU B 347 23.19 31.02 -43.92
N LEU B 348 23.47 29.87 -44.54
CA LEU B 348 22.53 29.34 -45.54
C LEU B 348 21.14 29.18 -44.91
N LYS B 349 21.09 28.60 -43.72
CA LYS B 349 19.83 28.47 -42.99
C LYS B 349 19.18 29.83 -42.74
N MET B 350 19.96 30.84 -42.33
CA MET B 350 19.40 32.18 -42.16
C MET B 350 18.72 32.67 -43.43
N GLU B 351 19.35 32.45 -44.57
CA GLU B 351 18.75 32.88 -45.84
C GLU B 351 17.47 32.09 -46.13
N LEU B 352 17.45 30.79 -45.82
CA LEU B 352 16.23 30.00 -46.01
C LEU B 352 15.14 30.39 -45.02
N ASP B 353 15.52 30.66 -43.76
CA ASP B 353 14.56 31.06 -42.74
C ASP B 353 13.96 32.42 -43.06
N ILE B 354 14.79 33.40 -43.43
CA ILE B 354 14.29 34.75 -43.68
C ILE B 354 13.38 34.76 -44.92
N ALA B 355 13.81 34.10 -45.99
CA ALA B 355 12.93 33.95 -47.17
C ALA B 355 11.54 33.49 -46.76
N PHE B 356 11.46 32.44 -45.93
CA PHE B 356 10.17 31.94 -45.45
C PHE B 356 9.43 33.00 -44.65
N MET B 357 10.13 33.71 -43.74
CA MET B 357 9.42 34.68 -42.90
C MET B 357 8.94 35.87 -43.71
N MET B 358 9.67 36.25 -44.75
CA MET B 358 9.22 37.35 -45.58
C MET B 358 8.01 36.94 -46.42
N LYS B 359 8.03 35.72 -46.95
CA LYS B 359 6.88 35.22 -47.70
C LYS B 359 5.65 35.13 -46.80
N VAL B 360 5.78 34.48 -45.64
CA VAL B 360 4.67 34.34 -44.70
C VAL B 360 4.12 35.70 -44.25
N SER B 361 4.95 36.74 -44.24
CA SER B 361 4.51 38.04 -43.74
C SER B 361 4.15 39.02 -44.86
N GLY B 362 4.04 38.55 -46.10
CA GLY B 362 3.56 39.36 -47.19
C GLY B 362 4.60 40.17 -47.93
N ASP B 363 5.88 39.85 -47.76
CA ASP B 363 6.95 40.58 -48.42
C ASP B 363 7.63 39.67 -49.44
N GLN B 364 6.89 39.40 -50.53
CA GLN B 364 7.39 38.45 -51.52
C GLN B 364 8.62 38.99 -52.25
N ASN B 365 8.72 40.30 -52.42
CA ASN B 365 9.92 40.88 -53.02
C ASN B 365 11.15 40.53 -52.19
N GLY B 366 11.11 40.83 -50.90
CA GLY B 366 12.23 40.48 -50.03
C GLY B 366 12.48 38.99 -50.00
N SER B 367 11.41 38.19 -50.02
CA SER B 367 11.56 36.74 -50.05
C SER B 367 12.37 36.30 -51.27
N ASP B 368 12.08 36.88 -52.44
CA ASP B 368 12.83 36.55 -53.64
C ASP B 368 14.30 36.93 -53.49
N ARG B 369 14.58 38.07 -52.86
CA ARG B 369 15.95 38.48 -52.61
C ARG B 369 16.72 37.41 -51.83
N PHE B 370 16.09 36.84 -50.80
CA PHE B 370 16.81 35.86 -49.99
C PHE B 370 16.84 34.47 -50.63
N VAL B 371 15.87 34.15 -51.50
CA VAL B 371 15.99 32.95 -52.31
C VAL B 371 17.23 33.02 -53.20
N LYS B 372 17.42 34.17 -53.89
CA LYS B 372 18.64 34.36 -54.65
C LYS B 372 19.87 34.18 -53.78
N ALA B 373 19.82 34.65 -52.52
CA ALA B 373 21.00 34.54 -51.67
C ALA B 373 21.28 33.09 -51.30
N SER B 374 20.25 32.32 -50.93
CA SER B 374 20.50 30.94 -50.55
C SER B 374 21.02 30.12 -51.75
N LYS B 375 20.50 30.39 -52.94
CA LYS B 375 20.99 29.67 -54.12
C LYS B 375 22.47 29.97 -54.34
N ALA B 376 22.88 31.22 -54.17
CA ALA B 376 24.30 31.58 -54.22
C ALA B 376 25.10 30.79 -53.21
N ARG B 377 24.64 30.72 -51.96
CA ARG B 377 25.40 29.99 -50.97
C ARG B 377 25.35 28.48 -51.22
N GLU B 378 24.23 27.97 -51.75
CA GLU B 378 24.23 26.59 -52.21
C GLU B 378 25.35 26.36 -53.22
N LYS B 379 25.47 27.25 -54.19
CA LYS B 379 26.56 27.13 -55.17
C LYS B 379 27.92 27.17 -54.49
N ALA B 380 28.06 27.98 -53.43
CA ALA B 380 29.34 28.03 -52.74
C ALA B 380 29.66 26.71 -52.04
N PHE B 381 28.65 26.06 -51.44
CA PHE B 381 28.94 24.78 -50.81
C PHE B 381 29.40 23.75 -51.84
N GLN B 382 28.87 23.84 -53.06
CA GLN B 382 29.24 22.89 -54.11
C GLN B 382 30.70 23.07 -54.54
N THR B 383 31.17 24.32 -54.66
CA THR B 383 32.49 24.66 -55.19
C THR B 383 33.54 24.89 -54.10
N VAL B 384 33.23 25.70 -53.09
CA VAL B 384 34.25 26.09 -52.12
C VAL B 384 34.48 24.98 -51.10
N PHE B 385 33.41 24.39 -50.56
CA PHE B 385 33.52 23.52 -49.41
C PHE B 385 33.58 22.03 -49.78
N TRP B 386 32.71 21.57 -50.67
CA TRP B 386 32.63 20.15 -50.97
C TRP B 386 33.97 19.61 -51.46
N ASN B 387 34.33 18.42 -51.00
CA ASN B 387 35.43 17.63 -51.57
C ASN B 387 34.89 16.28 -52.01
N GLU B 388 34.85 16.03 -53.32
CA GLU B 388 34.29 14.78 -53.83
C GLU B 388 35.00 13.57 -53.24
N LYS B 389 36.34 13.60 -53.25
CA LYS B 389 37.12 12.44 -52.84
C LYS B 389 36.84 12.09 -51.38
N ALA B 390 36.78 13.09 -50.50
CA ALA B 390 36.48 12.82 -49.11
C ALA B 390 35.00 12.63 -48.85
N GLY B 391 34.14 12.99 -49.80
CA GLY B 391 32.70 12.79 -49.59
C GLY B 391 32.13 13.59 -48.44
N GLN B 392 32.76 14.71 -48.11
CA GLN B 392 32.29 15.58 -47.04
C GLN B 392 32.66 17.01 -47.41
N TRP B 393 32.29 17.96 -46.56
CA TRP B 393 32.66 19.36 -46.78
C TRP B 393 33.78 19.75 -45.84
N LEU B 394 34.69 20.59 -46.31
CA LEU B 394 35.92 20.91 -45.59
C LEU B 394 36.03 22.40 -45.37
N ASP B 395 36.44 22.81 -44.16
CA ASP B 395 36.75 24.21 -43.94
C ASP B 395 37.76 24.70 -44.98
N TYR B 396 37.58 25.95 -45.43
CA TYR B 396 38.55 26.61 -46.29
C TYR B 396 39.41 27.56 -45.47
N TRP B 397 40.73 27.38 -45.53
CA TRP B 397 41.68 28.22 -44.80
C TRP B 397 42.21 29.32 -45.72
N LEU B 398 42.07 30.57 -45.28
CA LEU B 398 42.49 31.70 -46.10
C LEU B 398 44.01 31.69 -46.31
N SER B 399 44.42 32.20 -47.47
CA SER B 399 45.84 32.46 -47.70
C SER B 399 46.26 33.85 -47.22
N SER B 400 45.37 34.83 -47.30
CA SER B 400 45.63 36.19 -46.89
C SER B 400 44.96 36.51 -45.56
N SER B 401 44.66 37.79 -45.34
CA SER B 401 44.04 38.24 -44.10
C SER B 401 42.52 38.22 -44.17
N GLY B 402 41.94 38.15 -45.38
CA GLY B 402 40.52 38.22 -45.58
C GLY B 402 40.01 39.56 -46.05
N GLU B 403 40.90 40.52 -46.29
CA GLU B 403 40.50 41.89 -46.58
C GLU B 403 40.06 42.10 -48.03
N GLU B 404 40.50 41.27 -48.97
CA GLU B 404 40.05 41.39 -50.35
C GLU B 404 39.85 40.00 -50.92
N SER B 405 39.15 39.95 -52.05
CA SER B 405 38.88 38.71 -52.76
C SER B 405 40.12 37.84 -52.85
N GLU B 406 39.95 36.56 -52.51
CA GLU B 406 41.00 35.55 -52.60
C GLU B 406 40.56 34.50 -53.61
N THR B 407 41.52 33.83 -54.25
CA THR B 407 41.21 32.82 -55.26
C THR B 407 41.33 31.44 -54.66
N TRP B 408 40.32 30.59 -54.92
CA TRP B 408 40.25 29.25 -54.35
C TRP B 408 41.42 28.39 -54.80
N LYS B 409 42.01 27.68 -53.85
CA LYS B 409 43.08 26.72 -54.12
C LYS B 409 42.80 25.45 -53.36
N ALA B 410 42.88 24.31 -54.03
CA ALA B 410 42.46 23.04 -53.42
C ALA B 410 43.37 22.67 -52.27
N GLU B 411 44.61 23.16 -52.28
CA GLU B 411 45.50 22.95 -51.15
C GLU B 411 44.99 23.61 -49.86
N ASN B 412 44.18 24.65 -49.96
CA ASN B 412 43.71 25.40 -48.78
C ASN B 412 42.53 24.75 -48.06
N GLN B 413 41.92 23.72 -48.62
CA GLN B 413 40.91 22.96 -47.87
C GLN B 413 41.58 22.17 -46.75
N ASN B 414 40.95 22.16 -45.57
CA ASN B 414 41.46 21.38 -44.44
C ASN B 414 40.87 19.99 -44.55
N THR B 415 41.68 19.04 -45.05
CA THR B 415 41.23 17.67 -45.24
C THR B 415 41.16 16.87 -43.94
N ASN B 416 41.50 17.44 -42.78
CA ASN B 416 41.26 16.73 -41.53
C ASN B 416 39.76 16.53 -41.30
N VAL B 417 39.41 15.51 -40.51
CA VAL B 417 38.05 14.97 -40.48
C VAL B 417 37.36 15.42 -39.19
N PHE B 418 36.20 16.06 -39.35
CA PHE B 418 35.45 16.61 -38.21
C PHE B 418 33.96 16.36 -38.39
N ALA B 419 33.25 16.21 -37.28
CA ALA B 419 31.79 16.14 -37.36
C ALA B 419 31.21 17.37 -38.04
N SER B 420 31.87 18.53 -37.88
CA SER B 420 31.39 19.72 -38.55
C SER B 420 31.50 19.62 -40.05
N ASN B 421 32.42 18.78 -40.56
CA ASN B 421 32.50 18.55 -42.00
C ASN B 421 31.18 18.04 -42.57
N PHE B 422 30.35 17.44 -41.74
CA PHE B 422 29.11 16.80 -42.17
C PHE B 422 27.86 17.62 -41.87
N ALA B 423 28.01 18.79 -41.24
CA ALA B 423 26.90 19.69 -40.91
C ALA B 423 25.99 20.05 -42.10
N PRO B 424 26.49 20.17 -43.34
CA PRO B 424 25.59 20.54 -44.44
C PRO B 424 24.46 19.55 -44.72
N ILE B 425 24.57 18.30 -44.26
CA ILE B 425 23.50 17.31 -44.44
C ILE B 425 22.22 17.76 -43.74
N TRP B 426 22.34 18.68 -42.78
CA TRP B 426 21.21 19.28 -42.08
C TRP B 426 20.33 20.10 -43.01
N ILE B 427 20.90 20.59 -44.11
CA ILE B 427 20.20 21.52 -45.00
C ILE B 427 19.35 20.73 -46.01
N ASN B 428 18.10 21.16 -46.20
CA ASN B 428 17.12 20.37 -46.94
C ASN B 428 17.53 20.19 -48.39
N SER B 429 18.07 21.25 -49.03
CA SER B 429 18.52 21.14 -50.41
C SER B 429 19.58 20.06 -50.58
N ILE B 430 20.30 19.75 -49.50
CA ILE B 430 21.36 18.74 -49.56
C ILE B 430 20.82 17.37 -49.19
N ASN B 431 20.05 17.25 -48.10
CA ASN B 431 19.60 15.93 -47.73
C ASN B 431 18.48 15.42 -48.65
N SER B 432 17.94 16.27 -49.52
CA SER B 432 16.97 15.86 -50.53
C SER B 432 17.64 15.30 -51.79
N ASP B 433 18.95 15.46 -51.90
CA ASP B 433 19.73 14.99 -53.04
C ASP B 433 20.19 13.58 -52.71
N GLU B 434 19.46 12.58 -53.21
CA GLU B 434 19.68 11.23 -52.74
C GLU B 434 21.04 10.67 -53.17
N ASN B 435 21.58 11.09 -54.30
CA ASN B 435 22.89 10.54 -54.64
C ASN B 435 24.01 11.26 -53.91
N LEU B 436 23.81 12.54 -53.55
CA LEU B 436 24.74 13.19 -52.64
C LEU B 436 24.71 12.52 -51.27
N VAL B 437 23.51 12.20 -50.77
CA VAL B 437 23.38 11.62 -49.44
C VAL B 437 24.12 10.29 -49.36
N LYS B 438 24.06 9.47 -50.41
CA LYS B 438 24.73 8.18 -50.35
C LYS B 438 26.24 8.35 -50.28
N LYS B 439 26.79 9.38 -50.94
CA LYS B 439 28.22 9.67 -50.85
C LYS B 439 28.59 10.04 -49.42
N VAL B 440 27.74 10.83 -48.77
CA VAL B 440 28.01 11.28 -47.40
C VAL B 440 27.91 10.12 -46.43
N VAL B 441 26.91 9.24 -46.62
CA VAL B 441 26.75 8.08 -45.76
C VAL B 441 28.01 7.21 -45.81
N THR B 442 28.49 6.91 -47.03
CA THR B 442 29.71 6.12 -47.16
C THR B 442 30.90 6.82 -46.49
N ALA B 443 31.08 8.11 -46.78
CA ALA B 443 32.12 8.91 -46.13
C ALA B 443 32.05 8.81 -44.61
N LEU B 444 30.84 8.96 -44.05
CA LEU B 444 30.73 8.98 -42.60
C LEU B 444 31.01 7.59 -42.02
N LYS B 445 30.49 6.56 -42.69
CA LYS B 445 30.67 5.18 -42.23
C LYS B 445 32.14 4.79 -42.22
N ASN B 446 32.91 5.27 -43.19
CA ASN B 446 34.32 4.98 -43.30
C ASN B 446 35.23 6.05 -42.69
N SER B 447 34.65 7.10 -42.09
CA SER B 447 35.48 8.19 -41.58
C SER B 447 36.16 7.86 -40.27
N GLY B 448 35.63 6.92 -39.49
CA GLY B 448 36.11 6.65 -38.16
C GLY B 448 35.40 7.42 -37.05
N LEU B 449 34.53 8.38 -37.39
CA LEU B 449 33.91 9.19 -36.35
C LEU B 449 32.78 8.48 -35.62
N ILE B 450 32.17 7.46 -36.24
CA ILE B 450 31.10 6.73 -35.57
C ILE B 450 31.73 5.87 -34.49
N ALA B 451 31.42 6.17 -33.23
CA ALA B 451 31.99 5.54 -32.07
C ALA B 451 30.85 4.85 -31.31
N PRO B 452 31.13 4.02 -30.32
CA PRO B 452 30.04 3.31 -29.63
C PRO B 452 28.90 4.20 -29.16
N ALA B 453 29.14 5.45 -28.79
CA ALA B 453 28.12 6.27 -28.16
C ALA B 453 27.66 7.44 -29.01
N GLY B 454 28.18 7.60 -30.21
CA GLY B 454 27.78 8.71 -31.05
C GLY B 454 28.92 9.14 -31.95
N ILE B 455 28.78 10.35 -32.49
CA ILE B 455 29.71 10.86 -33.50
C ILE B 455 30.82 11.64 -32.81
N LEU B 456 32.06 11.20 -33.00
CA LEU B 456 33.22 11.94 -32.51
C LEU B 456 33.28 13.31 -33.15
N THR B 457 33.72 14.31 -32.38
CA THR B 457 33.83 15.65 -32.94
C THR B 457 35.08 15.80 -33.79
N SER B 458 36.09 14.97 -33.57
CA SER B 458 37.28 14.92 -34.42
C SER B 458 37.96 13.57 -34.19
N LEU B 459 39.07 13.34 -34.91
CA LEU B 459 39.82 12.11 -34.74
C LEU B 459 41.11 12.29 -33.94
N THR B 460 41.49 13.51 -33.58
CA THR B 460 42.74 13.78 -32.87
C THR B 460 42.45 13.98 -31.38
N ASN B 461 42.99 13.10 -30.55
CA ASN B 461 42.88 13.26 -29.09
C ASN B 461 43.95 14.26 -28.66
N SER B 462 43.61 15.54 -28.72
CA SER B 462 44.48 16.64 -28.34
C SER B 462 44.42 16.96 -26.85
N GLY B 463 43.46 16.42 -26.12
CA GLY B 463 43.21 16.86 -24.77
C GLY B 463 42.31 18.07 -24.65
N GLN B 464 42.01 18.76 -25.75
CA GLN B 464 41.01 19.80 -25.77
C GLN B 464 39.61 19.18 -25.80
N GLN B 465 38.61 19.95 -25.34
CA GLN B 465 37.29 19.36 -25.17
C GLN B 465 36.54 19.17 -26.50
N TRP B 466 36.79 20.01 -27.50
CA TRP B 466 36.18 19.84 -28.82
C TRP B 466 37.11 19.05 -29.75
N ASP B 467 37.59 17.91 -29.26
CA ASP B 467 38.36 16.98 -30.05
C ASP B 467 37.99 15.58 -29.60
N SER B 468 38.41 14.58 -30.38
CA SER B 468 38.37 13.22 -29.88
C SER B 468 38.94 13.18 -28.46
N PRO B 469 38.40 12.37 -27.55
CA PRO B 469 37.35 11.34 -27.72
C PRO B 469 35.92 11.83 -27.48
N ASN B 470 35.66 13.12 -27.65
CA ASN B 470 34.39 13.71 -27.25
C ASN B 470 33.40 13.81 -28.41
N GLY B 471 32.12 13.67 -28.06
CA GLY B 471 31.03 13.95 -28.99
C GLY B 471 30.05 14.87 -28.31
N TRP B 472 29.47 15.78 -29.09
CA TRP B 472 28.72 16.93 -28.57
C TRP B 472 27.30 16.94 -29.11
N ALA B 473 26.33 17.19 -28.21
CA ALA B 473 24.90 17.14 -28.55
C ALA B 473 24.54 17.89 -29.84
N PRO B 474 24.92 19.17 -30.03
CA PRO B 474 24.49 19.86 -31.25
C PRO B 474 24.99 19.21 -32.53
N GLN B 475 26.17 18.58 -32.48
CA GLN B 475 26.68 17.94 -33.70
C GLN B 475 26.00 16.60 -33.96
N GLN B 476 25.60 15.88 -32.90
CA GLN B 476 24.78 14.69 -33.12
C GLN B 476 23.48 15.06 -33.82
N GLU B 477 22.81 16.12 -33.36
CA GLU B 477 21.47 16.44 -33.85
C GLU B 477 21.49 16.88 -35.30
N MET B 478 22.48 17.70 -35.71
CA MET B 478 22.45 18.18 -37.08
C MET B 478 22.65 17.03 -38.06
N ILE B 479 23.52 16.08 -37.71
CA ILE B 479 23.75 14.96 -38.61
C ILE B 479 22.57 14.01 -38.58
N VAL B 480 22.05 13.71 -37.38
CA VAL B 480 20.92 12.79 -37.27
C VAL B 480 19.70 13.37 -37.97
N THR B 481 19.42 14.65 -37.74
CA THR B 481 18.26 15.27 -38.38
C THR B 481 18.41 15.23 -39.90
N GLY B 482 19.60 15.59 -40.39
CA GLY B 482 19.79 15.66 -41.82
C GLY B 482 19.71 14.31 -42.49
N LEU B 483 20.41 13.31 -41.94
CA LEU B 483 20.35 11.97 -42.52
C LEU B 483 18.93 11.46 -42.52
N GLY B 484 18.23 11.63 -41.40
CA GLY B 484 16.88 11.13 -41.25
C GLY B 484 15.85 11.84 -42.12
N ARG B 485 16.18 13.02 -42.63
CA ARG B 485 15.25 13.68 -43.54
C ARG B 485 15.41 13.21 -44.98
N SER B 486 16.52 12.55 -45.31
CA SER B 486 16.70 12.01 -46.65
C SER B 486 15.69 10.89 -46.91
N SER B 487 15.59 10.47 -48.18
CA SER B 487 14.79 9.31 -48.52
C SER B 487 15.61 8.03 -48.61
N VAL B 488 16.91 8.09 -48.30
CA VAL B 488 17.78 6.93 -48.42
C VAL B 488 17.63 6.06 -47.17
N LYS B 489 17.25 4.80 -47.38
CA LYS B 489 17.00 3.92 -46.25
C LYS B 489 18.23 3.79 -45.35
N GLU B 490 19.40 3.60 -45.96
CA GLU B 490 20.62 3.42 -45.18
C GLU B 490 20.94 4.67 -44.36
N ALA B 491 20.66 5.85 -44.91
CA ALA B 491 20.87 7.07 -44.15
C ALA B 491 19.90 7.17 -42.97
N LYS B 492 18.63 6.84 -43.19
CA LYS B 492 17.66 6.85 -42.09
C LYS B 492 18.06 5.84 -41.02
N GLU B 493 18.53 4.67 -41.43
CA GLU B 493 18.87 3.65 -40.45
C GLU B 493 20.08 4.06 -39.64
N MET B 494 21.08 4.66 -40.29
CA MET B 494 22.25 5.15 -39.58
C MET B 494 21.87 6.27 -38.60
N ALA B 495 21.02 7.21 -39.04
CA ALA B 495 20.58 8.28 -38.15
C ALA B 495 19.92 7.71 -36.91
N GLU B 496 19.00 6.74 -37.09
CA GLU B 496 18.32 6.15 -35.95
C GLU B 496 19.31 5.42 -35.05
N ASP B 497 20.26 4.70 -35.65
CA ASP B 497 21.23 3.96 -34.85
C ASP B 497 22.09 4.91 -34.03
N ILE B 498 22.49 6.04 -34.61
CA ILE B 498 23.29 7.02 -33.86
C ILE B 498 22.45 7.64 -32.74
N ALA B 499 21.20 8.02 -33.04
CA ALA B 499 20.33 8.57 -32.01
C ALA B 499 20.23 7.64 -30.82
N ARG B 500 20.04 6.35 -31.07
CA ARG B 500 19.84 5.41 -29.96
C ARG B 500 21.13 5.19 -29.19
N ARG B 501 22.27 5.12 -29.88
CA ARG B 501 23.53 5.01 -29.15
C ARG B 501 23.73 6.22 -28.24
N TRP B 502 23.41 7.42 -28.76
CA TRP B 502 23.55 8.65 -27.99
C TRP B 502 22.58 8.68 -26.81
N ILE B 503 21.30 8.32 -27.05
CA ILE B 503 20.33 8.26 -25.96
C ILE B 503 20.79 7.28 -24.90
N LYS B 504 21.18 6.07 -25.32
CA LYS B 504 21.57 5.05 -24.36
C LYS B 504 22.73 5.51 -23.49
N SER B 505 23.74 6.13 -24.09
CA SER B 505 24.91 6.52 -23.32
C SER B 505 24.56 7.59 -22.29
N ASN B 506 23.81 8.61 -22.72
CA ASN B 506 23.33 9.62 -21.79
C ASN B 506 22.55 9.00 -20.65
N TYR B 507 21.77 7.95 -20.95
CA TYR B 507 21.04 7.23 -19.90
C TYR B 507 21.99 6.54 -18.95
N LEU B 508 23.04 5.91 -19.47
CA LEU B 508 24.00 5.23 -18.60
C LEU B 508 24.77 6.24 -17.76
N VAL B 509 25.15 7.38 -18.35
CA VAL B 509 25.77 8.45 -17.59
C VAL B 509 24.83 8.95 -16.50
N TYR B 510 23.54 9.07 -16.81
CA TYR B 510 22.58 9.52 -15.81
C TYR B 510 22.47 8.55 -14.64
N LYS B 511 22.44 7.25 -14.92
CA LYS B 511 22.25 6.29 -13.84
C LYS B 511 23.42 6.30 -12.87
N LYS B 512 24.62 6.64 -13.35
CA LYS B 512 25.80 6.67 -12.49
C LYS B 512 25.94 7.98 -11.71
N SER B 513 25.50 9.11 -12.27
CA SER B 513 25.75 10.41 -11.66
C SER B 513 24.52 11.22 -11.33
N GLY B 514 23.33 10.81 -11.79
CA GLY B 514 22.15 11.61 -11.59
C GLY B 514 22.11 12.91 -12.37
N THR B 515 22.99 13.09 -13.36
CA THR B 515 23.11 14.35 -14.07
C THR B 515 23.24 14.09 -15.58
N ILE B 516 22.98 15.12 -16.36
CA ILE B 516 23.24 15.13 -17.79
C ILE B 516 24.47 16.00 -18.03
N HIS B 517 25.32 15.55 -18.93
CA HIS B 517 26.65 16.13 -19.08
C HIS B 517 26.76 16.98 -20.34
N GLU B 518 27.64 17.98 -20.22
CA GLU B 518 27.91 18.93 -21.28
C GLU B 518 28.38 18.23 -22.56
N LYS B 519 29.16 17.16 -22.41
CA LYS B 519 29.74 16.42 -23.52
C LYS B 519 30.02 14.99 -23.10
N LEU B 520 30.03 14.09 -24.08
CA LEU B 520 30.23 12.67 -23.82
C LEU B 520 31.58 12.22 -24.37
N LYS B 521 32.15 11.21 -23.74
CA LYS B 521 33.30 10.50 -24.29
C LYS B 521 32.73 9.35 -25.12
N VAL B 522 32.43 9.63 -26.39
CA VAL B 522 31.65 8.69 -27.18
C VAL B 522 32.42 7.46 -27.60
N THR B 523 33.73 7.42 -27.34
CA THR B 523 34.51 6.20 -27.58
C THR B 523 34.12 5.08 -26.63
N GLU B 524 33.41 5.39 -25.55
CA GLU B 524 33.00 4.40 -24.56
C GLU B 524 31.58 4.69 -24.10
N LEU B 525 30.72 3.68 -24.14
CA LEU B 525 29.34 3.84 -23.72
C LEU B 525 29.27 4.18 -22.23
N GLY B 526 28.47 5.19 -21.91
CA GLY B 526 28.24 5.54 -20.52
C GLY B 526 29.33 6.35 -19.86
N GLU B 527 30.11 7.12 -20.61
CA GLU B 527 31.16 7.97 -20.06
C GLU B 527 30.95 9.41 -20.52
N TYR B 528 31.03 10.35 -19.57
CA TYR B 528 31.03 11.74 -19.99
C TYR B 528 32.43 12.17 -20.40
N GLY B 529 32.50 13.27 -21.14
CA GLY B 529 33.77 13.77 -21.64
C GLY B 529 34.38 14.87 -20.78
N GLY B 530 35.67 15.13 -21.05
CA GLY B 530 36.40 16.18 -20.34
C GLY B 530 37.28 17.00 -21.25
N GLY B 531 38.44 17.44 -20.75
CA GLY B 531 39.36 18.18 -21.58
C GLY B 531 39.21 19.69 -21.42
N GLY B 532 40.23 20.41 -21.88
CA GLY B 532 40.22 21.86 -21.82
C GLY B 532 40.57 22.40 -20.45
N GLU B 533 40.37 23.72 -20.29
CA GLU B 533 40.77 24.41 -19.06
C GLU B 533 39.80 24.22 -17.90
N TYR B 534 38.53 23.87 -18.15
CA TYR B 534 37.57 23.77 -17.07
C TYR B 534 37.05 22.34 -16.92
N MET B 535 36.50 22.06 -15.74
CA MET B 535 36.00 20.73 -15.40
C MET B 535 34.73 20.42 -16.20
N PRO B 536 34.39 19.13 -16.35
CA PRO B 536 33.15 18.78 -17.07
C PRO B 536 31.93 19.27 -16.31
N GLN B 537 31.00 19.88 -17.05
CA GLN B 537 29.86 20.59 -16.50
C GLN B 537 28.58 19.80 -16.71
N THR B 538 27.59 20.05 -15.86
CA THR B 538 26.34 19.32 -15.91
C THR B 538 25.15 20.28 -15.97
N GLY B 539 24.01 19.73 -16.37
CA GLY B 539 22.79 20.48 -16.55
C GLY B 539 21.84 19.64 -17.39
N PHE B 540 22.09 19.58 -18.69
CA PHE B 540 22.92 20.55 -19.39
C PHE B 540 22.14 20.93 -20.63
N GLY B 541 21.93 22.23 -20.80
CA GLY B 541 20.98 22.74 -21.79
C GLY B 541 20.80 21.97 -23.08
N TRP B 542 21.79 22.03 -23.98
CA TRP B 542 21.58 21.38 -25.26
C TRP B 542 21.63 19.86 -25.16
N SER B 543 22.27 19.31 -24.14
CA SER B 543 22.25 17.87 -23.98
C SER B 543 20.85 17.36 -23.66
N ASN B 544 20.20 17.99 -22.68
CA ASN B 544 18.81 17.62 -22.37
C ASN B 544 17.91 17.75 -23.59
N GLY B 545 18.05 18.86 -24.32
CA GLY B 545 17.16 19.12 -25.44
C GLY B 545 17.29 18.11 -26.57
N VAL B 546 18.52 17.67 -26.85
CA VAL B 546 18.74 16.70 -27.93
C VAL B 546 18.26 15.32 -27.53
N ILE B 547 18.37 14.98 -26.24
CA ILE B 547 17.81 13.73 -25.74
C ILE B 547 16.30 13.69 -25.95
N LEU B 548 15.61 14.75 -25.52
CA LEU B 548 14.17 14.82 -25.68
C LEU B 548 13.77 14.85 -27.16
N ALA B 549 14.48 15.64 -27.98
CA ALA B 549 14.15 15.71 -29.41
C ALA B 549 14.33 14.35 -30.08
N PHE B 550 15.45 13.67 -29.80
CA PHE B 550 15.67 12.34 -30.38
C PHE B 550 14.55 11.38 -29.98
N LEU B 551 14.15 11.41 -28.71
CA LEU B 551 13.10 10.51 -28.24
C LEU B 551 11.75 10.83 -28.89
N GLU B 552 11.45 12.10 -29.10
CA GLU B 552 10.23 12.44 -29.80
C GLU B 552 10.26 11.91 -31.23
N GLU B 553 11.42 12.00 -31.90
CA GLU B 553 11.49 11.61 -33.30
C GLU B 553 11.44 10.10 -33.47
N TYR B 554 12.15 9.35 -32.62
CA TYR B 554 12.33 7.91 -32.83
C TYR B 554 11.61 7.02 -31.82
N GLY B 555 11.13 7.57 -30.70
CA GLY B 555 10.52 6.71 -29.71
C GLY B 555 11.52 5.72 -29.13
N TRP B 556 10.98 4.71 -28.46
CA TRP B 556 11.81 3.63 -27.93
C TRP B 556 10.91 2.43 -27.66
N PRO B 557 11.06 1.35 -28.42
CA PRO B 557 10.14 0.21 -28.27
C PRO B 557 10.32 -0.49 -26.94
N SER B 558 9.19 -0.86 -26.32
CA SER B 558 9.21 -1.58 -25.06
C SER B 558 10.10 -2.80 -25.11
N HIS B 559 10.17 -3.46 -26.27
CA HIS B 559 10.98 -4.67 -26.45
C HIS B 559 12.47 -4.38 -26.55
N LEU B 560 12.87 -3.12 -26.66
CA LEU B 560 14.28 -2.74 -26.77
C LEU B 560 14.75 -2.21 -25.42
N SER B 561 15.78 -2.84 -24.86
CA SER B 561 16.26 -2.44 -23.56
C SER B 561 17.37 -1.41 -23.70
N ILE B 562 17.63 -0.71 -22.61
CA ILE B 562 18.65 0.34 -22.59
C ILE B 562 19.71 0.04 -21.54
N SER C 9 8.80 -7.12 35.53
CA SER C 9 9.68 -6.99 34.39
C SER C 9 9.07 -6.13 33.29
N GLY C 10 8.40 -5.04 33.68
CA GLY C 10 7.75 -4.13 32.75
C GLY C 10 7.55 -2.72 33.32
N PRO C 11 6.84 -1.89 32.57
CA PRO C 11 6.63 -0.50 32.99
C PRO C 11 5.72 -0.39 34.22
N VAL C 12 5.94 0.68 34.99
CA VAL C 12 5.09 1.06 36.12
C VAL C 12 4.66 2.51 35.91
N VAL C 13 3.36 2.75 35.91
CA VAL C 13 2.83 4.10 35.89
C VAL C 13 2.72 4.58 37.35
N ALA C 14 3.39 5.70 37.66
CA ALA C 14 3.42 6.17 39.04
C ALA C 14 2.07 6.71 39.48
N THR C 15 1.81 6.66 40.78
CA THR C 15 0.55 7.19 41.30
C THR C 15 0.78 8.62 41.84
N THR C 16 -0.24 9.19 42.47
CA THR C 16 -0.21 10.59 42.88
C THR C 16 0.10 10.71 44.37
N LYS C 17 0.49 11.91 44.77
CA LYS C 17 0.78 12.14 46.18
C LYS C 17 -0.45 11.91 47.04
N LEU C 18 -1.61 12.35 46.57
CA LEU C 18 -2.84 12.19 47.34
C LEU C 18 -3.16 10.71 47.57
N VAL C 19 -3.04 9.89 46.52
CA VAL C 19 -3.33 8.47 46.67
C VAL C 19 -2.38 7.85 47.69
N THR C 20 -1.10 8.19 47.59
CA THR C 20 -0.12 7.69 48.54
C THR C 20 -0.47 8.10 49.96
N PHE C 21 -0.93 9.34 50.14
CA PHE C 21 -1.31 9.78 51.49
C PHE C 21 -2.56 9.05 51.96
N LEU C 22 -3.56 8.94 51.10
CA LEU C 22 -4.81 8.28 51.50
C LEU C 22 -4.56 6.82 51.86
N GLN C 23 -3.50 6.22 51.30
CA GLN C 23 -3.12 4.88 51.73
C GLN C 23 -2.62 4.86 53.17
N ARG C 24 -1.96 5.93 53.62
CA ARG C 24 -1.57 6.02 55.02
C ARG C 24 -2.80 6.05 55.93
N VAL C 25 -3.79 6.87 55.56
CA VAL C 25 -5.04 6.91 56.31
C VAL C 25 -5.70 5.54 56.34
N GLN C 26 -5.67 4.84 55.20
CA GLN C 26 -6.31 3.54 55.06
C GLN C 26 -5.66 2.51 55.98
N HIS C 27 -4.34 2.44 55.97
CA HIS C 27 -3.64 1.51 56.86
C HIS C 27 -3.96 1.80 58.32
N THR C 28 -3.95 3.07 58.71
CA THR C 28 -4.31 3.45 60.07
C THR C 28 -5.77 3.11 60.36
N TYR C 33 -9.76 0.00 63.85
CA TYR C 33 -11.04 -0.71 63.95
C TYR C 33 -10.83 -2.17 64.29
N PRO C 34 -11.89 -2.84 64.72
CA PRO C 34 -11.90 -4.31 64.69
C PRO C 34 -12.19 -4.81 63.29
N LYS C 35 -11.60 -5.96 62.96
CA LYS C 35 -11.76 -6.56 61.63
C LYS C 35 -13.22 -6.81 61.27
N LYS C 36 -14.11 -6.81 62.26
CA LYS C 36 -15.53 -7.06 62.05
C LYS C 36 -16.29 -5.80 61.66
N GLN C 37 -15.76 -4.61 61.97
CA GLN C 37 -16.46 -3.36 61.76
C GLN C 37 -15.68 -2.39 60.87
N THR C 38 -14.56 -2.82 60.30
CA THR C 38 -13.77 -1.95 59.45
C THR C 38 -14.56 -1.58 58.20
N PRO C 39 -14.60 -0.31 57.81
CA PRO C 39 -15.33 0.06 56.59
C PRO C 39 -14.58 -0.40 55.35
N ASP C 40 -15.25 -0.26 54.21
CA ASP C 40 -14.70 -0.60 52.90
C ASP C 40 -13.39 0.16 52.71
N PRO C 41 -12.25 -0.55 52.63
CA PRO C 41 -10.95 0.14 52.52
C PRO C 41 -10.87 1.09 51.33
N LYS C 42 -11.60 0.78 50.26
CA LYS C 42 -11.63 1.63 49.08
C LYS C 42 -12.20 3.01 49.38
N SER C 43 -13.08 3.11 50.38
CA SER C 43 -13.69 4.40 50.70
C SER C 43 -12.66 5.43 51.15
N TYR C 44 -11.57 4.98 51.77
CA TYR C 44 -10.53 5.92 52.17
C TYR C 44 -9.77 6.48 50.97
N ILE C 45 -9.64 5.71 49.89
CA ILE C 45 -8.96 6.25 48.71
C ILE C 45 -9.89 7.10 47.87
N ASP C 46 -11.18 7.11 48.19
CA ASP C 46 -12.15 7.93 47.50
C ASP C 46 -12.46 9.21 48.26
N LEU C 47 -11.74 9.47 49.34
CA LEU C 47 -11.91 10.75 50.01
C LEU C 47 -11.39 11.89 49.13
N SER C 48 -11.81 13.11 49.46
CA SER C 48 -11.23 14.30 48.86
C SER C 48 -10.94 15.31 49.96
N LEU C 49 -9.92 16.14 49.75
CA LEU C 49 -9.51 17.10 50.79
C LEU C 49 -10.59 18.16 51.00
N LYS C 50 -10.97 18.39 52.25
CA LYS C 50 -12.00 19.39 52.52
C LYS C 50 -11.38 20.78 52.44
N ARG C 51 -11.96 21.64 51.61
CA ARG C 51 -11.49 23.01 51.49
C ARG C 51 -11.67 23.72 52.83
N PRO C 52 -10.78 24.67 53.16
CA PRO C 52 -9.66 25.20 52.38
C PRO C 52 -8.32 24.54 52.65
N TYR C 53 -8.33 23.39 53.31
CA TYR C 53 -7.11 22.77 53.81
C TYR C 53 -6.31 22.12 52.68
N SER C 54 -4.99 22.28 52.73
CA SER C 54 -4.08 21.71 51.75
C SER C 54 -3.69 20.30 52.17
N LEU C 55 -3.15 19.55 51.20
CA LEU C 55 -2.62 18.23 51.51
C LEU C 55 -1.52 18.32 52.56
N SER C 56 -0.60 19.29 52.39
CA SER C 56 0.47 19.44 53.38
C SER C 56 -0.10 19.65 54.78
N THR C 57 -1.07 20.55 54.92
CA THR C 57 -1.70 20.79 56.23
C THR C 57 -2.30 19.52 56.81
N ILE C 58 -3.09 18.81 55.98
CA ILE C 58 -3.82 17.65 56.48
C ILE C 58 -2.86 16.55 56.86
N GLU C 59 -1.83 16.34 56.05
CA GLU C 59 -0.85 15.31 56.38
C GLU C 59 -0.02 15.71 57.60
N SER C 60 0.17 17.01 57.84
CA SER C 60 0.82 17.44 59.07
C SER C 60 -0.04 17.09 60.28
N ALA C 61 -1.33 17.45 60.24
CA ALA C 61 -2.23 17.07 61.33
C ALA C 61 -2.26 15.56 61.53
N PHE C 62 -2.31 14.80 60.43
CA PHE C 62 -2.30 13.34 60.52
C PHE C 62 -1.04 12.83 61.19
N ASP C 63 0.11 13.42 60.85
CA ASP C 63 1.36 13.01 61.49
C ASP C 63 1.31 13.31 62.98
N ASP C 64 0.83 14.48 63.35
CA ASP C 64 0.68 14.82 64.77
C ASP C 64 -0.25 13.83 65.47
N LEU C 65 -1.42 13.57 64.88
CA LEU C 65 -2.39 12.69 65.50
C LEU C 65 -1.91 11.24 65.60
N THR C 66 -0.97 10.82 64.75
CA THR C 66 -0.50 9.45 64.80
C THR C 66 0.87 9.31 65.46
N SER C 67 1.57 10.42 65.68
CA SER C 67 2.83 10.40 66.41
C SER C 67 2.61 9.99 67.86
N PRO C 73 -2.00 2.56 68.38
CA PRO C 73 -3.14 2.56 67.46
C PRO C 73 -4.09 3.73 67.75
N VAL C 74 -4.38 4.53 66.74
CA VAL C 74 -5.26 5.68 66.96
C VAL C 74 -6.64 5.20 67.40
N PRO C 75 -7.22 5.77 68.46
CA PRO C 75 -8.59 5.40 68.82
C PRO C 75 -9.55 5.70 67.68
N VAL C 76 -10.51 4.80 67.48
CA VAL C 76 -11.51 4.97 66.42
C VAL C 76 -12.20 6.32 66.57
N GLU C 77 -12.43 6.73 67.81
CA GLU C 77 -13.04 8.03 68.09
C GLU C 77 -12.24 9.16 67.45
N THR C 78 -10.92 9.15 67.66
CA THR C 78 -10.05 10.20 67.14
C THR C 78 -10.00 10.16 65.62
N LEU C 79 -9.78 8.97 65.06
CA LEU C 79 -9.67 8.82 63.62
C LEU C 79 -10.92 9.31 62.92
N GLU C 80 -12.09 8.88 63.40
CA GLU C 80 -13.34 9.30 62.79
C GLU C 80 -13.49 10.81 62.83
N LYS C 81 -13.07 11.43 63.93
CA LYS C 81 -13.12 12.89 64.04
C LYS C 81 -12.17 13.55 63.05
N PHE C 82 -10.97 13.00 62.91
CA PHE C 82 -10.01 13.54 61.95
C PHE C 82 -10.55 13.43 60.53
N VAL C 83 -11.01 12.23 60.15
CA VAL C 83 -11.50 12.02 58.79
C VAL C 83 -12.65 12.99 58.51
N LYS C 84 -13.55 13.18 59.47
CA LYS C 84 -14.68 14.08 59.25
C LYS C 84 -14.21 15.53 59.15
N GLU C 85 -13.10 15.85 59.81
CA GLU C 85 -12.64 17.24 59.90
C GLU C 85 -11.97 17.71 58.63
N TYR C 86 -11.14 16.86 58.02
CA TYR C 86 -10.26 17.29 56.94
C TYR C 86 -10.63 16.76 55.56
N PHE C 87 -11.60 15.87 55.46
CA PHE C 87 -11.97 15.26 54.18
C PHE C 87 -13.46 15.40 53.93
N ASP C 88 -13.82 15.50 52.65
CA ASP C 88 -15.18 15.20 52.22
C ASP C 88 -15.25 13.71 51.93
N GLY C 89 -16.33 13.07 52.39
CA GLY C 89 -16.40 11.63 52.37
C GLY C 89 -16.46 11.05 50.96
N ALA C 90 -16.22 9.75 50.87
CA ALA C 90 -16.25 9.08 49.57
C ALA C 90 -17.57 9.34 48.86
N GLY C 91 -17.47 9.70 47.58
CA GLY C 91 -18.63 10.03 46.78
C GLY C 91 -19.14 11.44 46.91
N GLU C 92 -18.78 12.17 47.96
CA GLU C 92 -19.29 13.53 48.12
C GLU C 92 -18.97 14.41 46.93
N ASP C 93 -17.84 14.16 46.24
CA ASP C 93 -17.49 14.90 45.04
C ASP C 93 -18.11 14.32 43.77
N LEU C 94 -19.10 13.44 43.89
CA LEU C 94 -19.77 12.83 42.74
C LEU C 94 -21.26 13.07 42.91
N LEU C 95 -21.78 14.07 42.21
CA LEU C 95 -23.08 14.65 42.52
C LEU C 95 -24.16 14.02 41.67
N HIS C 96 -25.34 13.83 42.27
CA HIS C 96 -26.44 13.27 41.52
C HIS C 96 -26.82 14.21 40.38
N HIS C 97 -27.00 13.66 39.19
CA HIS C 97 -27.36 14.45 38.01
C HIS C 97 -28.58 13.84 37.35
N GLU C 98 -29.57 14.67 37.05
CA GLU C 98 -30.73 14.20 36.30
C GLU C 98 -30.36 14.13 34.82
N PRO C 99 -30.41 12.95 34.20
CA PRO C 99 -30.10 12.86 32.76
C PRO C 99 -31.08 13.69 31.93
N VAL C 100 -30.53 14.47 31.00
CA VAL C 100 -31.36 15.30 30.13
C VAL C 100 -32.20 14.48 29.17
N ASP C 101 -31.90 13.19 28.98
CA ASP C 101 -32.68 12.35 28.09
C ASP C 101 -33.50 11.31 28.84
N PHE C 102 -33.68 11.49 30.14
CA PHE C 102 -34.49 10.56 30.93
C PHE C 102 -35.93 11.03 31.01
N VAL C 103 -36.85 10.12 30.72
CA VAL C 103 -38.28 10.30 30.92
C VAL C 103 -38.81 9.06 31.63
N SER C 104 -39.81 9.26 32.50
CA SER C 104 -40.24 8.18 33.38
C SER C 104 -41.02 7.12 32.64
N ASP C 105 -41.75 7.51 31.59
CA ASP C 105 -42.60 6.61 30.84
C ASP C 105 -42.37 6.86 29.35
N PRO C 106 -41.27 6.36 28.81
CA PRO C 106 -40.91 6.67 27.42
C PRO C 106 -41.95 6.17 26.44
N SER C 107 -42.21 6.99 25.42
CA SER C 107 -43.03 6.58 24.29
C SER C 107 -42.37 5.40 23.58
N GLY C 108 -43.13 4.32 23.40
CA GLY C 108 -42.64 3.14 22.71
C GLY C 108 -41.70 2.26 23.52
N PHE C 109 -41.50 2.56 24.81
CA PHE C 109 -40.62 1.77 25.66
C PHE C 109 -41.07 0.33 25.79
N LEU C 110 -40.28 -0.60 25.27
CA LEU C 110 -40.55 -2.02 25.41
C LEU C 110 -41.96 -2.37 24.95
N SER C 111 -42.36 -1.79 23.82
CA SER C 111 -43.70 -2.04 23.29
C SER C 111 -43.90 -3.49 22.90
N ASN C 112 -42.83 -4.26 22.76
CA ASN C 112 -42.93 -5.67 22.40
C ASN C 112 -43.15 -6.58 23.60
N VAL C 113 -43.18 -6.03 24.81
CA VAL C 113 -43.32 -6.82 26.03
C VAL C 113 -44.81 -6.89 26.36
N GLU C 114 -45.46 -7.98 25.95
CA GLU C 114 -46.90 -8.12 26.15
C GLU C 114 -47.27 -8.18 27.62
N ASN C 115 -46.49 -8.90 28.41
CA ASN C 115 -46.83 -9.12 29.81
C ASN C 115 -46.74 -7.81 30.58
N GLU C 116 -47.86 -7.41 31.17
CA GLU C 116 -47.93 -6.11 31.86
C GLU C 116 -47.07 -6.11 33.12
N GLU C 117 -47.07 -7.23 33.85
CA GLU C 117 -46.23 -7.34 35.05
C GLU C 117 -44.76 -7.11 34.70
N VAL C 118 -44.29 -7.76 33.63
CA VAL C 118 -42.88 -7.69 33.27
C VAL C 118 -42.52 -6.31 32.71
N ARG C 119 -43.39 -5.76 31.85
CA ARG C 119 -43.12 -4.44 31.29
C ARG C 119 -43.05 -3.37 32.38
N GLU C 120 -43.90 -3.47 33.40
CA GLU C 120 -43.89 -2.47 34.47
C GLU C 120 -42.65 -2.63 35.36
N TRP C 121 -42.23 -3.87 35.63
CA TRP C 121 -41.00 -4.05 36.39
C TRP C 121 -39.81 -3.50 35.62
N ALA C 122 -39.78 -3.76 34.31
CA ALA C 122 -38.70 -3.23 33.47
C ALA C 122 -38.70 -1.71 33.46
N ARG C 123 -39.89 -1.10 33.52
CA ARG C 123 -39.97 0.35 33.68
C ARG C 123 -39.41 0.80 35.02
N GLU C 124 -39.52 -0.03 36.06
CA GLU C 124 -38.85 0.30 37.31
C GLU C 124 -37.33 0.18 37.16
N VAL C 125 -36.87 -0.82 36.42
CA VAL C 125 -35.43 -0.95 36.17
C VAL C 125 -34.94 0.26 35.38
N HIS C 126 -35.67 0.63 34.32
CA HIS C 126 -35.36 1.82 33.53
C HIS C 126 -35.21 3.04 34.42
N GLY C 127 -36.09 3.19 35.41
CA GLY C 127 -35.99 4.29 36.35
C GLY C 127 -34.70 4.31 37.14
N LEU C 128 -34.03 3.16 37.26
CA LEU C 128 -32.81 3.13 38.06
C LEU C 128 -31.67 3.88 37.42
N TRP C 129 -31.77 4.25 36.14
CA TRP C 129 -30.71 5.04 35.54
C TRP C 129 -30.49 6.34 36.30
N ARG C 130 -31.54 6.87 36.95
CA ARG C 130 -31.39 8.10 37.72
C ARG C 130 -30.48 7.87 38.93
N ASN C 131 -30.59 6.71 39.57
CA ASN C 131 -29.74 6.42 40.71
C ASN C 131 -28.27 6.34 40.33
N LEU C 132 -27.99 5.86 39.12
CA LEU C 132 -26.62 5.70 38.66
C LEU C 132 -26.10 6.92 37.93
N SER C 133 -26.92 7.95 37.77
CA SER C 133 -26.56 9.11 36.97
C SER C 133 -25.94 10.16 37.87
N CYS C 134 -24.73 10.61 37.54
CA CYS C 134 -24.08 11.60 38.37
C CYS C 134 -23.09 12.39 37.54
N ARG C 135 -22.49 13.38 38.20
CA ARG C 135 -21.68 14.37 37.49
C ARG C 135 -20.58 14.82 38.42
N VAL C 136 -19.37 14.87 37.87
CA VAL C 136 -18.19 15.26 38.60
C VAL C 136 -18.35 16.69 39.14
N SER C 137 -18.03 16.88 40.42
CA SER C 137 -18.24 18.20 41.03
C SER C 137 -17.30 19.25 40.43
N ASP C 138 -17.70 20.52 40.57
CA ASP C 138 -16.91 21.61 40.01
C ASP C 138 -15.50 21.63 40.61
N SER C 139 -15.38 21.29 41.90
CA SER C 139 -14.08 21.22 42.54
C SER C 139 -13.15 20.24 41.81
N VAL C 140 -13.69 19.10 41.36
CA VAL C 140 -12.86 18.13 40.65
C VAL C 140 -12.31 18.73 39.38
N ARG C 141 -13.14 19.45 38.63
CA ARG C 141 -12.66 20.09 37.40
C ARG C 141 -11.66 21.20 37.71
N GLU C 142 -11.95 22.03 38.73
CA GLU C 142 -11.13 23.21 39.00
C GLU C 142 -9.85 22.88 39.75
N SER C 143 -9.90 21.99 40.75
CA SER C 143 -8.72 21.63 41.54
C SER C 143 -8.60 20.10 41.62
N ALA C 144 -8.18 19.50 40.49
CA ALA C 144 -8.10 18.05 40.41
C ALA C 144 -7.17 17.46 41.46
N ASP C 145 -6.18 18.26 41.91
CA ASP C 145 -5.22 17.90 42.95
C ASP C 145 -5.88 17.33 44.19
N ARG C 146 -7.07 17.82 44.51
CA ARG C 146 -7.70 17.56 45.79
C ARG C 146 -8.55 16.29 45.79
N HIS C 147 -8.66 15.60 44.66
CA HIS C 147 -9.58 14.50 44.48
C HIS C 147 -8.88 13.32 43.82
N THR C 148 -9.35 12.11 44.11
CA THR C 148 -8.92 10.97 43.31
C THR C 148 -9.89 10.68 42.19
N LEU C 149 -11.15 11.11 42.34
CA LEU C 149 -12.08 11.20 41.23
C LEU C 149 -11.47 12.00 40.09
N LEU C 150 -11.45 11.40 38.88
CA LEU C 150 -10.81 12.19 37.84
C LEU C 150 -11.82 13.15 37.19
N PRO C 151 -11.39 14.29 36.69
CA PRO C 151 -12.33 15.18 36.00
C PRO C 151 -12.77 14.57 34.68
N LEU C 152 -14.03 14.81 34.31
CA LEU C 152 -14.59 14.31 33.06
C LEU C 152 -15.47 15.36 32.42
N PRO C 153 -15.54 15.40 31.08
CA PRO C 153 -16.30 16.47 30.41
C PRO C 153 -17.82 16.34 30.49
N GLU C 154 -18.36 15.14 30.70
CA GLU C 154 -19.79 14.91 30.63
C GLU C 154 -20.26 14.11 31.84
N PRO C 155 -21.55 14.18 32.17
CA PRO C 155 -22.09 13.34 33.24
C PRO C 155 -21.92 11.86 32.91
N VAL C 156 -21.98 11.04 33.95
CA VAL C 156 -21.63 9.62 33.84
C VAL C 156 -22.82 8.75 34.26
N ILE C 157 -22.71 7.48 33.93
CA ILE C 157 -23.45 6.40 34.59
C ILE C 157 -22.42 5.52 35.27
N ILE C 158 -22.64 5.22 36.55
CA ILE C 158 -21.66 4.44 37.31
C ILE C 158 -22.20 3.03 37.51
N PRO C 159 -21.35 2.05 37.82
CA PRO C 159 -21.90 0.72 38.14
C PRO C 159 -22.85 0.75 39.32
N GLY C 160 -22.48 1.47 40.37
CA GLY C 160 -23.31 1.65 41.54
C GLY C 160 -22.57 1.28 42.81
N SER C 161 -23.15 1.71 43.92
CA SER C 161 -22.71 1.43 45.31
C SER C 161 -21.23 1.81 45.46
N ARG C 162 -20.35 0.91 45.90
CA ARG C 162 -18.94 1.23 46.13
C ARG C 162 -18.22 1.64 44.86
N PHE C 163 -18.78 1.36 43.69
CA PHE C 163 -18.13 1.70 42.42
C PHE C 163 -18.56 3.10 42.04
N ARG C 164 -17.97 4.10 42.72
CA ARG C 164 -18.44 5.48 42.62
C ARG C 164 -17.61 6.26 41.61
N GLU C 165 -17.62 5.74 40.38
CA GLU C 165 -16.84 6.30 39.30
C GLU C 165 -17.17 5.48 38.05
N VAL C 166 -17.05 6.09 36.88
CA VAL C 166 -17.29 5.35 35.65
C VAL C 166 -16.23 4.27 35.49
N TYR C 167 -16.64 3.11 34.99
CA TYR C 167 -15.73 2.03 34.62
C TYR C 167 -15.79 1.81 33.11
N TYR C 168 -14.72 1.22 32.57
CA TYR C 168 -14.62 1.08 31.12
C TYR C 168 -15.59 0.04 30.56
N TRP C 169 -15.33 -1.25 30.72
CA TRP C 169 -16.12 -2.18 29.92
C TRP C 169 -17.57 -2.29 30.39
N ASP C 170 -17.86 -1.97 31.66
CA ASP C 170 -19.25 -1.88 32.11
C ASP C 170 -20.07 -1.00 31.18
N SER C 171 -19.47 0.08 30.68
CA SER C 171 -20.20 1.07 29.92
C SER C 171 -20.82 0.51 28.65
N TYR C 172 -20.29 -0.59 28.12
CA TYR C 172 -20.88 -1.15 26.91
C TYR C 172 -22.28 -1.69 27.19
N TRP C 173 -22.41 -2.51 28.22
CA TRP C 173 -23.73 -3.09 28.50
C TRP C 173 -24.65 -2.05 29.10
N VAL C 174 -24.09 -1.09 29.83
CA VAL C 174 -24.85 0.10 30.21
C VAL C 174 -25.42 0.80 28.98
N ILE C 175 -24.60 0.94 27.93
CA ILE C 175 -25.03 1.66 26.75
C ILE C 175 -26.12 0.88 26.00
N LYS C 176 -26.00 -0.45 25.97
CA LYS C 176 -27.06 -1.25 25.34
C LYS C 176 -28.40 -1.03 26.05
N GLY C 177 -28.39 -0.89 27.37
CA GLY C 177 -29.61 -0.56 28.08
C GLY C 177 -30.07 0.86 27.85
N LEU C 178 -29.12 1.80 27.79
CA LEU C 178 -29.47 3.20 27.56
C LEU C 178 -30.19 3.38 26.24
N MET C 179 -29.80 2.61 25.22
CA MET C 179 -30.48 2.67 23.94
C MET C 179 -31.93 2.20 24.05
N THR C 180 -32.14 1.07 24.72
CA THR C 180 -33.51 0.63 25.01
C THR C 180 -34.27 1.69 25.78
N SER C 181 -33.60 2.38 26.68
CA SER C 181 -34.22 3.43 27.48
C SER C 181 -34.36 4.75 26.74
N GLN C 182 -33.97 4.80 25.46
CA GLN C 182 -34.05 6.00 24.62
C GLN C 182 -33.25 7.15 25.22
N MET C 183 -32.05 6.86 25.72
CA MET C 183 -31.20 7.86 26.35
C MET C 183 -29.88 7.94 25.58
N PHE C 184 -29.96 8.46 24.35
CA PHE C 184 -28.78 8.45 23.50
C PHE C 184 -27.81 9.58 23.80
N THR C 185 -28.26 10.61 24.51
CA THR C 185 -27.36 11.67 24.93
C THR C 185 -26.48 11.21 26.08
N THR C 186 -27.08 10.59 27.09
CA THR C 186 -26.30 9.99 28.17
C THR C 186 -25.38 8.90 27.64
N ALA C 187 -25.86 8.08 26.70
CA ALA C 187 -25.02 7.05 26.11
C ALA C 187 -23.81 7.66 25.40
N LYS C 188 -24.03 8.73 24.62
CA LYS C 188 -22.92 9.42 23.97
C LYS C 188 -21.97 10.01 25.00
N GLY C 189 -22.51 10.51 26.11
CA GLY C 189 -21.66 11.15 27.11
C GLY C 189 -20.67 10.18 27.74
N LEU C 190 -21.09 8.93 27.93
CA LEU C 190 -20.17 7.90 28.40
C LEU C 190 -19.01 7.75 27.44
N VAL C 191 -19.30 7.63 26.15
CA VAL C 191 -18.26 7.49 25.13
C VAL C 191 -17.37 8.72 25.11
N THR C 192 -17.96 9.91 25.22
CA THR C 192 -17.17 11.13 25.27
C THR C 192 -16.23 11.13 26.48
N ASN C 193 -16.72 10.64 27.62
CA ASN C 193 -15.88 10.54 28.80
C ASN C 193 -14.73 9.55 28.59
N LEU C 194 -15.04 8.38 28.03
CA LEU C 194 -13.97 7.40 27.84
C LEU C 194 -12.97 7.85 26.78
N MET C 195 -13.43 8.55 25.75
CA MET C 195 -12.50 9.09 24.76
C MET C 195 -11.58 10.14 25.37
N SER C 196 -12.07 10.92 26.33
CA SER C 196 -11.18 11.87 26.99
C SER C 196 -10.08 11.15 27.75
N LEU C 197 -10.38 9.98 28.33
CA LEU C 197 -9.35 9.22 29.02
C LEU C 197 -8.30 8.69 28.05
N VAL C 198 -8.73 8.21 26.87
CA VAL C 198 -7.78 7.79 25.86
C VAL C 198 -6.90 8.96 25.44
N GLU C 199 -7.51 10.13 25.23
CA GLU C 199 -6.73 11.29 24.83
C GLU C 199 -5.71 11.66 25.90
N THR C 200 -6.11 11.61 27.17
CA THR C 200 -5.21 12.00 28.25
C THR C 200 -4.14 10.95 28.50
N TYR C 201 -4.51 9.67 28.50
CA TYR C 201 -3.59 8.65 28.97
C TYR C 201 -3.03 7.74 27.89
N GLY C 202 -3.65 7.68 26.71
CA GLY C 202 -3.28 6.76 25.68
C GLY C 202 -4.11 5.48 25.65
N TYR C 203 -4.98 5.30 26.63
CA TYR C 203 -5.82 4.13 26.79
C TYR C 203 -6.94 4.52 27.74
N ALA C 204 -8.05 3.79 27.66
CA ALA C 204 -9.16 4.03 28.58
C ALA C 204 -8.86 3.33 29.91
N LEU C 205 -8.93 4.09 31.00
CA LEU C 205 -8.57 3.53 32.30
C LEU C 205 -9.58 2.49 32.75
N ASN C 206 -9.09 1.53 33.57
CA ASN C 206 -9.93 0.63 34.35
C ASN C 206 -11.17 1.34 34.87
N GLY C 207 -10.98 2.52 35.45
CA GLY C 207 -12.03 3.40 35.91
C GLY C 207 -11.50 4.80 36.05
N ALA C 208 -12.40 5.74 36.30
CA ALA C 208 -12.01 7.15 36.32
C ALA C 208 -11.60 7.59 37.73
N ARG C 209 -10.57 6.93 38.25
CA ARG C 209 -9.93 7.27 39.53
C ARG C 209 -8.42 7.32 39.34
N ALA C 210 -7.76 8.12 40.18
CA ALA C 210 -6.31 8.29 40.04
C ALA C 210 -5.58 6.97 40.23
N TYR C 211 -6.13 6.08 41.05
CA TYR C 211 -5.47 4.79 41.28
C TYR C 211 -5.69 3.80 40.15
N TYR C 212 -6.38 4.20 39.08
CA TYR C 212 -6.52 3.34 37.91
C TYR C 212 -5.71 3.82 36.70
N THR C 213 -4.87 4.85 36.85
CA THR C 213 -4.13 5.31 35.68
C THR C 213 -3.13 4.30 35.16
N ASN C 214 -2.80 3.27 35.93
CA ASN C 214 -1.80 2.28 35.55
C ASN C 214 -2.34 1.15 34.66
N ARG C 215 -3.64 1.12 34.37
CA ARG C 215 -4.16 0.00 33.58
C ARG C 215 -5.45 0.38 32.85
N SER C 216 -5.85 -0.50 31.93
CA SER C 216 -7.06 -0.33 31.13
C SER C 216 -8.14 -1.32 31.59
N GLN C 217 -8.89 -1.86 30.64
CA GLN C 217 -9.94 -2.84 30.88
C GLN C 217 -10.31 -3.44 29.52
N PRO C 218 -11.16 -4.46 29.44
CA PRO C 218 -11.52 -5.03 28.11
C PRO C 218 -11.95 -3.95 27.14
N PRO C 219 -11.43 -3.95 25.91
CA PRO C 219 -11.59 -2.77 25.06
C PRO C 219 -12.91 -2.72 24.28
N LEU C 220 -13.95 -2.20 24.91
CA LEU C 220 -15.29 -2.15 24.35
C LEU C 220 -15.64 -0.79 23.75
N LEU C 221 -14.70 0.17 23.73
CA LEU C 221 -15.03 1.51 23.25
C LEU C 221 -15.48 1.51 21.80
N SER C 222 -14.78 0.78 20.93
CA SER C 222 -15.20 0.75 19.53
C SER C 222 -16.62 0.24 19.41
N SER C 223 -17.00 -0.74 20.23
CA SER C 223 -18.36 -1.27 20.15
C SER C 223 -19.38 -0.27 20.68
N MET C 224 -19.02 0.49 21.71
CA MET C 224 -19.90 1.57 22.15
C MET C 224 -20.13 2.59 21.05
N VAL C 225 -19.05 3.00 20.36
CA VAL C 225 -19.21 3.99 19.30
C VAL C 225 -20.02 3.41 18.15
N TYR C 226 -19.69 2.19 17.75
CA TYR C 226 -20.43 1.53 16.68
C TYR C 226 -21.93 1.48 16.97
N GLU C 227 -22.30 1.13 18.21
CA GLU C 227 -23.71 0.93 18.51
C GLU C 227 -24.48 2.24 18.48
N ILE C 228 -23.91 3.31 19.04
CA ILE C 228 -24.59 4.61 19.01
C ILE C 228 -24.71 5.10 17.58
N TYR C 229 -23.61 5.04 16.81
CA TYR C 229 -23.65 5.52 15.44
C TYR C 229 -24.62 4.71 14.60
N ASN C 230 -24.71 3.41 14.85
CA ASN C 230 -25.66 2.56 14.13
C ASN C 230 -27.09 3.05 14.25
N VAL C 231 -27.39 3.79 15.31
CA VAL C 231 -28.74 4.31 15.55
C VAL C 231 -28.85 5.79 15.18
N THR C 232 -27.95 6.61 15.71
CA THR C 232 -28.05 8.05 15.52
C THR C 232 -27.37 8.55 14.24
N LYS C 233 -26.45 7.77 13.67
CA LYS C 233 -25.69 8.16 12.49
C LYS C 233 -24.95 9.48 12.71
N ASP C 234 -24.53 9.70 13.96
CA ASP C 234 -23.70 10.82 14.39
C ASP C 234 -22.32 10.73 13.72
N GLU C 235 -22.17 11.35 12.55
CA GLU C 235 -20.92 11.21 11.80
C GLU C 235 -19.76 11.88 12.51
N GLU C 236 -20.00 13.00 13.19
CA GLU C 236 -18.94 13.66 13.92
C GLU C 236 -18.37 12.75 15.00
N LEU C 237 -19.24 11.99 15.69
CA LEU C 237 -18.76 11.09 16.73
C LEU C 237 -17.75 10.09 16.18
N VAL C 238 -18.10 9.42 15.07
CA VAL C 238 -17.20 8.45 14.48
C VAL C 238 -15.89 9.11 14.05
N ARG C 239 -15.99 10.29 13.43
CA ARG C 239 -14.78 11.00 13.02
C ARG C 239 -13.87 11.28 14.21
N LYS C 240 -14.46 11.74 15.31
CA LYS C 240 -13.68 11.97 16.53
C LYS C 240 -13.11 10.66 17.09
N ALA C 241 -13.85 9.56 16.98
CA ALA C 241 -13.43 8.31 17.61
C ALA C 241 -12.27 7.64 16.89
N ILE C 242 -12.22 7.75 15.55
CA ILE C 242 -11.29 6.92 14.77
C ILE C 242 -9.84 7.10 15.21
N PRO C 243 -9.28 8.31 15.29
CA PRO C 243 -7.89 8.43 15.76
C PRO C 243 -7.70 7.96 17.19
N LEU C 244 -8.68 8.15 18.07
CA LEU C 244 -8.55 7.64 19.43
C LEU C 244 -8.63 6.11 19.46
N LEU C 245 -9.50 5.53 18.64
CA LEU C 245 -9.55 4.07 18.53
C LEU C 245 -8.26 3.52 17.94
N LEU C 246 -7.68 4.24 16.97
CA LEU C 246 -6.37 3.84 16.44
C LEU C 246 -5.31 3.85 17.53
N LYS C 247 -5.32 4.89 18.37
CA LYS C 247 -4.39 4.94 19.49
C LYS C 247 -4.57 3.73 20.40
N GLU C 248 -5.82 3.47 20.82
CA GLU C 248 -6.09 2.33 21.69
C GLU C 248 -5.64 1.02 21.05
N TYR C 249 -5.94 0.85 19.76
CA TYR C 249 -5.54 -0.37 19.07
C TYR C 249 -4.03 -0.58 19.15
N GLU C 250 -3.24 0.48 18.91
CA GLU C 250 -1.79 0.34 18.98
C GLU C 250 -1.33 -0.02 20.39
N PHE C 251 -2.00 0.54 21.40
CA PHE C 251 -1.70 0.21 22.79
C PHE C 251 -1.87 -1.29 23.05
N TRP C 252 -2.97 -1.87 22.57
CA TRP C 252 -3.19 -3.30 22.77
C TRP C 252 -2.28 -4.16 21.90
N ASN C 253 -1.69 -3.58 20.87
CA ASN C 253 -0.90 -4.31 19.90
C ASN C 253 0.57 -3.89 19.91
N SER C 254 1.07 -3.41 21.04
CA SER C 254 2.48 -3.04 21.13
C SER C 254 2.95 -3.28 22.56
N GLY C 255 4.27 -3.29 22.73
CA GLY C 255 4.83 -3.41 24.06
C GLY C 255 4.42 -4.72 24.72
N LYS C 256 4.23 -4.65 26.03
CA LYS C 256 3.93 -5.84 26.82
C LYS C 256 2.56 -6.44 26.47
N HIS C 257 1.67 -5.69 25.82
CA HIS C 257 0.36 -6.26 25.50
C HIS C 257 0.40 -7.17 24.27
N LYS C 258 1.43 -7.06 23.44
CA LYS C 258 1.48 -7.81 22.20
C LYS C 258 2.18 -9.14 22.43
N VAL C 259 1.58 -10.21 21.93
CA VAL C 259 2.23 -11.52 21.98
C VAL C 259 2.16 -12.10 20.59
N VAL C 260 3.15 -12.92 20.26
CA VAL C 260 3.23 -13.56 18.96
C VAL C 260 3.36 -15.06 19.19
N ILE C 261 2.46 -15.82 18.60
CA ILE C 261 2.49 -17.28 18.70
C ILE C 261 2.61 -17.87 17.29
N ARG C 262 3.59 -18.73 17.11
CA ARG C 262 3.89 -19.33 15.82
C ARG C 262 3.26 -20.70 15.75
N ASP C 263 2.47 -20.96 14.70
CA ASP C 263 1.77 -22.24 14.61
C ASP C 263 2.68 -23.30 13.98
N ALA C 264 2.11 -24.50 13.82
CA ALA C 264 2.88 -25.66 13.35
C ALA C 264 3.42 -25.47 11.94
N ASN C 265 2.84 -24.58 11.15
CA ASN C 265 3.33 -24.28 9.82
C ASN C 265 4.24 -23.06 9.79
N GLY C 266 4.60 -22.52 10.96
CA GLY C 266 5.50 -21.39 11.03
C GLY C 266 4.88 -20.04 10.77
N TYR C 267 3.55 -19.92 10.85
CA TYR C 267 2.88 -18.64 10.68
C TYR C 267 2.76 -17.98 12.04
N ASP C 268 3.16 -16.71 12.11
CA ASP C 268 3.06 -15.94 13.35
C ASP C 268 1.66 -15.35 13.48
N HIS C 269 1.04 -15.55 14.63
CA HIS C 269 -0.27 -14.99 14.91
C HIS C 269 -0.09 -13.91 15.97
N VAL C 270 -0.65 -12.73 15.72
CA VAL C 270 -0.48 -11.58 16.59
C VAL C 270 -1.70 -11.49 17.48
N LEU C 271 -1.50 -11.65 18.80
CA LEU C 271 -2.59 -11.61 19.76
C LEU C 271 -2.20 -10.70 20.91
N SER C 272 -3.14 -10.50 21.81
CA SER C 272 -2.94 -9.59 22.93
C SER C 272 -3.16 -10.29 24.26
N ARG C 273 -2.53 -9.73 25.29
CA ARG C 273 -2.72 -10.17 26.67
C ARG C 273 -2.98 -8.95 27.53
N TYR C 274 -3.54 -9.19 28.70
CA TYR C 274 -3.61 -8.13 29.69
C TYR C 274 -2.24 -7.96 30.34
N TYR C 275 -1.97 -6.74 30.79
CA TYR C 275 -0.69 -6.43 31.39
C TYR C 275 -0.76 -5.07 32.08
N ALA C 276 -1.08 -5.10 33.37
CA ALA C 276 -1.14 -3.87 34.13
C ALA C 276 0.25 -3.30 34.33
N MET C 277 0.35 -1.98 34.26
CA MET C 277 1.63 -1.30 34.47
C MET C 277 1.72 -0.89 35.94
N TRP C 278 1.78 -1.91 36.80
CA TRP C 278 1.66 -1.75 38.24
C TRP C 278 2.26 -3.02 38.85
N ASN C 279 3.10 -2.87 39.88
CA ASN C 279 3.66 -4.04 40.55
C ASN C 279 3.64 -3.90 42.06
N LYS C 280 2.66 -3.15 42.59
CA LYS C 280 2.48 -2.89 44.02
C LYS C 280 1.06 -3.31 44.42
N PRO C 281 0.74 -3.34 45.71
CA PRO C 281 -0.67 -3.44 46.11
C PRO C 281 -1.50 -2.39 45.38
N ARG C 282 -2.71 -2.78 44.99
CA ARG C 282 -3.67 -1.81 44.48
C ARG C 282 -4.09 -0.89 45.62
N PRO C 283 -4.03 0.44 45.44
CA PRO C 283 -4.39 1.34 46.55
C PRO C 283 -5.81 1.16 47.04
N GLU C 284 -6.74 0.79 46.15
CA GLU C 284 -8.11 0.59 46.58
C GLU C 284 -8.25 -0.63 47.48
N SER C 285 -7.27 -1.53 47.46
CA SER C 285 -7.27 -2.78 48.21
C SER C 285 -5.96 -3.01 48.92
N SER C 286 -5.32 -1.94 49.42
CA SER C 286 -3.92 -2.04 49.84
C SER C 286 -3.68 -3.21 50.78
N VAL C 287 -4.48 -3.29 51.85
CA VAL C 287 -4.14 -4.24 52.92
C VAL C 287 -4.44 -5.66 52.49
N PHE C 288 -5.60 -5.88 51.87
CA PHE C 288 -5.91 -7.20 51.29
C PHE C 288 -4.77 -7.68 50.39
N ASP C 289 -4.25 -6.82 49.52
CA ASP C 289 -3.20 -7.25 48.60
C ASP C 289 -1.90 -7.55 49.35
N GLU C 290 -1.51 -6.71 50.31
CA GLU C 290 -0.34 -7.01 51.13
C GLU C 290 -0.48 -8.38 51.81
N GLU C 291 -1.65 -8.62 52.42
CA GLU C 291 -1.88 -9.94 53.04
C GLU C 291 -1.84 -11.06 52.02
N SER C 292 -2.44 -10.83 50.85
CA SER C 292 -2.37 -11.81 49.76
C SER C 292 -0.93 -12.20 49.47
N ALA C 293 -0.01 -11.24 49.54
CA ALA C 293 1.37 -11.48 49.13
C ALA C 293 2.29 -11.80 50.31
N SER C 294 1.76 -11.84 51.54
CA SER C 294 2.61 -11.98 52.72
C SER C 294 3.40 -13.29 52.73
N GLY C 295 2.97 -14.30 51.97
CA GLY C 295 3.68 -15.56 51.97
C GLY C 295 4.90 -15.62 51.10
N PHE C 296 5.15 -14.59 50.28
CA PHE C 296 6.33 -14.50 49.43
C PHE C 296 7.49 -13.91 50.23
N SER C 297 8.68 -14.52 50.08
CA SER C 297 9.82 -14.14 50.90
C SER C 297 10.49 -12.85 50.44
N THR C 298 10.73 -12.69 49.14
CA THR C 298 11.50 -11.57 48.62
C THR C 298 10.58 -10.49 48.05
N MET C 299 11.15 -9.30 47.87
CA MET C 299 10.38 -8.20 47.28
C MET C 299 10.11 -8.43 45.80
N LEU C 300 10.99 -9.16 45.11
CA LEU C 300 10.80 -9.38 43.68
C LEU C 300 9.73 -10.41 43.41
N GLU C 301 9.57 -11.40 44.28
CA GLU C 301 8.45 -12.33 44.17
C GLU C 301 7.12 -11.60 44.36
N LYS C 302 7.05 -10.71 45.37
CA LYS C 302 5.83 -9.94 45.59
C LYS C 302 5.50 -9.07 44.38
N GLN C 303 6.51 -8.41 43.80
CA GLN C 303 6.25 -7.53 42.66
C GLN C 303 5.59 -8.28 41.51
N ARG C 304 6.10 -9.47 41.20
CA ARG C 304 5.50 -10.29 40.14
C ARG C 304 4.07 -10.65 40.47
N PHE C 305 3.82 -11.08 41.70
CA PHE C 305 2.45 -11.38 42.14
C PHE C 305 1.56 -10.15 42.04
N HIS C 306 2.02 -9.00 42.54
CA HIS C 306 1.21 -7.78 42.48
C HIS C 306 0.89 -7.37 41.05
N ARG C 307 1.86 -7.52 40.13
CA ARG C 307 1.52 -7.21 38.73
C ARG C 307 0.45 -8.16 38.21
N ASP C 308 0.53 -9.44 38.57
CA ASP C 308 -0.47 -10.40 38.10
C ASP C 308 -1.84 -10.13 38.72
N ILE C 309 -1.86 -9.61 39.95
CA ILE C 309 -3.13 -9.24 40.58
C ILE C 309 -3.73 -8.02 39.89
N ALA C 310 -2.93 -6.97 39.67
CA ALA C 310 -3.41 -5.79 38.96
C ALA C 310 -3.83 -6.13 37.54
N THR C 311 -3.17 -7.13 36.94
CA THR C 311 -3.53 -7.52 35.58
C THR C 311 -4.86 -8.27 35.56
N ALA C 312 -5.16 -9.05 36.59
CA ALA C 312 -6.50 -9.63 36.70
C ALA C 312 -7.56 -8.54 36.87
N ALA C 313 -7.21 -7.42 37.53
CA ALA C 313 -8.13 -6.29 37.57
C ALA C 313 -8.35 -5.70 36.18
N GLU C 314 -7.28 -5.60 35.37
CA GLU C 314 -7.44 -5.07 34.00
C GLU C 314 -8.31 -5.98 33.17
N SER C 315 -8.30 -7.29 33.47
CA SER C 315 -9.14 -8.25 32.76
C SER C 315 -10.62 -7.98 32.94
N GLY C 316 -11.01 -7.19 33.94
CA GLY C 316 -12.41 -7.00 34.24
C GLY C 316 -13.02 -8.12 35.06
N CYS C 317 -12.28 -9.21 35.29
CA CYS C 317 -12.78 -10.40 35.99
C CYS C 317 -11.88 -10.75 37.17
N ALA C 318 -11.72 -9.81 38.10
CA ALA C 318 -10.98 -10.04 39.34
C ALA C 318 -11.94 -10.56 40.39
N PHE C 319 -11.74 -11.79 40.87
CA PHE C 319 -10.71 -12.75 40.45
C PHE C 319 -11.33 -14.11 40.12
N SER C 320 -10.53 -15.05 39.60
CA SER C 320 -11.08 -16.28 39.04
C SER C 320 -10.00 -17.36 38.93
N THR C 321 -10.41 -18.62 39.15
CA THR C 321 -9.57 -19.77 38.79
C THR C 321 -8.99 -19.64 37.39
N ARG C 322 -9.69 -18.95 36.49
CA ARG C 322 -9.22 -18.75 35.11
C ARG C 322 -7.81 -18.19 35.05
N TRP C 323 -7.46 -17.33 36.00
CA TRP C 323 -6.16 -16.65 35.99
C TRP C 323 -5.15 -17.30 36.92
N MET C 324 -5.50 -18.38 37.59
CA MET C 324 -4.61 -19.04 38.55
C MET C 324 -3.80 -20.12 37.88
N ARG C 325 -2.49 -20.15 38.17
CA ARG C 325 -1.68 -21.21 37.59
C ARG C 325 -2.03 -22.57 38.21
N ASP C 326 -2.32 -22.58 39.51
CA ASP C 326 -2.71 -23.78 40.24
C ASP C 326 -3.98 -23.47 41.03
N PRO C 327 -5.13 -23.45 40.36
CA PRO C 327 -6.36 -23.15 41.07
C PRO C 327 -6.67 -24.24 42.07
N PRO C 328 -7.34 -23.90 43.19
CA PRO C 328 -7.85 -22.57 43.52
C PRO C 328 -6.92 -21.75 44.41
N ASN C 329 -5.60 -21.87 44.27
CA ASN C 329 -4.67 -21.15 45.14
C ASN C 329 -4.49 -19.74 44.61
N PHE C 330 -5.05 -18.78 45.33
CA PHE C 330 -5.04 -17.38 44.95
C PHE C 330 -3.63 -16.85 44.71
N THR C 331 -2.64 -17.33 45.47
CA THR C 331 -1.29 -16.81 45.32
C THR C 331 -0.61 -17.27 44.04
N THR C 332 -1.22 -18.18 43.28
CA THR C 332 -0.67 -18.54 41.98
C THR C 332 -1.29 -17.73 40.85
N MET C 333 -1.91 -16.59 41.16
CA MET C 333 -2.43 -15.73 40.11
C MET C 333 -1.34 -15.47 39.07
N ALA C 334 -1.69 -15.62 37.80
CA ALA C 334 -0.69 -15.61 36.73
C ALA C 334 -1.24 -14.93 35.49
N THR C 335 -1.97 -13.83 35.68
CA THR C 335 -2.76 -13.25 34.60
C THR C 335 -1.90 -12.86 33.40
N THR C 336 -0.66 -12.38 33.63
CA THR C 336 0.18 -11.96 32.51
C THR C 336 0.64 -13.10 31.61
N SER C 337 0.51 -14.37 32.03
CA SER C 337 0.84 -15.48 31.14
C SER C 337 -0.29 -15.89 30.21
N VAL C 338 -1.48 -15.29 30.33
CA VAL C 338 -2.67 -15.80 29.65
C VAL C 338 -2.95 -14.96 28.41
N VAL C 339 -3.04 -15.63 27.27
CA VAL C 339 -3.60 -15.03 26.06
C VAL C 339 -5.10 -15.31 26.06
N PRO C 340 -5.93 -14.33 26.43
CA PRO C 340 -7.33 -14.65 26.74
C PRO C 340 -8.24 -14.64 25.54
N VAL C 341 -9.18 -15.60 25.55
CA VAL C 341 -10.15 -15.70 24.46
C VAL C 341 -10.92 -14.40 24.33
N ASP C 342 -11.44 -13.88 25.45
CA ASP C 342 -12.39 -12.77 25.36
C ASP C 342 -11.68 -11.47 25.00
N LEU C 343 -10.50 -11.22 25.57
CA LEU C 343 -9.73 -10.04 25.18
C LEU C 343 -9.60 -9.98 23.67
N ASN C 344 -9.25 -11.10 23.06
CA ASN C 344 -8.98 -11.10 21.62
C ASN C 344 -10.26 -11.14 20.79
N VAL C 345 -11.38 -11.55 21.38
CA VAL C 345 -12.68 -11.32 20.77
C VAL C 345 -12.95 -9.83 20.66
N PHE C 346 -12.69 -9.07 21.74
CA PHE C 346 -12.89 -7.64 21.69
C PHE C 346 -11.93 -6.97 20.70
N LEU C 347 -10.70 -7.48 20.59
CA LEU C 347 -9.77 -6.90 19.62
C LEU C 347 -10.18 -7.24 18.19
N LEU C 348 -10.63 -8.48 17.95
CA LEU C 348 -11.23 -8.79 16.65
C LEU C 348 -12.38 -7.84 16.36
N LYS C 349 -13.25 -7.60 17.36
CA LYS C 349 -14.35 -6.66 17.20
C LYS C 349 -13.83 -5.26 16.87
N MET C 350 -12.76 -4.83 17.54
CA MET C 350 -12.19 -3.52 17.24
C MET C 350 -11.78 -3.43 15.78
N GLU C 351 -11.16 -4.48 15.25
CA GLU C 351 -10.76 -4.47 13.86
C GLU C 351 -11.97 -4.41 12.93
N LEU C 352 -13.08 -5.07 13.33
CA LEU C 352 -14.29 -4.99 12.53
C LEU C 352 -14.94 -3.62 12.66
N ASP C 353 -14.95 -3.05 13.88
CA ASP C 353 -15.56 -1.74 14.08
C ASP C 353 -14.76 -0.65 13.37
N ILE C 354 -13.43 -0.71 13.45
CA ILE C 354 -12.60 0.32 12.83
C ILE C 354 -12.71 0.23 11.31
N ALA C 355 -12.59 -0.99 10.76
CA ALA C 355 -12.84 -1.16 9.33
C ALA C 355 -14.15 -0.50 8.91
N PHE C 356 -15.20 -0.71 9.70
CA PHE C 356 -16.51 -0.14 9.38
C PHE C 356 -16.48 1.39 9.44
N MET C 357 -15.90 1.93 10.51
CA MET C 357 -15.89 3.38 10.67
C MET C 357 -15.08 4.06 9.57
N MET C 358 -14.05 3.39 9.08
CA MET C 358 -13.22 3.96 8.02
C MET C 358 -13.93 3.90 6.67
N LYS C 359 -14.68 2.82 6.41
CA LYS C 359 -15.48 2.77 5.19
C LYS C 359 -16.54 3.86 5.19
N VAL C 360 -17.17 4.08 6.35
CA VAL C 360 -18.25 5.06 6.47
C VAL C 360 -17.76 6.49 6.29
N SER C 361 -16.47 6.75 6.51
CA SER C 361 -15.92 8.11 6.49
C SER C 361 -14.97 8.34 5.33
N GLY C 362 -15.15 7.64 4.22
CA GLY C 362 -14.34 7.89 3.04
C GLY C 362 -12.88 7.55 3.18
N ASP C 363 -12.56 6.53 3.96
CA ASP C 363 -11.20 6.00 4.05
C ASP C 363 -11.24 4.54 3.63
N GLN C 364 -11.39 4.29 2.33
CA GLN C 364 -11.41 2.92 1.85
C GLN C 364 -10.05 2.25 2.04
N ASN C 365 -8.96 3.02 1.99
CA ASN C 365 -7.64 2.45 2.19
C ASN C 365 -7.48 1.94 3.62
N GLY C 366 -7.86 2.76 4.60
CA GLY C 366 -7.79 2.32 5.99
C GLY C 366 -8.71 1.15 6.28
N SER C 367 -9.87 1.11 5.62
CA SER C 367 -10.79 0.00 5.83
C SER C 367 -10.15 -1.32 5.40
N ASP C 368 -9.45 -1.32 4.26
CA ASP C 368 -8.85 -2.55 3.77
C ASP C 368 -7.77 -3.08 4.71
N ARG C 369 -6.98 -2.18 5.30
CA ARG C 369 -5.96 -2.61 6.25
C ARG C 369 -6.57 -3.32 7.45
N PHE C 370 -7.70 -2.84 7.94
CA PHE C 370 -8.28 -3.46 9.14
C PHE C 370 -9.15 -4.67 8.80
N VAL C 371 -9.77 -4.70 7.63
CA VAL C 371 -10.38 -5.95 7.18
C VAL C 371 -9.31 -7.04 7.12
N LYS C 372 -8.12 -6.70 6.62
CA LYS C 372 -7.03 -7.67 6.60
C LYS C 372 -6.63 -8.08 8.02
N ALA C 373 -6.62 -7.11 8.94
CA ALA C 373 -6.34 -7.44 10.33
C ALA C 373 -7.36 -8.44 10.88
N SER C 374 -8.64 -8.14 10.74
CA SER C 374 -9.65 -9.02 11.33
C SER C 374 -9.54 -10.43 10.76
N LYS C 375 -9.26 -10.56 9.46
CA LYS C 375 -9.11 -11.91 8.89
C LYS C 375 -7.95 -12.65 9.50
N ALA C 376 -6.85 -11.95 9.81
CA ALA C 376 -5.72 -12.59 10.47
C ALA C 376 -6.06 -13.05 11.87
N ARG C 377 -6.85 -12.26 12.61
CA ARG C 377 -7.22 -12.70 13.95
C ARG C 377 -8.21 -13.86 13.87
N GLU C 378 -9.13 -13.82 12.89
CA GLU C 378 -10.01 -14.97 12.65
C GLU C 378 -9.20 -16.25 12.51
N LYS C 379 -8.09 -16.19 11.76
CA LYS C 379 -7.21 -17.35 11.61
C LYS C 379 -6.59 -17.76 12.94
N ALA C 380 -6.10 -16.79 13.71
CA ALA C 380 -5.54 -17.14 15.02
C ALA C 380 -6.59 -17.80 15.88
N PHE C 381 -7.82 -17.32 15.80
CA PHE C 381 -8.90 -17.96 16.54
C PHE C 381 -9.07 -19.40 16.12
N GLN C 382 -8.95 -19.69 14.83
CA GLN C 382 -9.01 -21.08 14.38
C GLN C 382 -7.81 -21.87 14.85
N THR C 383 -6.61 -21.30 14.80
CA THR C 383 -5.41 -22.09 15.06
C THR C 383 -4.95 -22.05 16.51
N VAL C 384 -5.06 -20.90 17.17
CA VAL C 384 -4.52 -20.77 18.52
C VAL C 384 -5.54 -21.09 19.59
N PHE C 385 -6.79 -20.63 19.43
CA PHE C 385 -7.79 -20.73 20.48
C PHE C 385 -8.70 -21.96 20.33
N TRP C 386 -9.13 -22.26 19.11
CA TRP C 386 -10.14 -23.30 18.92
C TRP C 386 -9.64 -24.63 19.44
N ASN C 387 -10.54 -25.39 20.07
CA ASN C 387 -10.29 -26.80 20.36
C ASN C 387 -11.48 -27.60 19.84
N GLU C 388 -11.23 -28.45 18.85
CA GLU C 388 -12.30 -29.19 18.21
C GLU C 388 -12.96 -30.15 19.17
N LYS C 389 -12.16 -30.92 19.90
CA LYS C 389 -12.72 -31.89 20.83
C LYS C 389 -13.63 -31.23 21.85
N ALA C 390 -13.21 -30.09 22.38
CA ALA C 390 -14.00 -29.37 23.38
C ALA C 390 -15.16 -28.60 22.76
N GLY C 391 -15.13 -28.31 21.47
CA GLY C 391 -16.20 -27.54 20.87
C GLY C 391 -16.28 -26.09 21.36
N GLN C 392 -15.18 -25.52 21.81
CA GLN C 392 -15.15 -24.14 22.29
C GLN C 392 -13.73 -23.62 22.12
N TRP C 393 -13.53 -22.35 22.49
CA TRP C 393 -12.23 -21.70 22.39
C TRP C 393 -11.60 -21.59 23.78
N LEU C 394 -10.30 -21.82 23.87
CA LEU C 394 -9.60 -21.94 25.13
C LEU C 394 -8.50 -20.90 25.25
N ASP C 395 -8.35 -20.34 26.46
CA ASP C 395 -7.22 -19.46 26.76
C ASP C 395 -5.90 -20.16 26.46
N TYR C 396 -4.96 -19.44 25.87
CA TYR C 396 -3.62 -19.97 25.63
C TYR C 396 -2.66 -19.39 26.66
N TRP C 397 -2.00 -20.27 27.42
CA TRP C 397 -1.01 -19.87 28.41
C TRP C 397 0.39 -19.89 27.81
N LEU C 398 1.16 -18.82 28.06
CA LEU C 398 2.53 -18.72 27.60
C LEU C 398 3.44 -19.65 28.40
N SER C 399 4.34 -20.33 27.69
CA SER C 399 5.31 -21.21 28.33
C SER C 399 6.41 -20.39 29.01
N SER C 405 10.60 -16.67 22.73
CA SER C 405 9.67 -16.72 21.61
C SER C 405 8.81 -17.98 21.68
N GLU C 406 7.51 -17.81 21.46
CA GLU C 406 6.53 -18.83 21.77
C GLU C 406 6.02 -19.52 20.51
N THR C 407 6.06 -20.84 20.52
CA THR C 407 5.42 -21.65 19.48
C THR C 407 4.29 -22.46 20.11
N TRP C 408 3.17 -22.50 19.41
CA TRP C 408 1.96 -23.15 19.92
C TRP C 408 2.20 -24.61 20.27
N LYS C 409 1.86 -24.99 21.49
CA LYS C 409 1.74 -26.40 21.84
C LYS C 409 0.39 -26.65 22.51
N ALA C 410 -0.13 -27.86 22.30
CA ALA C 410 -1.51 -28.17 22.71
C ALA C 410 -1.66 -28.23 24.22
N GLU C 411 -0.61 -28.66 24.93
CA GLU C 411 -0.67 -28.75 26.38
C GLU C 411 -0.78 -27.38 27.05
N ASN C 412 -0.62 -26.30 26.28
CA ASN C 412 -0.73 -24.95 26.80
C ASN C 412 -2.14 -24.38 26.66
N GLN C 413 -3.07 -25.09 26.05
CA GLN C 413 -4.46 -24.65 26.06
C GLN C 413 -5.03 -24.90 27.46
N ASN C 414 -5.74 -23.92 28.01
CA ASN C 414 -6.44 -24.15 29.27
C ASN C 414 -7.74 -24.88 28.96
N THR C 415 -7.77 -26.19 29.24
CA THR C 415 -8.97 -27.00 28.97
C THR C 415 -10.08 -26.76 29.98
N ASN C 416 -9.83 -26.02 31.06
CA ASN C 416 -10.89 -25.75 32.01
C ASN C 416 -11.99 -24.92 31.34
N VAL C 417 -13.20 -25.05 31.85
CA VAL C 417 -14.40 -24.61 31.14
C VAL C 417 -14.91 -23.32 31.76
N PHE C 418 -15.05 -22.29 30.92
CA PHE C 418 -15.41 -20.94 31.34
C PHE C 418 -16.43 -20.39 30.36
N ALA C 419 -17.28 -19.47 30.84
CA ALA C 419 -18.21 -18.81 29.93
C ALA C 419 -17.46 -17.99 28.89
N SER C 420 -16.31 -17.43 29.29
CA SER C 420 -15.44 -16.73 28.34
C SER C 420 -14.99 -17.63 27.19
N ASN C 421 -14.92 -18.95 27.41
CA ASN C 421 -14.59 -19.87 26.31
C ASN C 421 -15.57 -19.77 25.14
N PHE C 422 -16.76 -19.24 25.38
CA PHE C 422 -17.80 -19.15 24.37
C PHE C 422 -17.98 -17.73 23.84
N ALA C 423 -17.17 -16.78 24.33
CA ALA C 423 -17.23 -15.41 23.83
C ALA C 423 -17.16 -15.28 22.31
N PRO C 424 -16.38 -16.07 21.58
CA PRO C 424 -16.31 -15.87 20.12
C PRO C 424 -17.64 -16.00 19.38
N ILE C 425 -18.65 -16.68 19.94
CA ILE C 425 -19.96 -16.75 19.28
C ILE C 425 -20.54 -15.36 19.06
N TRP C 426 -20.06 -14.36 19.81
CA TRP C 426 -20.48 -12.97 19.63
C TRP C 426 -20.10 -12.40 18.26
N ILE C 427 -19.06 -12.93 17.62
CA ILE C 427 -18.52 -12.35 16.39
C ILE C 427 -19.25 -12.94 15.19
N ASN C 428 -19.69 -12.07 14.27
CA ASN C 428 -20.63 -12.50 13.23
C ASN C 428 -20.00 -13.51 12.28
N SER C 429 -18.71 -13.38 11.97
CA SER C 429 -18.06 -14.37 11.10
C SER C 429 -18.13 -15.77 11.72
N ILE C 430 -18.13 -15.85 13.05
CA ILE C 430 -18.28 -17.13 13.73
C ILE C 430 -19.74 -17.58 13.72
N ASN C 431 -20.66 -16.72 14.19
CA ASN C 431 -22.03 -17.18 14.34
C ASN C 431 -22.78 -17.29 13.01
N SER C 432 -22.12 -17.01 11.89
CA SER C 432 -22.70 -17.24 10.57
C SER C 432 -22.31 -18.59 9.97
N ASP C 433 -21.40 -19.31 10.63
CA ASP C 433 -20.92 -20.63 10.19
C ASP C 433 -21.77 -21.67 10.92
N GLU C 434 -22.81 -22.18 10.24
CA GLU C 434 -23.78 -23.04 10.92
C GLU C 434 -23.13 -24.30 11.46
N ASN C 435 -22.22 -24.91 10.69
CA ASN C 435 -21.55 -26.12 11.18
C ASN C 435 -20.70 -25.82 12.42
N LEU C 436 -20.14 -24.61 12.51
CA LEU C 436 -19.45 -24.22 13.73
C LEU C 436 -20.45 -23.99 14.86
N VAL C 437 -21.53 -23.26 14.57
CA VAL C 437 -22.53 -22.95 15.59
C VAL C 437 -23.13 -24.22 16.17
N LYS C 438 -23.39 -25.21 15.31
CA LYS C 438 -23.94 -26.46 15.79
C LYS C 438 -22.97 -27.13 16.77
N LYS C 439 -21.68 -27.06 16.47
CA LYS C 439 -20.69 -27.63 17.38
C LYS C 439 -20.66 -26.89 18.72
N VAL C 440 -20.81 -25.57 18.69
CA VAL C 440 -20.71 -24.77 19.91
C VAL C 440 -21.97 -24.91 20.75
N VAL C 441 -23.13 -25.00 20.09
CA VAL C 441 -24.39 -25.26 20.79
C VAL C 441 -24.28 -26.55 21.59
N THR C 442 -23.84 -27.62 20.95
CA THR C 442 -23.74 -28.90 21.64
C THR C 442 -22.73 -28.83 22.77
N ALA C 443 -21.60 -28.15 22.54
CA ALA C 443 -20.60 -28.03 23.59
C ALA C 443 -21.15 -27.30 24.79
N LEU C 444 -21.86 -26.19 24.54
CA LEU C 444 -22.43 -25.40 25.63
C LEU C 444 -23.45 -26.22 26.41
N LYS C 445 -24.33 -26.92 25.70
CA LYS C 445 -25.39 -27.67 26.38
C LYS C 445 -24.84 -28.79 27.23
N ASN C 446 -23.73 -29.40 26.82
CA ASN C 446 -23.14 -30.47 27.61
C ASN C 446 -22.05 -29.99 28.57
N SER C 447 -21.75 -28.69 28.57
CA SER C 447 -20.63 -28.17 29.38
C SER C 447 -20.93 -28.25 30.87
N GLY C 448 -22.21 -28.13 31.26
CA GLY C 448 -22.53 -27.91 32.65
C GLY C 448 -22.58 -26.46 33.07
N LEU C 449 -22.31 -25.52 32.15
CA LEU C 449 -22.37 -24.10 32.47
C LEU C 449 -23.80 -23.58 32.52
N ILE C 450 -24.70 -24.22 31.78
CA ILE C 450 -26.08 -23.77 31.74
C ILE C 450 -26.74 -24.19 33.06
N ALA C 451 -27.10 -23.21 33.87
CA ALA C 451 -27.60 -23.38 35.23
C ALA C 451 -29.03 -22.83 35.28
N PRO C 452 -29.77 -23.03 36.36
CA PRO C 452 -31.19 -22.61 36.35
C PRO C 452 -31.42 -21.16 35.99
N ALA C 453 -30.48 -20.26 36.30
CA ALA C 453 -30.68 -18.84 36.13
C ALA C 453 -29.80 -18.22 35.05
N GLY C 454 -28.97 -19.02 34.38
CA GLY C 454 -28.13 -18.50 33.32
C GLY C 454 -26.83 -19.27 33.24
N ILE C 455 -25.81 -18.64 32.65
CA ILE C 455 -24.56 -19.30 32.34
C ILE C 455 -23.56 -19.02 33.46
N LEU C 456 -23.09 -20.10 34.11
CA LEU C 456 -22.00 -20.03 35.06
C LEU C 456 -20.74 -19.48 34.43
N THR C 457 -19.99 -18.66 35.18
CA THR C 457 -18.75 -18.15 34.62
C THR C 457 -17.65 -19.22 34.62
N SER C 458 -17.73 -20.19 35.53
CA SER C 458 -16.80 -21.31 35.53
C SER C 458 -17.49 -22.49 36.22
N LEU C 459 -16.78 -23.61 36.30
CA LEU C 459 -17.30 -24.79 36.99
C LEU C 459 -16.66 -25.03 38.36
N THR C 460 -15.74 -24.18 38.80
CA THR C 460 -15.06 -24.39 40.08
C THR C 460 -15.57 -23.39 41.10
N ASN C 461 -16.11 -23.90 42.21
CA ASN C 461 -16.45 -23.02 43.33
C ASN C 461 -15.17 -22.75 44.11
N SER C 462 -14.61 -21.57 43.90
CA SER C 462 -13.32 -21.21 44.44
C SER C 462 -13.43 -20.29 45.66
N GLY C 463 -14.59 -19.70 45.90
CA GLY C 463 -14.73 -18.59 46.81
C GLY C 463 -14.58 -17.23 46.16
N GLN C 464 -14.03 -17.17 44.95
CA GLN C 464 -13.88 -15.93 44.20
C GLN C 464 -15.17 -15.60 43.47
N GLN C 465 -15.34 -14.31 43.15
CA GLN C 465 -16.60 -13.87 42.58
C GLN C 465 -16.73 -14.19 41.08
N TRP C 466 -15.62 -14.30 40.35
CA TRP C 466 -15.69 -14.73 38.94
C TRP C 466 -15.43 -16.23 38.82
N ASP C 467 -16.20 -16.99 39.59
CA ASP C 467 -16.18 -18.45 39.51
C ASP C 467 -17.59 -18.93 39.83
N SER C 468 -17.82 -20.21 39.60
CA SER C 468 -19.02 -20.86 40.14
C SER C 468 -19.18 -20.47 41.62
N PRO C 469 -20.42 -20.28 42.11
CA PRO C 469 -21.71 -20.49 41.45
C PRO C 469 -22.27 -19.26 40.75
N ASN C 470 -21.42 -18.29 40.37
CA ASN C 470 -21.92 -17.02 39.87
C ASN C 470 -22.04 -16.97 38.35
N GLY C 471 -23.00 -16.17 37.89
CA GLY C 471 -23.05 -15.76 36.50
C GLY C 471 -23.14 -14.25 36.41
N TRP C 472 -22.65 -13.71 35.30
CA TRP C 472 -22.41 -12.29 35.16
C TRP C 472 -23.06 -11.74 33.90
N ALA C 473 -23.71 -10.59 34.02
CA ALA C 473 -24.45 -9.98 32.91
C ALA C 473 -23.70 -9.90 31.59
N PRO C 474 -22.45 -9.39 31.52
CA PRO C 474 -21.80 -9.29 30.20
C PRO C 474 -21.60 -10.63 29.52
N GLN C 475 -21.31 -11.68 30.28
CA GLN C 475 -21.09 -12.97 29.66
C GLN C 475 -22.39 -13.59 29.15
N GLN C 476 -23.51 -13.37 29.85
CA GLN C 476 -24.82 -13.77 29.30
C GLN C 476 -25.08 -13.09 27.97
N GLU C 477 -24.85 -11.77 27.92
CA GLU C 477 -25.24 -11.00 26.74
C GLU C 477 -24.44 -11.42 25.50
N MET C 478 -23.13 -11.60 25.64
CA MET C 478 -22.34 -11.96 24.44
C MET C 478 -22.80 -13.30 23.88
N ILE C 479 -23.09 -14.26 24.75
CA ILE C 479 -23.46 -15.60 24.29
C ILE C 479 -24.85 -15.59 23.66
N VAL C 480 -25.79 -14.92 24.31
CA VAL C 480 -27.17 -14.86 23.84
C VAL C 480 -27.23 -14.11 22.51
N THR C 481 -26.54 -12.96 22.44
CA THR C 481 -26.53 -12.17 21.21
C THR C 481 -25.92 -12.96 20.06
N GLY C 482 -24.82 -13.67 20.33
CA GLY C 482 -24.17 -14.41 19.25
C GLY C 482 -25.00 -15.59 18.77
N LEU C 483 -25.52 -16.38 19.70
CA LEU C 483 -26.42 -17.48 19.34
C LEU C 483 -27.66 -16.95 18.62
N GLY C 484 -28.24 -15.85 19.11
CA GLY C 484 -29.41 -15.27 18.48
C GLY C 484 -29.19 -14.86 17.03
N ARG C 485 -27.96 -14.53 16.67
CA ARG C 485 -27.67 -14.05 15.31
C ARG C 485 -27.41 -15.19 14.32
N SER C 486 -27.35 -16.43 14.80
CA SER C 486 -27.13 -17.52 13.86
C SER C 486 -28.45 -17.94 13.23
N SER C 487 -28.34 -18.77 12.19
CA SER C 487 -29.51 -19.34 11.54
C SER C 487 -29.99 -20.61 12.21
N VAL C 488 -29.09 -21.32 12.90
CA VAL C 488 -29.43 -22.59 13.55
C VAL C 488 -30.56 -22.39 14.56
N LYS C 489 -31.68 -23.09 14.34
CA LYS C 489 -32.83 -22.93 15.23
C LYS C 489 -32.53 -23.39 16.65
N GLU C 490 -31.67 -24.40 16.79
CA GLU C 490 -31.28 -24.84 18.12
C GLU C 490 -30.50 -23.76 18.86
N ALA C 491 -29.76 -22.93 18.12
CA ALA C 491 -28.99 -21.86 18.75
C ALA C 491 -29.91 -20.71 19.15
N LYS C 492 -30.88 -20.38 18.29
CA LYS C 492 -31.79 -19.31 18.62
C LYS C 492 -32.69 -19.67 19.79
N GLU C 493 -33.09 -20.93 19.91
CA GLU C 493 -33.93 -21.32 21.03
C GLU C 493 -33.15 -21.32 22.34
N MET C 494 -31.90 -21.76 22.31
CA MET C 494 -31.10 -21.74 23.53
C MET C 494 -30.82 -20.30 23.96
N ALA C 495 -30.52 -19.42 23.02
CA ALA C 495 -30.30 -18.00 23.33
C ALA C 495 -31.50 -17.42 24.08
N GLU C 496 -32.69 -17.59 23.51
CA GLU C 496 -33.89 -17.03 24.12
C GLU C 496 -34.19 -17.68 25.45
N ASP C 497 -33.83 -18.95 25.62
CA ASP C 497 -34.14 -19.59 26.90
C ASP C 497 -33.20 -19.08 27.99
N ILE C 498 -31.91 -18.94 27.68
CA ILE C 498 -30.98 -18.38 28.67
C ILE C 498 -31.40 -16.97 29.05
N ALA C 499 -31.74 -16.16 28.04
CA ALA C 499 -32.19 -14.80 28.31
C ALA C 499 -33.40 -14.78 29.23
N ARG C 500 -34.34 -15.69 29.02
CA ARG C 500 -35.53 -15.72 29.86
C ARG C 500 -35.20 -16.20 31.27
N ARG C 501 -34.33 -17.20 31.41
CA ARG C 501 -33.87 -17.60 32.74
C ARG C 501 -33.25 -16.41 33.46
N TRP C 502 -32.37 -15.69 32.76
CA TRP C 502 -31.62 -14.59 33.35
C TRP C 502 -32.56 -13.46 33.76
N ILE C 503 -33.50 -13.11 32.88
CA ILE C 503 -34.47 -12.07 33.22
C ILE C 503 -35.26 -12.49 34.45
N LYS C 504 -35.76 -13.73 34.46
CA LYS C 504 -36.60 -14.20 35.56
C LYS C 504 -35.88 -14.14 36.90
N SER C 505 -34.64 -14.63 36.95
CA SER C 505 -33.91 -14.64 38.21
C SER C 505 -33.64 -13.24 38.71
N ASN C 506 -33.34 -12.30 37.80
CA ASN C 506 -33.17 -10.91 38.22
C ASN C 506 -34.47 -10.34 38.76
N TYR C 507 -35.60 -10.68 38.12
CA TYR C 507 -36.91 -10.30 38.63
C TYR C 507 -37.14 -10.86 40.02
N LEU C 508 -36.90 -12.16 40.20
CA LEU C 508 -37.15 -12.76 41.50
C LEU C 508 -36.21 -12.21 42.57
N VAL C 509 -34.98 -11.86 42.22
CA VAL C 509 -34.11 -11.18 43.18
C VAL C 509 -34.69 -9.81 43.54
N TYR C 510 -35.13 -9.07 42.51
CA TYR C 510 -35.66 -7.72 42.73
C TYR C 510 -36.89 -7.75 43.63
N LYS C 511 -37.78 -8.72 43.42
CA LYS C 511 -38.97 -8.82 44.26
C LYS C 511 -38.60 -8.92 45.73
N LYS C 512 -37.48 -9.56 46.06
CA LYS C 512 -37.12 -9.74 47.46
C LYS C 512 -36.23 -8.64 48.00
N SER C 513 -35.33 -8.07 47.19
CA SER C 513 -34.38 -7.09 47.70
C SER C 513 -34.74 -5.66 47.34
N GLY C 514 -35.54 -5.45 46.30
CA GLY C 514 -35.77 -4.11 45.79
C GLY C 514 -34.68 -3.57 44.90
N THR C 515 -33.64 -4.36 44.62
CA THR C 515 -32.46 -3.88 43.92
C THR C 515 -32.04 -4.88 42.84
N ILE C 516 -31.10 -4.44 42.01
CA ILE C 516 -30.49 -5.26 40.97
C ILE C 516 -29.05 -5.51 41.36
N HIS C 517 -28.58 -6.75 41.22
CA HIS C 517 -27.30 -7.11 41.81
C HIS C 517 -26.18 -7.19 40.79
N GLU C 518 -24.96 -7.01 41.30
CA GLU C 518 -23.76 -7.02 40.47
C GLU C 518 -23.56 -8.37 39.77
N LYS C 519 -23.75 -9.47 40.49
CA LYS C 519 -23.72 -10.80 39.90
C LYS C 519 -24.80 -11.67 40.55
N LEU C 520 -25.23 -12.70 39.81
CA LEU C 520 -26.22 -13.66 40.31
C LEU C 520 -25.55 -14.97 40.67
N LYS C 521 -26.14 -15.68 41.64
CA LYS C 521 -25.76 -17.05 41.95
C LYS C 521 -26.65 -17.94 41.08
N VAL C 522 -26.17 -18.27 39.87
CA VAL C 522 -27.08 -18.83 38.87
C VAL C 522 -27.39 -20.30 39.11
N THR C 523 -26.70 -20.97 40.02
CA THR C 523 -27.11 -22.32 40.43
C THR C 523 -28.50 -22.34 41.07
N GLU C 524 -29.05 -21.19 41.46
CA GLU C 524 -30.34 -21.15 42.13
C GLU C 524 -31.13 -19.94 41.65
N LEU C 525 -32.30 -20.20 41.07
CA LEU C 525 -33.21 -19.13 40.69
C LEU C 525 -33.44 -18.19 41.86
N GLY C 526 -33.38 -16.89 41.58
CA GLY C 526 -33.69 -15.87 42.57
C GLY C 526 -32.65 -15.62 43.63
N GLU C 527 -31.38 -15.95 43.38
CA GLU C 527 -30.31 -15.73 44.35
C GLU C 527 -29.21 -14.88 43.75
N TYR C 528 -28.81 -13.83 44.46
CA TYR C 528 -27.66 -13.04 44.01
C TYR C 528 -26.37 -13.70 44.49
N GLY C 529 -25.27 -13.32 43.84
CA GLY C 529 -23.98 -13.92 44.10
C GLY C 529 -23.08 -13.07 44.99
N GLY C 530 -22.07 -13.73 45.54
CA GLY C 530 -21.09 -13.10 46.41
C GLY C 530 -19.69 -13.52 46.06
N GLY C 531 -18.84 -13.57 47.07
CA GLY C 531 -17.46 -13.99 46.92
C GLY C 531 -16.50 -12.82 46.76
N GLY C 532 -15.23 -13.12 46.94
CA GLY C 532 -14.19 -12.12 46.78
C GLY C 532 -14.06 -11.25 48.02
N GLU C 533 -13.28 -10.19 47.85
CA GLU C 533 -12.87 -9.37 48.97
C GLU C 533 -13.93 -8.37 49.40
N TYR C 534 -14.92 -8.06 48.57
CA TYR C 534 -15.96 -7.10 48.94
C TYR C 534 -17.35 -7.73 48.89
N MET C 535 -18.29 -7.07 49.58
CA MET C 535 -19.67 -7.55 49.69
C MET C 535 -20.42 -7.42 48.36
N PRO C 536 -21.46 -8.24 48.15
CA PRO C 536 -22.32 -8.07 46.97
C PRO C 536 -22.77 -6.62 46.79
N GLN C 537 -22.58 -6.10 45.58
CA GLN C 537 -22.89 -4.71 45.29
C GLN C 537 -24.19 -4.61 44.50
N THR C 538 -24.86 -3.46 44.61
CA THR C 538 -26.13 -3.28 43.90
C THR C 538 -26.13 -2.00 43.08
N GLY C 539 -27.01 -1.99 42.07
CA GLY C 539 -27.27 -0.84 41.23
C GLY C 539 -28.12 -1.20 40.03
N PHE C 540 -27.58 -1.99 39.11
CA PHE C 540 -26.15 -2.15 38.93
C PHE C 540 -25.93 -2.07 37.43
N GLY C 541 -24.98 -1.23 37.03
CA GLY C 541 -24.79 -0.82 35.65
C GLY C 541 -25.07 -1.86 34.57
N TRP C 542 -24.19 -2.84 34.41
CA TRP C 542 -24.34 -3.76 33.30
C TRP C 542 -25.48 -4.74 33.53
N SER C 543 -25.90 -4.91 34.79
CA SER C 543 -27.03 -5.79 35.06
C SER C 543 -28.33 -5.18 34.58
N ASN C 544 -28.54 -3.88 34.82
CA ASN C 544 -29.72 -3.20 34.29
C ASN C 544 -29.69 -3.17 32.78
N GLY C 545 -28.52 -2.88 32.20
CA GLY C 545 -28.40 -2.84 30.75
C GLY C 545 -28.81 -4.14 30.09
N VAL C 546 -28.36 -5.28 30.64
CA VAL C 546 -28.63 -6.55 29.97
C VAL C 546 -30.09 -6.95 30.14
N ILE C 547 -30.68 -6.68 31.31
CA ILE C 547 -32.11 -6.91 31.49
C ILE C 547 -32.90 -6.17 30.42
N LEU C 548 -32.64 -4.86 30.27
CA LEU C 548 -33.42 -4.07 29.32
C LEU C 548 -33.14 -4.47 27.88
N ALA C 549 -31.89 -4.80 27.56
CA ALA C 549 -31.59 -5.22 26.20
C ALA C 549 -32.22 -6.58 25.90
N PHE C 550 -32.16 -7.52 26.86
CA PHE C 550 -32.76 -8.83 26.63
C PHE C 550 -34.25 -8.71 26.41
N LEU C 551 -34.94 -7.90 27.21
CA LEU C 551 -36.37 -7.72 27.04
C LEU C 551 -36.69 -7.03 25.73
N GLU C 552 -35.87 -6.06 25.33
CA GLU C 552 -36.04 -5.44 24.04
C GLU C 552 -35.99 -6.48 22.93
N GLU C 553 -35.03 -7.40 23.01
CA GLU C 553 -34.83 -8.38 21.96
C GLU C 553 -35.90 -9.46 21.94
N TYR C 554 -36.32 -9.96 23.10
CA TYR C 554 -37.15 -11.15 23.15
C TYR C 554 -38.57 -10.88 23.63
N GLY C 555 -38.85 -9.71 24.17
CA GLY C 555 -40.18 -9.46 24.68
C GLY C 555 -40.55 -10.46 25.77
N TRP C 556 -41.83 -10.40 26.15
CA TRP C 556 -42.39 -11.32 27.13
C TRP C 556 -43.89 -11.42 26.91
N PRO C 557 -44.40 -12.57 26.47
CA PRO C 557 -45.85 -12.72 26.26
C PRO C 557 -46.60 -12.73 27.58
N SER C 558 -47.83 -12.22 27.55
CA SER C 558 -48.59 -12.05 28.79
C SER C 558 -48.94 -13.38 29.45
N HIS C 559 -49.05 -14.44 28.66
CA HIS C 559 -49.41 -15.76 29.18
C HIS C 559 -48.24 -16.49 29.82
N LEU C 560 -47.02 -16.06 29.55
CA LEU C 560 -45.84 -16.59 30.23
C LEU C 560 -45.54 -15.69 31.42
N SER C 561 -45.47 -16.27 32.61
CA SER C 561 -45.33 -15.46 33.81
C SER C 561 -44.11 -15.87 34.60
N ILE C 562 -43.85 -15.09 35.65
CA ILE C 562 -42.79 -15.35 36.61
C ILE C 562 -43.36 -15.47 38.02
N SER D 9 -27.62 -15.76 -33.93
CA SER D 9 -26.40 -15.59 -33.15
C SER D 9 -26.13 -16.79 -32.25
N GLY D 10 -26.84 -16.84 -31.11
CA GLY D 10 -26.60 -17.85 -30.11
C GLY D 10 -27.08 -19.23 -30.50
N PRO D 11 -26.77 -20.22 -29.67
CA PRO D 11 -27.16 -21.59 -29.99
C PRO D 11 -28.66 -21.80 -29.84
N VAL D 12 -29.14 -22.82 -30.53
CA VAL D 12 -30.54 -23.25 -30.47
C VAL D 12 -30.54 -24.75 -30.22
N VAL D 13 -30.98 -25.16 -29.02
CA VAL D 13 -31.04 -26.57 -28.67
C VAL D 13 -32.28 -27.17 -29.34
N ALA D 14 -32.06 -28.02 -30.34
CA ALA D 14 -33.17 -28.64 -31.06
C ALA D 14 -33.97 -29.55 -30.14
N THR D 15 -35.29 -29.48 -30.27
CA THR D 15 -36.14 -30.42 -29.56
C THR D 15 -36.11 -31.77 -30.30
N THR D 16 -36.86 -32.75 -29.78
CA THR D 16 -36.75 -34.11 -30.27
C THR D 16 -37.54 -34.28 -31.58
N LYS D 17 -37.30 -35.42 -32.25
CA LYS D 17 -38.09 -35.74 -33.44
C LYS D 17 -39.55 -35.89 -33.07
N LEU D 18 -39.83 -36.58 -31.96
CA LEU D 18 -41.20 -36.74 -31.50
C LEU D 18 -41.88 -35.38 -31.36
N VAL D 19 -41.23 -34.42 -30.71
CA VAL D 19 -41.84 -33.11 -30.50
C VAL D 19 -42.12 -32.43 -31.83
N THR D 20 -41.13 -32.45 -32.74
CA THR D 20 -41.33 -31.83 -34.05
C THR D 20 -42.50 -32.46 -34.80
N PHE D 21 -42.65 -33.79 -34.69
CA PHE D 21 -43.79 -34.44 -35.33
C PHE D 21 -45.10 -34.08 -34.64
N LEU D 22 -45.12 -34.11 -33.30
CA LEU D 22 -46.35 -33.75 -32.60
C LEU D 22 -46.77 -32.32 -32.94
N GLN D 23 -45.80 -31.44 -33.19
CA GLN D 23 -46.13 -30.08 -33.61
C GLN D 23 -46.78 -30.07 -34.99
N ARG D 24 -46.40 -31.01 -35.86
CA ARG D 24 -47.09 -31.14 -37.15
C ARG D 24 -48.55 -31.46 -36.93
N VAL D 25 -48.83 -32.41 -36.03
CA VAL D 25 -50.21 -32.73 -35.69
C VAL D 25 -50.93 -31.50 -35.17
N GLN D 26 -50.29 -30.79 -34.23
CA GLN D 26 -50.88 -29.55 -33.73
C GLN D 26 -51.19 -28.60 -34.88
N HIS D 27 -50.23 -28.38 -35.77
CA HIS D 27 -50.44 -27.48 -36.89
C HIS D 27 -51.56 -27.96 -37.80
N THR D 28 -51.71 -29.28 -37.95
CA THR D 28 -52.81 -29.81 -38.75
C THR D 28 -54.16 -29.53 -38.09
N ALA D 29 -54.23 -29.71 -36.77
CA ALA D 29 -55.44 -29.38 -36.04
C ALA D 29 -55.79 -27.90 -36.16
N LEU D 30 -54.76 -27.04 -36.25
CA LEU D 30 -55.00 -25.60 -36.38
C LEU D 30 -55.74 -25.28 -37.67
N ARG D 31 -55.43 -25.99 -38.75
CA ARG D 31 -56.21 -25.84 -39.98
C ARG D 31 -57.59 -26.46 -39.81
N SER D 32 -57.67 -27.63 -39.17
CA SER D 32 -58.88 -28.43 -39.17
C SER D 32 -59.99 -27.79 -38.33
N TYR D 33 -59.71 -27.54 -37.06
CA TYR D 33 -60.72 -26.97 -36.17
C TYR D 33 -61.08 -25.56 -36.63
N PRO D 34 -62.32 -25.13 -36.37
CA PRO D 34 -62.76 -23.78 -36.75
C PRO D 34 -62.06 -22.70 -35.92
N GLN D 37 -61.19 -22.74 -31.76
CA GLN D 37 -61.71 -23.94 -31.10
C GLN D 37 -60.65 -25.03 -31.03
N THR D 38 -59.45 -24.72 -31.51
CA THR D 38 -58.38 -25.70 -31.53
C THR D 38 -58.01 -26.08 -30.08
N PRO D 39 -57.87 -27.36 -29.78
CA PRO D 39 -57.36 -27.74 -28.46
C PRO D 39 -56.01 -27.09 -28.20
N ASP D 40 -55.65 -27.00 -26.92
CA ASP D 40 -54.42 -26.33 -26.54
C ASP D 40 -53.25 -26.96 -27.28
N PRO D 41 -52.32 -26.15 -27.82
CA PRO D 41 -51.14 -26.75 -28.47
C PRO D 41 -50.39 -27.70 -27.59
N LYS D 42 -50.43 -27.50 -26.27
CA LYS D 42 -49.66 -28.34 -25.36
C LYS D 42 -50.24 -29.74 -25.27
N SER D 43 -51.56 -29.89 -25.39
CA SER D 43 -52.13 -31.22 -25.34
C SER D 43 -51.55 -32.12 -26.43
N TYR D 44 -51.15 -31.55 -27.58
CA TYR D 44 -50.62 -32.38 -28.67
C TYR D 44 -49.17 -32.77 -28.42
N ILE D 45 -48.34 -31.86 -27.92
CA ILE D 45 -46.94 -32.20 -27.64
C ILE D 45 -46.81 -33.06 -26.39
N ASP D 46 -47.88 -33.24 -25.62
CA ASP D 46 -47.85 -34.12 -24.46
C ASP D 46 -48.37 -35.52 -24.77
N LEU D 47 -48.82 -35.80 -26.00
CA LEU D 47 -49.17 -37.15 -26.36
C LEU D 47 -47.95 -38.07 -26.27
N SER D 48 -48.21 -39.38 -26.16
CA SER D 48 -47.18 -40.40 -26.26
C SER D 48 -47.62 -41.42 -27.30
N LEU D 49 -46.66 -42.18 -27.81
CA LEU D 49 -46.91 -43.09 -28.93
C LEU D 49 -47.51 -44.40 -28.43
N LYS D 50 -48.65 -44.78 -28.98
CA LYS D 50 -49.34 -45.98 -28.51
C LYS D 50 -48.64 -47.23 -29.02
N ARG D 51 -48.31 -48.13 -28.10
CA ARG D 51 -47.63 -49.36 -28.47
C ARG D 51 -48.51 -50.15 -29.45
N PRO D 52 -47.90 -50.86 -30.42
CA PRO D 52 -46.48 -51.02 -30.71
C PRO D 52 -45.94 -50.23 -31.91
N TYR D 53 -46.65 -49.22 -32.38
CA TYR D 53 -46.18 -48.45 -33.52
C TYR D 53 -44.96 -47.62 -33.19
N SER D 54 -44.02 -47.58 -34.14
CA SER D 54 -42.90 -46.65 -34.09
C SER D 54 -43.35 -45.27 -34.54
N LEU D 55 -42.47 -44.28 -34.32
CA LEU D 55 -42.74 -42.94 -34.83
C LEU D 55 -42.74 -42.94 -36.36
N SER D 56 -41.83 -43.70 -36.96
CA SER D 56 -41.80 -43.83 -38.42
C SER D 56 -43.16 -44.29 -38.97
N THR D 57 -43.74 -45.34 -38.37
CA THR D 57 -45.06 -45.79 -38.81
C THR D 57 -46.11 -44.70 -38.63
N ILE D 58 -46.14 -44.04 -37.47
CA ILE D 58 -47.20 -43.07 -37.21
C ILE D 58 -47.04 -41.84 -38.10
N GLU D 59 -45.79 -41.42 -38.33
CA GLU D 59 -45.55 -40.26 -39.18
C GLU D 59 -45.91 -40.56 -40.62
N SER D 60 -45.59 -41.78 -41.08
CA SER D 60 -45.98 -42.20 -42.43
C SER D 60 -47.49 -42.16 -42.61
N ALA D 61 -48.24 -42.77 -41.68
CA ALA D 61 -49.69 -42.69 -41.74
C ALA D 61 -50.17 -41.25 -41.70
N PHE D 62 -49.53 -40.40 -40.88
CA PHE D 62 -49.94 -39.01 -40.83
C PHE D 62 -49.64 -38.31 -42.15
N ASP D 63 -48.50 -38.61 -42.76
CA ASP D 63 -48.20 -38.09 -44.10
C ASP D 63 -49.29 -38.47 -45.09
N ASP D 64 -49.66 -39.75 -45.11
CA ASP D 64 -50.73 -40.20 -46.02
C ASP D 64 -52.02 -39.45 -45.71
N LEU D 65 -52.36 -39.35 -44.42
CA LEU D 65 -53.62 -38.74 -44.01
C LEU D 65 -53.71 -37.29 -44.48
N THR D 66 -52.61 -36.54 -44.39
CA THR D 66 -52.67 -35.13 -44.80
C THR D 66 -52.51 -35.08 -46.31
N SER D 67 -53.58 -35.52 -46.99
CA SER D 67 -53.66 -35.69 -48.44
C SER D 67 -53.43 -34.38 -49.20
N PRO D 73 -58.03 -29.50 -46.04
CA PRO D 73 -58.15 -29.54 -44.58
C PRO D 73 -58.71 -30.87 -44.08
N VAL D 74 -57.99 -31.53 -43.18
CA VAL D 74 -58.46 -32.82 -42.66
C VAL D 74 -59.72 -32.61 -41.82
N PRO D 75 -60.77 -33.38 -42.04
CA PRO D 75 -61.95 -33.26 -41.18
C PRO D 75 -61.60 -33.57 -39.73
N VAL D 76 -62.13 -32.74 -38.82
CA VAL D 76 -61.83 -32.85 -37.39
C VAL D 76 -61.92 -34.29 -36.91
N GLU D 77 -62.98 -35.00 -37.33
CA GLU D 77 -63.27 -36.35 -36.85
C GLU D 77 -62.26 -37.36 -37.37
N THR D 78 -61.77 -37.19 -38.60
CA THR D 78 -60.68 -38.03 -39.07
C THR D 78 -59.43 -37.81 -38.24
N LEU D 79 -59.12 -36.54 -37.95
CA LEU D 79 -57.95 -36.25 -37.13
C LEU D 79 -58.11 -36.76 -35.71
N GLU D 80 -59.29 -36.55 -35.10
CA GLU D 80 -59.51 -37.05 -33.75
C GLU D 80 -59.43 -38.57 -33.71
N LYS D 81 -59.93 -39.23 -34.76
CA LYS D 81 -59.82 -40.68 -34.87
C LYS D 81 -58.36 -41.11 -34.96
N PHE D 82 -57.58 -40.42 -35.79
CA PHE D 82 -56.15 -40.70 -35.89
C PHE D 82 -55.45 -40.52 -34.54
N VAL D 83 -55.77 -39.45 -33.82
CA VAL D 83 -55.10 -39.21 -32.54
C VAL D 83 -55.41 -40.34 -31.56
N LYS D 84 -56.69 -40.73 -31.46
CA LYS D 84 -57.04 -41.80 -30.54
C LYS D 84 -56.45 -43.14 -30.96
N GLU D 85 -56.20 -43.34 -32.25
CA GLU D 85 -55.68 -44.63 -32.73
C GLU D 85 -54.20 -44.81 -32.41
N TYR D 86 -53.38 -43.77 -32.61
CA TYR D 86 -51.94 -43.92 -32.55
C TYR D 86 -51.29 -43.33 -31.30
N PHE D 87 -52.08 -42.71 -30.40
CA PHE D 87 -51.50 -41.98 -29.29
C PHE D 87 -52.20 -42.30 -27.97
N ASP D 88 -51.41 -42.46 -26.92
CA ASP D 88 -51.93 -42.42 -25.56
C ASP D 88 -52.02 -40.96 -25.10
N GLY D 89 -53.11 -40.64 -24.42
CA GLY D 89 -53.49 -39.25 -24.23
C GLY D 89 -52.56 -38.48 -23.31
N ALA D 90 -52.58 -37.15 -23.48
CA ALA D 90 -51.77 -36.24 -22.68
C ALA D 90 -52.07 -36.42 -21.19
N GLY D 91 -51.01 -36.49 -20.39
CA GLY D 91 -51.14 -36.66 -18.96
C GLY D 91 -51.26 -38.10 -18.50
N GLU D 92 -51.50 -39.05 -19.41
CA GLU D 92 -51.69 -40.44 -19.01
C GLU D 92 -50.42 -41.08 -18.52
N ASP D 93 -49.25 -40.54 -18.87
CA ASP D 93 -47.99 -41.11 -18.40
C ASP D 93 -47.45 -40.45 -17.13
N LEU D 94 -48.27 -39.61 -16.46
CA LEU D 94 -47.96 -39.07 -15.14
C LEU D 94 -49.07 -39.51 -14.19
N LEU D 95 -48.73 -40.38 -13.24
CA LEU D 95 -49.73 -41.02 -12.39
C LEU D 95 -49.67 -40.49 -10.97
N HIS D 96 -50.82 -40.50 -10.31
CA HIS D 96 -50.87 -40.24 -8.89
C HIS D 96 -49.95 -41.20 -8.14
N HIS D 97 -49.45 -40.73 -6.99
CA HIS D 97 -48.51 -41.52 -6.21
C HIS D 97 -48.68 -41.14 -4.75
N GLU D 98 -48.74 -42.14 -3.88
CA GLU D 98 -48.89 -41.88 -2.45
C GLU D 98 -47.52 -41.60 -1.84
N PRO D 99 -47.29 -40.41 -1.29
CA PRO D 99 -45.98 -40.12 -0.71
C PRO D 99 -45.67 -41.05 0.44
N VAL D 100 -44.47 -41.62 0.39
CA VAL D 100 -44.03 -42.58 1.40
C VAL D 100 -44.03 -41.97 2.80
N ASP D 101 -43.74 -40.67 2.91
CA ASP D 101 -43.45 -40.04 4.18
C ASP D 101 -44.55 -39.12 4.64
N PHE D 102 -45.75 -39.22 4.06
CA PHE D 102 -46.86 -38.38 4.48
C PHE D 102 -47.48 -38.92 5.76
N VAL D 103 -47.69 -38.04 6.74
CA VAL D 103 -48.40 -38.34 7.97
C VAL D 103 -49.50 -37.30 8.13
N SER D 104 -50.73 -37.76 8.30
CA SER D 104 -51.87 -36.84 8.26
C SER D 104 -51.76 -35.76 9.32
N ASP D 105 -51.35 -36.12 10.54
CA ASP D 105 -51.05 -35.14 11.59
C ASP D 105 -49.72 -35.54 12.19
N PRO D 106 -48.61 -35.07 11.61
CA PRO D 106 -47.29 -35.52 12.06
C PRO D 106 -47.00 -35.00 13.47
N SER D 107 -46.28 -35.83 14.22
CA SER D 107 -45.95 -35.50 15.60
C SER D 107 -45.12 -34.23 15.65
N GLY D 108 -45.62 -33.22 16.36
CA GLY D 108 -44.95 -31.94 16.46
C GLY D 108 -45.21 -30.97 15.33
N PHE D 109 -46.02 -31.34 14.34
CA PHE D 109 -46.30 -30.49 13.18
C PHE D 109 -46.85 -29.13 13.62
N LEU D 110 -46.08 -28.06 13.37
CA LEU D 110 -46.49 -26.70 13.69
C LEU D 110 -46.94 -26.57 15.15
N SER D 111 -46.22 -27.24 16.04
CA SER D 111 -46.54 -27.20 17.47
C SER D 111 -46.44 -25.78 18.02
N ASN D 112 -45.62 -24.93 17.39
CA ASN D 112 -45.47 -23.53 17.77
C ASN D 112 -46.67 -22.67 17.39
N VAL D 113 -47.64 -23.21 16.65
CA VAL D 113 -48.81 -22.44 16.23
C VAL D 113 -49.85 -22.61 17.32
N GLU D 114 -50.03 -21.57 18.14
CA GLU D 114 -50.94 -21.63 19.28
C GLU D 114 -52.40 -21.53 18.86
N ASN D 115 -52.71 -20.74 17.83
CA ASN D 115 -54.07 -20.61 17.34
C ASN D 115 -54.54 -21.95 16.77
N GLU D 116 -55.73 -22.39 17.17
CA GLU D 116 -56.17 -23.74 16.79
C GLU D 116 -56.67 -23.78 15.35
N GLU D 117 -57.55 -22.83 14.97
CA GLU D 117 -58.08 -22.91 13.61
C GLU D 117 -57.00 -22.65 12.56
N VAL D 118 -56.02 -21.80 12.86
CA VAL D 118 -54.92 -21.62 11.93
C VAL D 118 -54.15 -22.91 11.77
N ARG D 119 -53.83 -23.57 12.90
CA ARG D 119 -53.04 -24.80 12.84
C ARG D 119 -53.78 -25.90 12.09
N GLU D 120 -55.10 -25.98 12.26
CA GLU D 120 -55.86 -27.02 11.59
C GLU D 120 -56.04 -26.72 10.11
N TRP D 121 -56.21 -25.44 9.76
CA TRP D 121 -56.22 -25.07 8.35
C TRP D 121 -54.89 -25.38 7.68
N ALA D 122 -53.78 -25.09 8.37
CA ALA D 122 -52.48 -25.48 7.86
C ALA D 122 -52.40 -26.98 7.67
N ARG D 123 -53.05 -27.75 8.54
CA ARG D 123 -53.05 -29.20 8.37
C ARG D 123 -53.82 -29.60 7.14
N GLU D 124 -54.91 -28.89 6.84
CA GLU D 124 -55.59 -29.10 5.56
C GLU D 124 -54.65 -28.77 4.41
N VAL D 125 -53.93 -27.64 4.52
CA VAL D 125 -52.99 -27.26 3.48
C VAL D 125 -51.93 -28.34 3.30
N HIS D 126 -51.38 -28.81 4.43
CA HIS D 126 -50.35 -29.84 4.40
C HIS D 126 -50.87 -31.13 3.75
N GLY D 127 -52.14 -31.46 3.98
CA GLY D 127 -52.71 -32.64 3.37
C GLY D 127 -52.69 -32.61 1.85
N LEU D 128 -52.59 -31.43 1.25
CA LEU D 128 -52.59 -31.32 -0.20
C LEU D 128 -51.31 -31.82 -0.86
N TRP D 129 -50.26 -32.13 -0.10
CA TRP D 129 -49.11 -32.77 -0.72
C TRP D 129 -49.50 -34.10 -1.35
N ARG D 130 -50.51 -34.78 -0.80
CA ARG D 130 -51.02 -36.00 -1.42
C ARG D 130 -51.65 -35.70 -2.78
N ASN D 131 -52.50 -34.66 -2.85
CA ASN D 131 -53.09 -34.29 -4.13
C ASN D 131 -52.02 -33.96 -5.17
N LEU D 132 -50.91 -33.36 -4.75
CA LEU D 132 -49.87 -32.93 -5.69
C LEU D 132 -48.77 -33.97 -5.87
N SER D 133 -48.87 -35.15 -5.28
CA SER D 133 -47.82 -36.16 -5.40
C SER D 133 -48.08 -37.04 -6.62
N CYS D 134 -47.08 -37.13 -7.50
CA CYS D 134 -47.21 -37.90 -8.74
C CYS D 134 -45.94 -38.71 -8.95
N ARG D 135 -45.95 -39.51 -10.01
CA ARG D 135 -44.81 -40.35 -10.35
C ARG D 135 -44.88 -40.63 -11.84
N VAL D 136 -43.72 -40.55 -12.51
CA VAL D 136 -43.68 -40.82 -13.94
C VAL D 136 -44.01 -42.30 -14.17
N SER D 137 -44.86 -42.57 -15.15
CA SER D 137 -45.30 -43.94 -15.34
C SER D 137 -44.11 -44.82 -15.78
N ASP D 138 -44.26 -46.11 -15.53
CA ASP D 138 -43.14 -47.03 -15.79
C ASP D 138 -42.81 -47.09 -17.27
N SER D 139 -43.81 -46.91 -18.14
CA SER D 139 -43.59 -46.95 -19.57
C SER D 139 -42.55 -45.93 -20.00
N VAL D 140 -42.55 -44.75 -19.35
CA VAL D 140 -41.61 -43.71 -19.73
C VAL D 140 -40.18 -44.17 -19.49
N ARG D 141 -39.94 -44.84 -18.37
CA ARG D 141 -38.56 -45.19 -18.03
C ARG D 141 -37.99 -46.24 -18.97
N GLU D 142 -38.83 -47.12 -19.52
CA GLU D 142 -38.30 -48.16 -20.39
C GLU D 142 -38.20 -47.72 -21.85
N SER D 143 -39.27 -47.15 -22.39
CA SER D 143 -39.29 -46.68 -23.78
C SER D 143 -39.40 -45.16 -23.78
N ALA D 144 -38.31 -44.50 -23.39
CA ALA D 144 -38.36 -43.07 -23.11
C ALA D 144 -38.54 -42.24 -24.38
N ASP D 145 -38.14 -42.78 -25.53
CA ASP D 145 -38.29 -42.04 -26.78
C ASP D 145 -39.73 -41.96 -27.26
N ARG D 146 -40.66 -42.68 -26.63
CA ARG D 146 -42.06 -42.61 -27.01
C ARG D 146 -42.85 -41.54 -26.26
N HIS D 147 -42.25 -40.85 -25.29
CA HIS D 147 -42.92 -39.82 -24.50
C HIS D 147 -42.13 -38.53 -24.57
N THR D 148 -42.83 -37.40 -24.59
CA THR D 148 -42.12 -36.13 -24.36
C THR D 148 -41.95 -35.86 -22.87
N LEU D 149 -42.69 -36.56 -22.03
CA LEU D 149 -42.43 -36.52 -20.60
C LEU D 149 -41.09 -37.19 -20.31
N LEU D 150 -40.24 -36.51 -19.50
CA LEU D 150 -38.93 -37.12 -19.34
C LEU D 150 -38.92 -38.10 -18.18
N PRO D 151 -38.00 -39.08 -18.19
CA PRO D 151 -37.97 -40.08 -17.13
C PRO D 151 -37.26 -39.53 -15.89
N LEU D 152 -37.90 -39.67 -14.73
CA LEU D 152 -37.33 -39.18 -13.49
C LEU D 152 -37.15 -40.33 -12.50
N PRO D 153 -36.08 -40.33 -11.71
CA PRO D 153 -35.84 -41.48 -10.81
C PRO D 153 -36.80 -41.55 -9.63
N GLU D 154 -37.31 -40.42 -9.14
CA GLU D 154 -38.09 -40.41 -7.92
C GLU D 154 -39.44 -39.75 -8.13
N PRO D 155 -40.39 -40.00 -7.23
CA PRO D 155 -41.65 -39.25 -7.26
C PRO D 155 -41.45 -37.74 -7.26
N VAL D 156 -42.53 -37.02 -7.54
CA VAL D 156 -42.48 -35.59 -7.78
C VAL D 156 -43.64 -34.93 -7.04
N ILE D 157 -43.54 -33.60 -6.95
CA ILE D 157 -44.61 -32.73 -6.49
C ILE D 157 -44.91 -31.79 -7.64
N ILE D 158 -46.13 -31.87 -8.17
CA ILE D 158 -46.54 -30.97 -9.25
C ILE D 158 -47.10 -29.68 -8.65
N PRO D 159 -46.93 -28.54 -9.31
CA PRO D 159 -47.43 -27.28 -8.70
C PRO D 159 -48.93 -27.27 -8.48
N GLY D 160 -49.70 -27.79 -9.43
CA GLY D 160 -51.14 -27.88 -9.28
C GLY D 160 -51.63 -29.19 -9.86
N SER D 161 -52.86 -29.56 -9.49
CA SER D 161 -53.38 -30.89 -9.80
C SER D 161 -53.56 -31.16 -11.29
N ARG D 162 -53.62 -30.12 -12.13
CA ARG D 162 -53.74 -30.32 -13.58
C ARG D 162 -52.39 -30.24 -14.29
N PHE D 163 -51.30 -30.00 -13.57
CA PHE D 163 -49.98 -30.02 -14.18
C PHE D 163 -49.63 -31.43 -14.69
N ARG D 164 -49.04 -31.49 -15.88
CA ARG D 164 -48.60 -32.75 -16.47
C ARG D 164 -47.08 -32.90 -16.47
N GLU D 165 -46.35 -32.05 -15.74
CA GLU D 165 -44.91 -32.23 -15.57
C GLU D 165 -44.49 -31.32 -14.43
N VAL D 166 -43.24 -31.48 -14.01
CA VAL D 166 -42.69 -30.66 -12.93
C VAL D 166 -41.65 -29.72 -13.51
N TYR D 167 -41.33 -28.71 -12.71
CA TYR D 167 -40.49 -27.62 -13.17
C TYR D 167 -39.29 -27.51 -12.25
N TYR D 168 -38.59 -26.37 -12.23
CA TYR D 168 -37.34 -26.31 -11.49
C TYR D 168 -37.43 -25.47 -10.22
N TRP D 169 -37.41 -24.13 -10.32
CA TRP D 169 -37.11 -23.34 -9.12
C TRP D 169 -38.24 -23.39 -8.09
N ASP D 170 -39.48 -23.67 -8.50
CA ASP D 170 -40.57 -23.73 -7.52
C ASP D 170 -40.34 -24.83 -6.50
N SER D 171 -39.58 -25.87 -6.87
CA SER D 171 -39.26 -26.95 -5.94
C SER D 171 -38.49 -26.49 -4.70
N TYR D 172 -37.81 -25.34 -4.76
CA TYR D 172 -37.13 -24.88 -3.56
C TYR D 172 -38.13 -24.54 -2.46
N TRP D 173 -39.18 -23.80 -2.81
CA TRP D 173 -40.16 -23.38 -1.80
C TRP D 173 -41.10 -24.52 -1.43
N VAL D 174 -41.40 -25.40 -2.39
CA VAL D 174 -42.08 -26.65 -2.07
C VAL D 174 -41.28 -27.43 -1.03
N ILE D 175 -39.97 -27.52 -1.23
CA ILE D 175 -39.12 -28.30 -0.32
C ILE D 175 -39.13 -27.70 1.08
N LYS D 176 -39.07 -26.36 1.18
CA LYS D 176 -39.21 -25.73 2.49
C LYS D 176 -40.52 -26.15 3.16
N GLY D 177 -41.59 -26.27 2.37
CA GLY D 177 -42.86 -26.73 2.92
C GLY D 177 -42.83 -28.20 3.29
N LEU D 178 -42.27 -29.04 2.41
CA LEU D 178 -42.10 -30.45 2.77
C LEU D 178 -41.26 -30.60 4.04
N MET D 179 -40.35 -29.67 4.31
CA MET D 179 -39.55 -29.71 5.53
C MET D 179 -40.42 -29.57 6.77
N THR D 180 -41.28 -28.54 6.78
CA THR D 180 -42.25 -28.36 7.85
C THR D 180 -43.19 -29.56 7.96
N SER D 181 -43.51 -30.19 6.83
CA SER D 181 -44.38 -31.35 6.77
C SER D 181 -43.69 -32.64 7.19
N GLN D 182 -42.40 -32.56 7.48
CA GLN D 182 -41.59 -33.72 7.88
C GLN D 182 -41.50 -34.77 6.77
N MET D 183 -41.52 -34.31 5.52
CA MET D 183 -41.51 -35.20 4.36
C MET D 183 -40.13 -35.14 3.72
N PHE D 184 -39.14 -35.65 4.45
CA PHE D 184 -37.74 -35.49 4.05
C PHE D 184 -37.40 -36.38 2.86
N THR D 185 -37.99 -37.57 2.81
CA THR D 185 -37.77 -38.44 1.67
C THR D 185 -38.33 -37.82 0.39
N THR D 186 -39.60 -37.38 0.43
CA THR D 186 -40.16 -36.69 -0.73
C THR D 186 -39.33 -35.47 -1.12
N ALA D 187 -38.88 -34.69 -0.13
CA ALA D 187 -38.06 -33.53 -0.43
C ALA D 187 -36.76 -33.93 -1.13
N LYS D 188 -36.08 -34.96 -0.62
CA LYS D 188 -34.84 -35.37 -1.27
C LYS D 188 -35.11 -35.88 -2.68
N GLY D 189 -36.27 -36.50 -2.89
CA GLY D 189 -36.60 -37.01 -4.21
C GLY D 189 -36.67 -35.93 -5.28
N LEU D 190 -37.24 -34.78 -4.93
CA LEU D 190 -37.26 -33.66 -5.87
C LEU D 190 -35.84 -33.26 -6.25
N VAL D 191 -34.92 -33.31 -5.28
CA VAL D 191 -33.54 -32.98 -5.55
C VAL D 191 -32.88 -34.06 -6.41
N THR D 192 -33.11 -35.32 -6.07
CA THR D 192 -32.58 -36.41 -6.90
C THR D 192 -33.08 -36.27 -8.34
N ASN D 193 -34.35 -35.92 -8.52
CA ASN D 193 -34.90 -35.76 -9.86
C ASN D 193 -34.21 -34.64 -10.62
N LEU D 194 -33.99 -33.50 -9.96
CA LEU D 194 -33.31 -32.38 -10.61
C LEU D 194 -31.85 -32.73 -10.88
N MET D 195 -31.21 -33.52 -10.01
CA MET D 195 -29.84 -33.90 -10.27
C MET D 195 -29.73 -34.81 -11.49
N SER D 196 -30.76 -35.63 -11.75
CA SER D 196 -30.75 -36.51 -12.91
C SER D 196 -30.88 -35.74 -14.20
N LEU D 197 -31.53 -34.57 -14.14
CA LEU D 197 -31.59 -33.71 -15.32
C LEU D 197 -30.26 -33.03 -15.57
N VAL D 198 -29.58 -32.54 -14.52
CA VAL D 198 -28.27 -31.92 -14.71
C VAL D 198 -27.26 -32.94 -15.23
N GLU D 199 -27.35 -34.18 -14.77
CA GLU D 199 -26.44 -35.21 -15.24
C GLU D 199 -26.66 -35.49 -16.74
N THR D 200 -27.92 -35.51 -17.17
CA THR D 200 -28.24 -35.76 -18.57
C THR D 200 -27.84 -34.58 -19.43
N TYR D 201 -28.25 -33.37 -19.06
CA TYR D 201 -28.20 -32.23 -19.96
C TYR D 201 -27.11 -31.21 -19.65
N GLY D 202 -26.54 -31.21 -18.46
CA GLY D 202 -25.57 -30.20 -18.08
C GLY D 202 -26.14 -29.04 -17.30
N TYR D 203 -27.45 -29.03 -17.06
CA TYR D 203 -28.15 -27.97 -16.32
C TYR D 203 -29.54 -28.52 -16.07
N ALA D 204 -30.26 -27.88 -15.15
CA ALA D 204 -31.64 -28.28 -14.85
C ALA D 204 -32.58 -27.62 -15.85
N LEU D 205 -33.41 -28.43 -16.50
CA LEU D 205 -34.34 -27.90 -17.48
C LEU D 205 -35.41 -27.05 -16.82
N ASN D 206 -35.96 -26.13 -17.59
CA ASN D 206 -37.16 -25.37 -17.22
C ASN D 206 -38.20 -26.30 -16.61
N GLY D 207 -38.39 -27.46 -17.25
CA GLY D 207 -39.31 -28.47 -16.78
C GLY D 207 -38.98 -29.80 -17.41
N ALA D 208 -39.66 -30.85 -16.95
CA ALA D 208 -39.29 -32.20 -17.29
C ALA D 208 -39.98 -32.66 -18.58
N ARG D 209 -39.84 -31.86 -19.64
CA ARG D 209 -40.40 -32.22 -20.94
C ARG D 209 -39.34 -32.00 -22.02
N ALA D 210 -39.46 -32.75 -23.11
CA ALA D 210 -38.49 -32.62 -24.19
C ALA D 210 -38.47 -31.21 -24.77
N TYR D 211 -39.60 -30.53 -24.76
CA TYR D 211 -39.66 -29.18 -25.33
C TYR D 211 -39.09 -28.12 -24.40
N TYR D 212 -38.56 -28.52 -23.25
CA TYR D 212 -37.88 -27.62 -22.33
C TYR D 212 -36.37 -27.83 -22.31
N THR D 213 -35.81 -28.67 -23.19
CA THR D 213 -34.38 -28.88 -23.17
C THR D 213 -33.61 -27.63 -23.56
N ASN D 214 -34.28 -26.63 -24.12
CA ASN D 214 -33.60 -25.44 -24.62
C ASN D 214 -33.30 -24.42 -23.54
N ARG D 215 -33.80 -24.57 -22.33
CA ARG D 215 -33.54 -23.53 -21.33
C ARG D 215 -33.66 -24.11 -19.93
N SER D 216 -33.33 -23.26 -18.95
CA SER D 216 -33.29 -23.63 -17.55
C SER D 216 -34.34 -22.84 -16.77
N GLN D 217 -34.01 -22.51 -15.54
CA GLN D 217 -34.84 -21.68 -14.67
C GLN D 217 -33.93 -21.14 -13.57
N PRO D 218 -34.39 -20.20 -12.75
CA PRO D 218 -33.53 -19.67 -11.66
C PRO D 218 -32.88 -20.79 -10.88
N PRO D 219 -31.55 -20.73 -10.68
CA PRO D 219 -30.77 -21.89 -10.21
C PRO D 219 -30.77 -22.11 -8.70
N LEU D 220 -31.85 -22.73 -8.21
CA LEU D 220 -32.09 -22.93 -6.79
C LEU D 220 -31.65 -24.30 -6.30
N LEU D 221 -31.08 -25.14 -7.18
CA LEU D 221 -30.74 -26.52 -6.81
C LEU D 221 -29.79 -26.59 -5.61
N SER D 222 -28.74 -25.76 -5.60
CA SER D 222 -27.79 -25.83 -4.49
C SER D 222 -28.48 -25.49 -3.17
N SER D 223 -29.40 -24.51 -3.21
CA SER D 223 -30.16 -24.16 -2.02
C SER D 223 -31.03 -25.33 -1.55
N MET D 224 -31.66 -26.04 -2.50
CA MET D 224 -32.44 -27.22 -2.14
C MET D 224 -31.57 -28.26 -1.46
N VAL D 225 -30.35 -28.47 -1.97
CA VAL D 225 -29.48 -29.47 -1.37
C VAL D 225 -29.07 -29.01 0.02
N TYR D 226 -28.77 -27.73 0.16
CA TYR D 226 -28.34 -27.20 1.46
C TYR D 226 -29.44 -27.34 2.50
N GLU D 227 -30.67 -26.93 2.15
CA GLU D 227 -31.76 -26.96 3.12
C GLU D 227 -31.99 -28.37 3.63
N ILE D 228 -31.89 -29.36 2.74
CA ILE D 228 -32.08 -30.75 3.15
C ILE D 228 -30.95 -31.20 4.08
N TYR D 229 -29.70 -31.09 3.60
CA TYR D 229 -28.54 -31.53 4.38
C TYR D 229 -28.50 -30.85 5.74
N ASN D 230 -28.98 -29.61 5.82
CA ASN D 230 -28.95 -28.88 7.08
C ASN D 230 -29.84 -29.53 8.12
N VAL D 231 -30.86 -30.26 7.68
CA VAL D 231 -31.75 -30.97 8.59
C VAL D 231 -31.30 -32.41 8.79
N THR D 232 -31.01 -33.13 7.70
CA THR D 232 -30.76 -34.56 7.77
C THR D 232 -29.29 -34.95 7.77
N LYS D 233 -28.38 -34.01 7.51
CA LYS D 233 -26.93 -34.31 7.45
C LYS D 233 -26.65 -35.47 6.51
N ASP D 234 -27.29 -35.45 5.34
CA ASP D 234 -27.09 -36.46 4.31
C ASP D 234 -25.73 -36.21 3.66
N GLU D 235 -24.70 -36.92 4.13
CA GLU D 235 -23.35 -36.74 3.60
C GLU D 235 -23.27 -37.21 2.15
N GLU D 236 -23.88 -38.36 1.85
CA GLU D 236 -23.90 -38.85 0.48
C GLU D 236 -24.51 -37.82 -0.46
N LEU D 237 -25.63 -37.21 -0.06
CA LEU D 237 -26.30 -36.21 -0.88
C LEU D 237 -25.33 -35.14 -1.36
N VAL D 238 -24.59 -34.55 -0.43
CA VAL D 238 -23.68 -33.47 -0.80
C VAL D 238 -22.55 -33.98 -1.68
N ARG D 239 -22.10 -35.22 -1.48
CA ARG D 239 -21.03 -35.74 -2.31
C ARG D 239 -21.51 -35.95 -3.75
N LYS D 240 -22.67 -36.56 -3.93
CA LYS D 240 -23.19 -36.73 -5.28
C LYS D 240 -23.64 -35.41 -5.90
N ALA D 241 -23.86 -34.38 -5.08
CA ALA D 241 -24.34 -33.10 -5.58
C ALA D 241 -23.22 -32.22 -6.10
N ILE D 242 -22.05 -32.22 -5.45
CA ILE D 242 -21.00 -31.27 -5.81
C ILE D 242 -20.63 -31.31 -7.28
N PRO D 243 -20.38 -32.46 -7.91
CA PRO D 243 -20.04 -32.45 -9.35
C PRO D 243 -21.13 -31.87 -10.23
N LEU D 244 -22.39 -32.19 -9.94
CA LEU D 244 -23.49 -31.67 -10.76
C LEU D 244 -23.67 -30.18 -10.53
N LEU D 245 -23.49 -29.71 -9.30
CA LEU D 245 -23.57 -28.28 -9.03
C LEU D 245 -22.48 -27.54 -9.79
N LEU D 246 -21.29 -28.13 -9.91
CA LEU D 246 -20.22 -27.49 -10.67
C LEU D 246 -20.59 -27.38 -12.14
N LYS D 247 -21.16 -28.44 -12.71
CA LYS D 247 -21.69 -28.38 -14.07
C LYS D 247 -22.70 -27.26 -14.23
N GLU D 248 -23.69 -27.20 -13.32
CA GLU D 248 -24.66 -26.11 -13.39
C GLU D 248 -23.99 -24.76 -13.29
N TYR D 249 -23.05 -24.62 -12.35
CA TYR D 249 -22.39 -23.33 -12.15
C TYR D 249 -21.65 -22.91 -13.41
N GLU D 250 -20.96 -23.85 -14.06
CA GLU D 250 -20.29 -23.55 -15.31
C GLU D 250 -21.28 -23.10 -16.38
N PHE D 251 -22.45 -23.75 -16.43
CA PHE D 251 -23.47 -23.39 -17.40
C PHE D 251 -23.82 -21.90 -17.29
N TRP D 252 -24.02 -21.42 -16.07
CA TRP D 252 -24.44 -20.03 -15.86
C TRP D 252 -23.29 -19.04 -15.99
N ASN D 253 -22.04 -19.49 -15.95
CA ASN D 253 -20.88 -18.62 -15.99
C ASN D 253 -20.06 -18.82 -17.27
N SER D 254 -20.73 -19.09 -18.39
CA SER D 254 -19.99 -19.30 -19.62
C SER D 254 -20.95 -19.16 -20.80
N GLY D 255 -20.39 -19.03 -22.00
CA GLY D 255 -21.20 -18.89 -23.19
C GLY D 255 -21.99 -17.59 -23.14
N LYS D 256 -23.23 -17.66 -23.63
CA LYS D 256 -24.07 -16.47 -23.62
C LYS D 256 -24.59 -16.12 -22.22
N HIS D 257 -24.56 -17.06 -21.27
CA HIS D 257 -25.03 -16.72 -19.92
C HIS D 257 -24.07 -15.80 -19.21
N LYS D 258 -22.80 -15.74 -19.62
CA LYS D 258 -21.79 -14.94 -18.94
C LYS D 258 -21.68 -13.58 -19.62
N VAL D 259 -21.74 -12.51 -18.83
CA VAL D 259 -21.41 -11.18 -19.30
C VAL D 259 -20.37 -10.59 -18.35
N VAL D 260 -19.65 -9.59 -18.85
CA VAL D 260 -18.56 -8.96 -18.12
C VAL D 260 -18.78 -7.45 -18.16
N ILE D 261 -18.94 -6.83 -17.00
CA ILE D 261 -19.18 -5.40 -16.88
C ILE D 261 -17.98 -4.78 -16.18
N ARG D 262 -17.46 -3.69 -16.77
CA ARG D 262 -16.32 -2.97 -16.24
C ARG D 262 -16.79 -1.69 -15.54
N ASP D 263 -16.32 -1.47 -14.31
CA ASP D 263 -16.73 -0.28 -13.56
C ASP D 263 -15.87 0.93 -13.93
N ALA D 264 -16.13 2.04 -13.22
CA ALA D 264 -15.39 3.27 -13.50
C ALA D 264 -13.92 3.13 -13.15
N ASN D 265 -13.61 2.39 -12.09
CA ASN D 265 -12.21 2.16 -11.71
C ASN D 265 -11.48 1.25 -12.69
N GLY D 266 -12.20 0.59 -13.61
CA GLY D 266 -11.59 -0.31 -14.56
C GLY D 266 -11.61 -1.78 -14.18
N TYR D 267 -12.39 -2.16 -13.17
CA TYR D 267 -12.44 -3.51 -12.66
C TYR D 267 -13.53 -4.30 -13.38
N ASP D 268 -13.25 -5.57 -13.67
CA ASP D 268 -14.14 -6.42 -14.47
C ASP D 268 -14.99 -7.28 -13.54
N HIS D 269 -16.32 -7.09 -13.60
CA HIS D 269 -17.26 -7.90 -12.82
C HIS D 269 -17.92 -8.94 -13.72
N VAL D 270 -17.79 -10.21 -13.34
CA VAL D 270 -18.43 -11.32 -14.04
C VAL D 270 -19.85 -11.49 -13.49
N LEU D 271 -20.85 -11.42 -14.36
CA LEU D 271 -22.24 -11.61 -13.94
C LEU D 271 -22.94 -12.47 -14.99
N SER D 272 -24.18 -12.89 -14.68
CA SER D 272 -24.94 -13.71 -15.59
C SER D 272 -26.23 -13.02 -16.03
N ARG D 273 -26.79 -13.53 -17.13
CA ARG D 273 -28.10 -13.14 -17.62
C ARG D 273 -28.85 -14.40 -17.99
N TYR D 274 -30.16 -14.30 -18.09
CA TYR D 274 -30.91 -15.40 -18.66
C TYR D 274 -30.68 -15.41 -20.17
N TYR D 275 -30.73 -16.60 -20.77
CA TYR D 275 -30.48 -16.70 -22.22
C TYR D 275 -30.98 -18.08 -22.67
N ALA D 276 -32.24 -18.12 -23.11
CA ALA D 276 -32.77 -19.34 -23.67
C ALA D 276 -32.07 -19.64 -24.99
N MET D 277 -31.70 -20.90 -25.18
CA MET D 277 -31.12 -21.39 -26.44
C MET D 277 -32.24 -21.82 -27.38
N TRP D 278 -33.00 -20.81 -27.82
CA TRP D 278 -34.24 -21.07 -28.55
C TRP D 278 -34.64 -19.77 -29.23
N ASN D 279 -35.06 -19.86 -30.50
CA ASN D 279 -35.44 -18.66 -31.23
C ASN D 279 -36.69 -18.92 -32.08
N LYS D 280 -37.57 -19.81 -31.60
CA LYS D 280 -38.79 -20.20 -32.28
C LYS D 280 -39.97 -19.98 -31.33
N PRO D 281 -41.21 -20.10 -31.78
CA PRO D 281 -42.32 -20.18 -30.83
C PRO D 281 -42.08 -21.30 -29.83
N ARG D 282 -42.41 -21.06 -28.57
CA ARG D 282 -42.40 -22.14 -27.60
C ARG D 282 -43.43 -23.17 -28.03
N PRO D 283 -43.09 -24.46 -28.10
CA PRO D 283 -44.10 -25.45 -28.52
C PRO D 283 -45.33 -25.47 -27.63
N GLU D 284 -45.17 -25.21 -26.33
CA GLU D 284 -46.29 -25.24 -25.40
C GLU D 284 -47.16 -23.99 -25.47
N SER D 285 -46.75 -22.98 -26.22
CA SER D 285 -47.50 -21.74 -26.35
C SER D 285 -47.48 -21.27 -27.79
N SER D 286 -47.56 -22.22 -28.73
CA SER D 286 -47.19 -21.92 -30.12
C SER D 286 -48.17 -20.93 -30.76
N VAL D 287 -49.46 -21.03 -30.45
CA VAL D 287 -50.41 -20.14 -31.10
C VAL D 287 -50.24 -18.72 -30.61
N PHE D 288 -50.13 -18.55 -29.30
CA PHE D 288 -49.84 -17.23 -28.75
C PHE D 288 -48.52 -16.70 -29.31
N ASP D 289 -47.47 -17.52 -29.26
CA ASP D 289 -46.15 -17.05 -29.69
C ASP D 289 -46.15 -16.70 -31.18
N GLU D 290 -46.82 -17.50 -32.01
CA GLU D 290 -46.88 -17.19 -33.44
C GLU D 290 -47.61 -15.88 -33.69
N GLU D 291 -48.79 -15.72 -33.09
CA GLU D 291 -49.53 -14.46 -33.23
C GLU D 291 -48.71 -13.27 -32.71
N SER D 292 -48.17 -13.39 -31.50
CA SER D 292 -47.48 -12.27 -30.87
C SER D 292 -46.26 -11.81 -31.67
N ALA D 293 -45.76 -12.66 -32.58
CA ALA D 293 -44.62 -12.35 -33.42
C ALA D 293 -45.00 -12.03 -34.87
N SER D 294 -46.27 -12.24 -35.25
CA SER D 294 -46.71 -11.97 -36.61
C SER D 294 -46.58 -10.50 -36.99
N GLY D 295 -46.32 -9.62 -36.03
CA GLY D 295 -46.12 -8.21 -36.30
C GLY D 295 -44.73 -7.81 -36.76
N PHE D 296 -43.79 -8.75 -36.80
CA PHE D 296 -42.41 -8.48 -37.19
C PHE D 296 -42.18 -8.83 -38.65
N SER D 297 -41.51 -7.95 -39.40
CA SER D 297 -41.45 -8.08 -40.86
C SER D 297 -40.42 -9.09 -41.36
N THR D 298 -39.41 -9.45 -40.57
CA THR D 298 -38.36 -10.33 -41.06
C THR D 298 -38.13 -11.51 -40.11
N MET D 299 -37.49 -12.55 -40.66
CA MET D 299 -37.19 -13.74 -39.86
C MET D 299 -36.24 -13.41 -38.72
N LEU D 300 -35.28 -12.50 -38.96
CA LEU D 300 -34.36 -12.12 -37.91
C LEU D 300 -35.07 -11.37 -36.79
N GLU D 301 -35.97 -10.46 -37.15
CA GLU D 301 -36.76 -9.78 -36.12
C GLU D 301 -37.62 -10.77 -35.35
N LYS D 302 -38.18 -11.75 -36.05
CA LYS D 302 -39.01 -12.75 -35.36
C LYS D 302 -38.14 -13.59 -34.43
N GLN D 303 -36.97 -14.02 -34.91
CA GLN D 303 -36.13 -14.90 -34.12
C GLN D 303 -35.60 -14.18 -32.88
N ARG D 304 -35.24 -12.91 -33.03
CA ARG D 304 -34.81 -12.13 -31.86
C ARG D 304 -35.92 -12.06 -30.83
N PHE D 305 -37.13 -11.71 -31.27
CA PHE D 305 -38.25 -11.64 -30.34
C PHE D 305 -38.51 -12.97 -29.66
N HIS D 306 -38.62 -14.04 -30.45
CA HIS D 306 -38.83 -15.38 -29.90
C HIS D 306 -37.82 -15.71 -28.81
N ARG D 307 -36.54 -15.38 -29.05
CA ARG D 307 -35.51 -15.72 -28.07
C ARG D 307 -35.71 -14.94 -26.78
N ASP D 308 -36.07 -13.66 -26.89
CA ASP D 308 -36.32 -12.87 -25.68
C ASP D 308 -37.53 -13.39 -24.92
N ILE D 309 -38.55 -13.85 -25.64
CA ILE D 309 -39.72 -14.43 -24.99
C ILE D 309 -39.34 -15.68 -24.22
N ALA D 310 -38.68 -16.62 -24.90
CA ALA D 310 -38.21 -17.84 -24.25
C ALA D 310 -37.25 -17.54 -23.10
N THR D 311 -36.49 -16.45 -23.20
CA THR D 311 -35.60 -16.06 -22.11
C THR D 311 -36.38 -15.53 -20.92
N ALA D 312 -37.51 -14.85 -21.15
CA ALA D 312 -38.39 -14.48 -20.04
C ALA D 312 -38.97 -15.72 -19.37
N ALA D 313 -39.22 -16.78 -20.14
CA ALA D 313 -39.68 -18.02 -19.53
C ALA D 313 -38.58 -18.65 -18.68
N GLU D 314 -37.33 -18.56 -19.14
CA GLU D 314 -36.24 -19.07 -18.31
C GLU D 314 -36.11 -18.28 -17.01
N SER D 315 -36.51 -17.02 -17.01
CA SER D 315 -36.42 -16.23 -15.78
C SER D 315 -37.37 -16.70 -14.69
N GLY D 316 -38.35 -17.55 -15.03
CA GLY D 316 -39.40 -17.90 -14.11
C GLY D 316 -40.52 -16.91 -14.02
N CYS D 317 -40.34 -15.71 -14.57
CA CYS D 317 -41.30 -14.62 -14.42
C CYS D 317 -41.85 -14.14 -15.75
N ALA D 318 -42.53 -15.02 -16.50
CA ALA D 318 -43.18 -14.65 -17.75
C ALA D 318 -44.63 -14.28 -17.50
N PHE D 319 -44.99 -13.02 -17.75
CA PHE D 319 -44.12 -11.95 -18.23
C PHE D 319 -44.26 -10.72 -17.33
N SER D 320 -43.42 -9.71 -17.57
CA SER D 320 -43.38 -8.54 -16.70
C SER D 320 -42.85 -7.33 -17.45
N THR D 321 -43.31 -6.15 -17.03
CA THR D 321 -42.66 -4.90 -17.43
C THR D 321 -41.17 -4.91 -17.10
N ARG D 322 -40.73 -5.77 -16.18
CA ARG D 322 -39.32 -5.89 -15.86
C ARG D 322 -38.48 -6.30 -17.07
N TRP D 323 -39.07 -7.06 -18.01
CA TRP D 323 -38.32 -7.53 -19.17
C TRP D 323 -38.56 -6.72 -20.43
N MET D 324 -39.33 -5.64 -20.34
CA MET D 324 -39.75 -4.87 -21.52
C MET D 324 -38.86 -3.65 -21.72
N ARG D 325 -38.38 -3.45 -22.95
CA ARG D 325 -37.55 -2.27 -23.20
C ARG D 325 -38.36 -0.99 -23.11
N ASP D 326 -39.62 -1.04 -23.55
CA ASP D 326 -40.54 0.09 -23.51
C ASP D 326 -41.85 -0.38 -22.89
N PRO D 327 -41.88 -0.54 -21.57
CA PRO D 327 -43.11 -0.96 -20.92
C PRO D 327 -44.21 0.06 -21.10
N PRO D 328 -45.47 -0.38 -21.18
CA PRO D 328 -45.90 -1.78 -21.04
C PRO D 328 -46.09 -2.55 -22.35
N ASN D 329 -45.38 -2.22 -23.41
CA ASN D 329 -45.62 -2.84 -24.71
C ASN D 329 -44.96 -4.23 -24.73
N PHE D 330 -45.80 -5.26 -24.81
CA PHE D 330 -45.34 -6.64 -24.80
C PHE D 330 -44.33 -6.93 -25.91
N THR D 331 -44.50 -6.29 -27.07
CA THR D 331 -43.63 -6.60 -28.22
C THR D 331 -42.20 -6.07 -28.05
N THR D 332 -41.91 -5.31 -27.01
CA THR D 332 -40.54 -4.86 -26.77
C THR D 332 -39.84 -5.69 -25.70
N MET D 333 -40.36 -6.89 -25.42
CA MET D 333 -39.68 -7.85 -24.56
C MET D 333 -38.22 -7.95 -24.96
N ALA D 334 -37.32 -7.69 -24.00
CA ALA D 334 -35.89 -7.59 -24.29
C ALA D 334 -35.07 -8.34 -23.26
N THR D 335 -35.51 -9.55 -22.92
CA THR D 335 -35.00 -10.23 -21.74
C THR D 335 -33.50 -10.52 -21.81
N THR D 336 -32.95 -10.78 -23.00
CA THR D 336 -31.52 -11.13 -23.09
C THR D 336 -30.60 -9.95 -22.83
N SER D 337 -31.13 -8.73 -22.76
CA SER D 337 -30.34 -7.55 -22.49
C SER D 337 -30.27 -7.21 -21.00
N VAL D 338 -30.97 -7.96 -20.14
CA VAL D 338 -31.06 -7.68 -18.71
C VAL D 338 -30.07 -8.55 -17.95
N VAL D 339 -29.21 -7.92 -17.16
CA VAL D 339 -28.42 -8.62 -16.15
C VAL D 339 -29.23 -8.55 -14.85
N PRO D 340 -29.96 -9.59 -14.47
CA PRO D 340 -30.96 -9.45 -13.40
C PRO D 340 -30.41 -9.61 -11.99
N VAL D 341 -31.04 -8.86 -11.08
CA VAL D 341 -30.64 -8.87 -9.66
C VAL D 341 -30.84 -10.26 -9.07
N ASP D 342 -32.04 -10.84 -9.21
CA ASP D 342 -32.34 -12.09 -8.52
C ASP D 342 -31.50 -13.24 -9.08
N LEU D 343 -31.32 -13.30 -10.40
CA LEU D 343 -30.49 -14.36 -10.97
C LEU D 343 -29.11 -14.36 -10.34
N ASN D 344 -28.52 -13.18 -10.19
CA ASN D 344 -27.17 -13.14 -9.64
C ASN D 344 -27.15 -13.31 -8.12
N VAL D 345 -28.26 -13.03 -7.45
CA VAL D 345 -28.43 -13.48 -6.08
C VAL D 345 -28.34 -15.01 -6.00
N PHE D 346 -29.03 -15.70 -6.90
CA PHE D 346 -29.01 -17.16 -6.86
C PHE D 346 -27.62 -17.71 -7.15
N LEU D 347 -26.86 -17.01 -8.01
CA LEU D 347 -25.50 -17.44 -8.32
C LEU D 347 -24.54 -17.13 -7.17
N LEU D 348 -24.68 -15.96 -6.56
CA LEU D 348 -24.01 -15.71 -5.28
C LEU D 348 -24.31 -16.83 -4.28
N LYS D 349 -25.60 -17.19 -4.14
CA LYS D 349 -25.98 -18.27 -3.24
C LYS D 349 -25.34 -19.60 -3.64
N MET D 350 -25.27 -19.89 -4.95
CA MET D 350 -24.54 -21.08 -5.39
C MET D 350 -23.11 -21.04 -4.91
N GLU D 351 -22.45 -19.89 -5.02
CA GLU D 351 -21.05 -19.79 -4.63
C GLU D 351 -20.87 -20.04 -3.13
N LEU D 352 -21.81 -19.52 -2.32
CA LEU D 352 -21.79 -19.79 -0.88
C LEU D 352 -22.10 -21.26 -0.59
N ASP D 353 -23.12 -21.81 -1.26
CA ASP D 353 -23.52 -23.21 -1.02
C ASP D 353 -22.42 -24.18 -1.44
N ILE D 354 -21.81 -23.96 -2.61
CA ILE D 354 -20.75 -24.84 -3.06
C ILE D 354 -19.55 -24.76 -2.11
N ALA D 355 -19.17 -23.55 -1.69
CA ALA D 355 -18.05 -23.40 -0.77
C ALA D 355 -18.29 -24.18 0.52
N PHE D 356 -19.50 -24.06 1.07
CA PHE D 356 -19.85 -24.83 2.27
C PHE D 356 -19.74 -26.33 2.01
N MET D 357 -20.36 -26.80 0.93
CA MET D 357 -20.42 -28.24 0.68
C MET D 357 -19.03 -28.85 0.50
N MET D 358 -18.09 -28.08 -0.05
CA MET D 358 -16.73 -28.59 -0.21
C MET D 358 -15.96 -28.59 1.10
N LYS D 359 -16.18 -27.59 1.95
CA LYS D 359 -15.52 -27.56 3.26
C LYS D 359 -15.87 -28.80 4.07
N VAL D 360 -17.14 -29.22 4.03
CA VAL D 360 -17.60 -30.32 4.87
C VAL D 360 -17.38 -31.69 4.24
N SER D 361 -16.93 -31.74 2.99
CA SER D 361 -16.63 -33.01 2.33
C SER D 361 -15.13 -33.21 2.11
N GLY D 362 -14.30 -32.34 2.67
CA GLY D 362 -12.86 -32.53 2.65
C GLY D 362 -12.10 -31.80 1.57
N ASP D 363 -12.74 -30.90 0.82
CA ASP D 363 -12.08 -30.15 -0.24
C ASP D 363 -11.96 -28.70 0.21
N GLN D 364 -10.98 -28.43 1.08
CA GLN D 364 -10.81 -27.07 1.58
C GLN D 364 -10.42 -26.10 0.46
N ASN D 365 -9.44 -26.50 -0.39
CA ASN D 365 -8.97 -25.61 -1.43
C ASN D 365 -10.04 -25.35 -2.47
N GLY D 366 -10.98 -26.29 -2.63
CA GLY D 366 -12.16 -26.02 -3.44
C GLY D 366 -13.03 -24.93 -2.82
N SER D 367 -13.33 -25.06 -1.53
CA SER D 367 -14.15 -24.05 -0.84
C SER D 367 -13.54 -22.66 -0.99
N ASP D 368 -12.20 -22.57 -0.90
CA ASP D 368 -11.55 -21.27 -1.00
C ASP D 368 -11.70 -20.67 -2.40
N ARG D 369 -11.67 -21.51 -3.43
CA ARG D 369 -11.94 -21.02 -4.79
C ARG D 369 -13.31 -20.36 -4.86
N PHE D 370 -14.33 -21.01 -4.32
CA PHE D 370 -15.68 -20.45 -4.41
C PHE D 370 -15.95 -19.37 -3.35
N VAL D 371 -15.26 -19.39 -2.21
CA VAL D 371 -15.34 -18.24 -1.32
C VAL D 371 -14.81 -16.99 -2.04
N LYS D 372 -13.68 -17.12 -2.73
CA LYS D 372 -13.17 -16.01 -3.53
C LYS D 372 -14.21 -15.59 -4.57
N ALA D 373 -14.83 -16.55 -5.25
CA ALA D 373 -15.87 -16.22 -6.21
C ALA D 373 -17.01 -15.46 -5.56
N SER D 374 -17.46 -15.91 -4.39
CA SER D 374 -18.57 -15.25 -3.73
C SER D 374 -18.22 -13.81 -3.38
N LYS D 375 -17.04 -13.58 -2.81
CA LYS D 375 -16.63 -12.22 -2.49
C LYS D 375 -16.55 -11.37 -3.75
N ALA D 376 -16.09 -11.95 -4.87
CA ALA D 376 -16.10 -11.25 -6.14
C ALA D 376 -17.51 -10.83 -6.54
N ARG D 377 -18.50 -11.73 -6.43
CA ARG D 377 -19.85 -11.31 -6.81
C ARG D 377 -20.44 -10.32 -5.81
N GLU D 378 -20.07 -10.42 -4.53
CA GLU D 378 -20.49 -9.43 -3.54
C GLU D 378 -20.06 -8.02 -3.92
N LYS D 379 -18.82 -7.87 -4.43
CA LYS D 379 -18.42 -6.55 -4.87
C LYS D 379 -19.13 -6.16 -6.17
N ALA D 380 -19.42 -7.15 -7.03
CA ALA D 380 -20.28 -6.86 -8.18
C ALA D 380 -21.59 -6.25 -7.73
N PHE D 381 -22.20 -6.81 -6.67
CA PHE D 381 -23.48 -6.28 -6.20
C PHE D 381 -23.36 -4.83 -5.73
N GLN D 382 -22.33 -4.54 -4.94
CA GLN D 382 -22.10 -3.16 -4.51
C GLN D 382 -21.86 -2.24 -5.69
N THR D 383 -21.08 -2.69 -6.67
CA THR D 383 -20.67 -1.82 -7.76
C THR D 383 -21.70 -1.75 -8.89
N VAL D 384 -22.14 -2.90 -9.41
CA VAL D 384 -22.95 -2.91 -10.63
C VAL D 384 -24.43 -2.74 -10.33
N PHE D 385 -24.97 -3.38 -9.30
CA PHE D 385 -26.42 -3.41 -9.04
C PHE D 385 -26.89 -2.36 -8.03
N TRP D 386 -26.17 -2.20 -6.91
CA TRP D 386 -26.65 -1.34 -5.83
C TRP D 386 -26.91 0.08 -6.33
N ASN D 387 -27.99 0.67 -5.84
CA ASN D 387 -28.25 2.09 -6.05
C ASN D 387 -28.50 2.72 -4.68
N GLU D 388 -27.55 3.55 -4.23
CA GLU D 388 -27.64 4.14 -2.90
C GLU D 388 -28.91 4.97 -2.75
N LYS D 389 -29.17 5.86 -3.71
CA LYS D 389 -30.33 6.75 -3.59
C LYS D 389 -31.62 5.95 -3.54
N ALA D 390 -31.73 4.89 -4.34
CA ALA D 390 -32.92 4.05 -4.32
C ALA D 390 -33.02 3.19 -3.08
N GLY D 391 -31.88 2.88 -2.44
CA GLY D 391 -31.89 1.97 -1.32
C GLY D 391 -32.13 0.53 -1.69
N GLN D 392 -31.88 0.17 -2.95
CA GLN D 392 -32.17 -1.18 -3.42
C GLN D 392 -31.25 -1.48 -4.60
N TRP D 393 -31.33 -2.71 -5.09
CA TRP D 393 -30.50 -3.17 -6.19
C TRP D 393 -31.32 -3.14 -7.48
N LEU D 394 -30.67 -2.74 -8.57
CA LEU D 394 -31.37 -2.55 -9.84
C LEU D 394 -30.78 -3.45 -10.92
N ASP D 395 -31.67 -4.05 -11.71
CA ASP D 395 -31.26 -4.75 -12.92
C ASP D 395 -30.42 -3.83 -13.80
N TYR D 396 -29.39 -4.39 -14.42
CA TYR D 396 -28.52 -3.64 -15.32
C TYR D 396 -28.77 -4.09 -16.76
N TRP D 397 -29.13 -3.13 -17.62
CA TRP D 397 -29.42 -3.40 -19.02
C TRP D 397 -28.17 -3.15 -19.86
N LEU D 398 -27.78 -4.17 -20.63
CA LEU D 398 -26.63 -4.07 -21.51
C LEU D 398 -26.85 -3.02 -22.59
N SER D 399 -25.78 -2.35 -22.97
CA SER D 399 -25.82 -1.41 -24.09
C SER D 399 -25.55 -2.09 -25.43
N SER D 400 -24.77 -3.17 -25.44
CA SER D 400 -24.43 -3.92 -26.64
C SER D 400 -25.10 -5.29 -26.60
N SER D 401 -24.45 -6.30 -27.18
CA SER D 401 -25.00 -7.64 -27.28
C SER D 401 -24.61 -8.53 -26.11
N GLY D 402 -23.63 -8.13 -25.29
CA GLY D 402 -23.10 -8.97 -24.24
C GLY D 402 -22.08 -9.99 -24.68
N GLU D 403 -21.71 -9.98 -25.97
CA GLU D 403 -20.78 -10.96 -26.51
C GLU D 403 -19.37 -10.75 -25.98
N SER D 405 -17.49 -7.52 -23.60
CA SER D 405 -17.40 -6.76 -22.36
C SER D 405 -17.92 -5.34 -22.54
N GLU D 406 -18.41 -4.75 -21.45
CA GLU D 406 -19.09 -3.48 -21.49
C GLU D 406 -18.61 -2.63 -20.33
N THR D 407 -18.86 -1.32 -20.43
CA THR D 407 -18.49 -0.37 -19.39
C THR D 407 -19.75 0.14 -18.70
N TRP D 408 -19.80 -0.01 -17.38
CA TRP D 408 -20.99 0.33 -16.61
C TRP D 408 -21.38 1.79 -16.82
N LYS D 409 -22.68 2.03 -16.94
CA LYS D 409 -23.22 3.37 -17.14
C LYS D 409 -24.44 3.54 -16.24
N ALA D 410 -24.45 4.62 -15.46
CA ALA D 410 -25.55 4.86 -14.53
C ALA D 410 -26.88 4.95 -15.25
N GLU D 411 -26.87 5.35 -16.53
CA GLU D 411 -28.11 5.50 -17.29
C GLU D 411 -28.81 4.17 -17.50
N ASN D 412 -28.08 3.07 -17.43
CA ASN D 412 -28.59 1.76 -17.83
C ASN D 412 -29.14 0.95 -16.67
N GLN D 413 -29.10 1.48 -15.45
CA GLN D 413 -29.79 0.84 -14.34
C GLN D 413 -31.29 0.98 -14.56
N ASN D 414 -32.03 -0.13 -14.46
CA ASN D 414 -33.48 -0.04 -14.53
C ASN D 414 -33.99 0.55 -13.22
N THR D 415 -34.37 1.83 -13.26
CA THR D 415 -34.86 2.55 -12.10
C THR D 415 -36.21 2.04 -11.60
N ASN D 416 -36.91 1.27 -12.40
CA ASN D 416 -38.24 0.82 -12.00
C ASN D 416 -38.14 -0.14 -10.82
N VAL D 417 -39.25 -0.24 -10.07
CA VAL D 417 -39.26 -0.85 -8.75
C VAL D 417 -39.93 -2.22 -8.82
N PHE D 418 -39.22 -3.24 -8.35
CA PHE D 418 -39.68 -4.62 -8.42
C PHE D 418 -39.33 -5.31 -7.11
N ALA D 419 -40.14 -6.31 -6.74
CA ALA D 419 -39.78 -7.11 -5.58
C ALA D 419 -38.41 -7.76 -5.76
N SER D 420 -38.03 -8.06 -7.01
CA SER D 420 -36.74 -8.68 -7.26
C SER D 420 -35.58 -7.74 -6.90
N ASN D 421 -35.80 -6.43 -6.98
CA ASN D 421 -34.80 -5.46 -6.56
C ASN D 421 -34.34 -5.68 -5.12
N PHE D 422 -35.15 -6.36 -4.32
CA PHE D 422 -34.85 -6.56 -2.91
C PHE D 422 -34.34 -7.96 -2.61
N ALA D 423 -34.26 -8.83 -3.61
CA ALA D 423 -33.76 -10.19 -3.45
C ALA D 423 -32.43 -10.29 -2.71
N PRO D 424 -31.48 -9.35 -2.85
CA PRO D 424 -30.20 -9.53 -2.13
C PRO D 424 -30.33 -9.57 -0.62
N ILE D 425 -31.41 -9.02 -0.04
CA ILE D 425 -31.61 -9.11 1.40
C ILE D 425 -31.62 -10.56 1.87
N TRP D 426 -31.86 -11.49 0.96
CA TRP D 426 -31.89 -12.90 1.29
C TRP D 426 -30.51 -13.46 1.56
N ILE D 427 -29.46 -12.75 1.13
CA ILE D 427 -28.08 -13.20 1.27
C ILE D 427 -27.56 -12.76 2.63
N ASN D 428 -26.85 -13.66 3.29
CA ASN D 428 -26.52 -13.43 4.69
C ASN D 428 -25.37 -12.43 4.83
N SER D 429 -24.46 -12.36 3.87
CA SER D 429 -23.46 -11.29 3.89
C SER D 429 -24.10 -9.91 3.82
N ILE D 430 -25.32 -9.83 3.31
CA ILE D 430 -26.01 -8.55 3.20
C ILE D 430 -26.94 -8.31 4.38
N ASN D 431 -27.67 -9.33 4.84
CA ASN D 431 -28.58 -9.10 5.96
C ASN D 431 -27.86 -9.14 7.31
N SER D 432 -26.60 -9.59 7.35
CA SER D 432 -25.75 -9.42 8.53
C SER D 432 -25.26 -7.99 8.71
N ASP D 433 -25.47 -7.14 7.71
CA ASP D 433 -24.96 -5.76 7.71
C ASP D 433 -26.05 -4.85 8.26
N GLU D 434 -25.92 -4.47 9.54
CA GLU D 434 -26.98 -3.71 10.21
C GLU D 434 -27.30 -2.41 9.49
N ASN D 435 -26.27 -1.66 9.06
CA ASN D 435 -26.48 -0.36 8.44
C ASN D 435 -27.09 -0.51 7.05
N LEU D 436 -26.67 -1.53 6.31
CA LEU D 436 -27.27 -1.79 5.00
C LEU D 436 -28.75 -2.15 5.14
N VAL D 437 -29.07 -3.05 6.07
CA VAL D 437 -30.45 -3.51 6.25
C VAL D 437 -31.39 -2.33 6.51
N LYS D 438 -30.97 -1.39 7.35
CA LYS D 438 -31.84 -0.27 7.69
C LYS D 438 -32.14 0.58 6.45
N LYS D 439 -31.16 0.72 5.55
CA LYS D 439 -31.40 1.43 4.30
C LYS D 439 -32.40 0.69 3.43
N VAL D 440 -32.27 -0.63 3.33
CA VAL D 440 -33.22 -1.42 2.54
C VAL D 440 -34.60 -1.41 3.19
N VAL D 441 -34.66 -1.53 4.52
CA VAL D 441 -35.97 -1.49 5.19
C VAL D 441 -36.69 -0.19 4.87
N THR D 442 -35.96 0.91 4.89
CA THR D 442 -36.55 2.21 4.60
C THR D 442 -37.01 2.25 3.15
N ALA D 443 -36.16 1.81 2.23
CA ALA D 443 -36.54 1.75 0.82
C ALA D 443 -37.83 0.95 0.63
N LEU D 444 -37.89 -0.26 1.21
CA LEU D 444 -39.06 -1.11 0.99
C LEU D 444 -40.32 -0.49 1.58
N LYS D 445 -40.21 0.13 2.76
CA LYS D 445 -41.37 0.75 3.39
C LYS D 445 -41.97 1.84 2.50
N ASN D 446 -41.11 2.69 1.93
CA ASN D 446 -41.59 3.78 1.09
C ASN D 446 -41.66 3.41 -0.39
N SER D 447 -41.34 2.16 -0.74
CA SER D 447 -41.35 1.75 -2.14
C SER D 447 -42.75 1.72 -2.75
N GLY D 448 -43.77 1.47 -1.94
CA GLY D 448 -45.08 1.20 -2.47
C GLY D 448 -45.35 -0.26 -2.76
N LEU D 449 -44.36 -1.13 -2.60
CA LEU D 449 -44.55 -2.56 -2.86
C LEU D 449 -45.31 -3.26 -1.74
N ILE D 450 -45.22 -2.77 -0.51
CA ILE D 450 -45.93 -3.42 0.58
C ILE D 450 -47.41 -3.09 0.47
N ALA D 451 -48.22 -4.11 0.22
CA ALA D 451 -49.63 -3.99 -0.08
C ALA D 451 -50.40 -4.75 0.97
N PRO D 452 -51.74 -4.65 1.02
CA PRO D 452 -52.49 -5.30 2.12
C PRO D 452 -52.17 -6.77 2.33
N ALA D 453 -51.94 -7.53 1.25
CA ALA D 453 -51.74 -8.97 1.36
C ALA D 453 -50.30 -9.41 1.14
N GLY D 454 -49.37 -8.50 0.90
CA GLY D 454 -47.97 -8.86 0.79
C GLY D 454 -47.23 -7.92 -0.14
N ILE D 455 -46.14 -8.42 -0.71
CA ILE D 455 -45.24 -7.58 -1.50
C ILE D 455 -45.60 -7.71 -2.98
N LEU D 456 -45.99 -6.58 -3.58
CA LEU D 456 -46.21 -6.51 -5.02
C LEU D 456 -44.96 -6.90 -5.79
N THR D 457 -45.15 -7.61 -6.90
CA THR D 457 -43.98 -7.95 -7.71
C THR D 457 -43.48 -6.73 -8.50
N SER D 458 -44.36 -5.79 -8.80
CA SER D 458 -43.98 -4.55 -9.48
C SER D 458 -45.04 -3.49 -9.16
N LEU D 459 -44.79 -2.26 -9.63
CA LEU D 459 -45.72 -1.15 -9.41
C LEU D 459 -46.56 -0.82 -10.63
N THR D 460 -46.41 -1.57 -11.72
CA THR D 460 -47.11 -1.29 -12.97
C THR D 460 -48.18 -2.34 -13.20
N ASN D 461 -49.43 -1.90 -13.29
CA ASN D 461 -50.55 -2.80 -13.61
C ASN D 461 -50.61 -2.93 -15.12
N SER D 462 -49.95 -3.96 -15.64
CA SER D 462 -49.73 -4.13 -17.06
C SER D 462 -50.63 -5.17 -17.70
N GLY D 463 -51.39 -5.93 -16.92
CA GLY D 463 -52.08 -7.10 -17.42
C GLY D 463 -51.26 -8.38 -17.35
N GLN D 464 -49.93 -8.27 -17.22
CA GLN D 464 -49.06 -9.43 -17.20
C GLN D 464 -49.07 -10.10 -15.82
N GLN D 465 -48.63 -11.37 -15.81
CA GLN D 465 -48.69 -12.17 -14.58
C GLN D 465 -47.70 -11.67 -13.53
N TRP D 466 -46.49 -11.34 -13.93
CA TRP D 466 -45.47 -10.89 -12.98
C TRP D 466 -45.38 -9.37 -12.96
N ASP D 467 -46.54 -8.78 -12.71
CA ASP D 467 -46.70 -7.35 -12.49
C ASP D 467 -47.79 -7.15 -11.44
N SER D 468 -47.78 -5.97 -10.81
CA SER D 468 -48.95 -5.48 -10.08
C SER D 468 -50.21 -5.84 -10.88
N PRO D 469 -51.31 -6.23 -10.22
CA PRO D 469 -51.47 -6.24 -8.76
C PRO D 469 -51.07 -7.55 -8.07
N ASN D 470 -50.22 -8.36 -8.69
CA ASN D 470 -49.96 -9.70 -8.17
C ASN D 470 -48.75 -9.72 -7.25
N GLY D 471 -48.76 -10.67 -6.33
CA GLY D 471 -47.58 -10.99 -5.54
C GLY D 471 -47.37 -12.49 -5.53
N TRP D 472 -46.11 -12.90 -5.49
CA TRP D 472 -45.74 -14.29 -5.75
C TRP D 472 -44.93 -14.87 -4.60
N ALA D 473 -45.30 -16.09 -4.18
CA ALA D 473 -44.70 -16.75 -3.02
C ALA D 473 -43.18 -16.70 -2.95
N PRO D 474 -42.42 -17.03 -4.00
CA PRO D 474 -40.96 -16.98 -3.86
C PRO D 474 -40.45 -15.61 -3.50
N GLN D 475 -41.11 -14.56 -3.99
CA GLN D 475 -40.62 -13.21 -3.70
C GLN D 475 -40.95 -12.80 -2.27
N GLN D 476 -42.14 -13.18 -1.76
CA GLN D 476 -42.45 -12.97 -0.35
C GLN D 476 -41.40 -13.61 0.53
N GLU D 477 -41.07 -14.86 0.25
CA GLU D 477 -40.23 -15.63 1.16
C GLU D 477 -38.81 -15.10 1.19
N MET D 478 -38.26 -14.70 0.04
CA MET D 478 -36.87 -14.22 0.06
C MET D 478 -36.74 -12.94 0.88
N ILE D 479 -37.68 -12.00 0.72
CA ILE D 479 -37.60 -10.75 1.47
C ILE D 479 -37.86 -11.00 2.96
N VAL D 480 -38.89 -11.79 3.26
CA VAL D 480 -39.25 -12.05 4.65
C VAL D 480 -38.14 -12.81 5.35
N THR D 481 -37.66 -13.89 4.74
CA THR D 481 -36.57 -14.62 5.36
C THR D 481 -35.34 -13.73 5.52
N GLY D 482 -35.07 -12.89 4.52
CA GLY D 482 -33.87 -12.07 4.57
C GLY D 482 -33.94 -11.02 5.66
N LEU D 483 -35.05 -10.28 5.72
CA LEU D 483 -35.25 -9.32 6.79
C LEU D 483 -35.19 -10.00 8.15
N GLY D 484 -35.87 -11.14 8.28
CA GLY D 484 -35.95 -11.85 9.55
C GLY D 484 -34.61 -12.35 10.06
N ARG D 485 -33.63 -12.54 9.18
CA ARG D 485 -32.33 -13.05 9.61
C ARG D 485 -31.41 -11.95 10.11
N SER D 486 -31.75 -10.68 9.87
CA SER D 486 -30.93 -9.56 10.28
C SER D 486 -31.12 -9.32 11.78
N SER D 487 -30.18 -8.56 12.36
CA SER D 487 -30.27 -8.20 13.77
C SER D 487 -30.97 -6.86 13.98
N VAL D 488 -31.66 -6.36 12.96
CA VAL D 488 -32.31 -5.06 13.03
C VAL D 488 -33.77 -5.28 13.40
N LYS D 489 -34.15 -4.79 14.58
CA LYS D 489 -35.48 -5.10 15.10
C LYS D 489 -36.59 -4.58 14.19
N GLU D 490 -36.38 -3.42 13.54
CA GLU D 490 -37.39 -2.94 12.60
C GLU D 490 -37.55 -3.89 11.41
N ALA D 491 -36.46 -4.49 10.94
CA ALA D 491 -36.58 -5.43 9.83
C ALA D 491 -37.29 -6.70 10.28
N LYS D 492 -36.97 -7.17 11.50
CA LYS D 492 -37.62 -8.37 12.02
C LYS D 492 -39.12 -8.18 12.13
N GLU D 493 -39.56 -7.03 12.63
CA GLU D 493 -40.98 -6.76 12.74
C GLU D 493 -41.63 -6.64 11.37
N MET D 494 -40.93 -5.99 10.43
CA MET D 494 -41.48 -5.88 9.08
C MET D 494 -41.67 -7.26 8.45
N ALA D 495 -40.68 -8.14 8.62
CA ALA D 495 -40.78 -9.48 8.03
C ALA D 495 -41.96 -10.25 8.63
N GLU D 496 -42.12 -10.18 9.96
CA GLU D 496 -43.24 -10.89 10.57
C GLU D 496 -44.57 -10.33 10.09
N ASP D 497 -44.65 -9.02 9.90
CA ASP D 497 -45.89 -8.39 9.43
C ASP D 497 -46.25 -8.87 8.03
N ILE D 498 -45.27 -8.89 7.14
CA ILE D 498 -45.54 -9.32 5.77
C ILE D 498 -46.01 -10.76 5.75
N ALA D 499 -45.36 -11.61 6.54
CA ALA D 499 -45.70 -13.02 6.59
C ALA D 499 -47.13 -13.24 7.05
N ARG D 500 -47.57 -12.51 8.08
CA ARG D 500 -48.95 -12.68 8.54
C ARG D 500 -49.94 -12.14 7.53
N ARG D 501 -49.61 -11.03 6.87
CA ARG D 501 -50.49 -10.53 5.82
C ARG D 501 -50.65 -11.55 4.70
N TRP D 502 -49.54 -12.17 4.29
CA TRP D 502 -49.58 -13.19 3.24
C TRP D 502 -50.37 -14.42 3.70
N ILE D 503 -50.04 -14.94 4.89
CA ILE D 503 -50.76 -16.10 5.42
C ILE D 503 -52.25 -15.79 5.48
N LYS D 504 -52.60 -14.66 6.10
CA LYS D 504 -54.01 -14.32 6.31
C LYS D 504 -54.76 -14.25 4.99
N SER D 505 -54.19 -13.59 3.99
CA SER D 505 -54.92 -13.47 2.74
C SER D 505 -55.09 -14.84 2.08
N ASN D 506 -54.07 -15.71 2.15
CA ASN D 506 -54.21 -17.05 1.59
C ASN D 506 -55.31 -17.82 2.30
N TYR D 507 -55.41 -17.68 3.62
CA TYR D 507 -56.50 -18.28 4.37
C TYR D 507 -57.86 -17.79 3.88
N LEU D 508 -58.04 -16.47 3.78
CA LEU D 508 -59.33 -15.94 3.33
C LEU D 508 -59.66 -16.39 1.92
N VAL D 509 -58.65 -16.55 1.06
CA VAL D 509 -58.89 -17.03 -0.29
C VAL D 509 -59.30 -18.50 -0.26
N TYR D 510 -58.61 -19.30 0.56
CA TYR D 510 -58.93 -20.71 0.70
C TYR D 510 -60.38 -20.90 1.18
N LYS D 511 -60.84 -20.02 2.07
CA LYS D 511 -62.23 -20.14 2.53
C LYS D 511 -63.21 -19.78 1.42
N LYS D 512 -62.93 -18.71 0.67
CA LYS D 512 -63.83 -18.30 -0.40
C LYS D 512 -63.80 -19.28 -1.57
N SER D 513 -62.61 -19.75 -1.95
CA SER D 513 -62.48 -20.46 -3.22
C SER D 513 -62.29 -21.97 -3.09
N GLY D 514 -61.81 -22.46 -1.95
CA GLY D 514 -61.62 -23.89 -1.78
C GLY D 514 -60.23 -24.41 -2.02
N THR D 515 -59.28 -23.60 -2.46
CA THR D 515 -57.92 -24.08 -2.59
C THR D 515 -56.93 -22.92 -2.51
N ILE D 516 -55.64 -23.26 -2.61
CA ILE D 516 -54.55 -22.30 -2.60
C ILE D 516 -54.16 -22.04 -4.05
N HIS D 517 -53.79 -20.81 -4.35
CA HIS D 517 -53.57 -20.38 -5.73
C HIS D 517 -52.10 -20.08 -6.01
N GLU D 518 -51.82 -19.96 -7.30
CA GLU D 518 -50.46 -19.78 -7.77
C GLU D 518 -49.89 -18.42 -7.39
N LYS D 519 -50.73 -17.40 -7.33
CA LYS D 519 -50.33 -16.06 -6.91
C LYS D 519 -51.55 -15.38 -6.28
N LEU D 520 -51.28 -14.32 -5.52
CA LEU D 520 -52.34 -13.53 -4.91
C LEU D 520 -52.42 -12.16 -5.57
N LYS D 521 -53.61 -11.58 -5.56
CA LYS D 521 -53.79 -10.17 -5.91
C LYS D 521 -53.56 -9.39 -4.62
N VAL D 522 -52.30 -9.04 -4.34
CA VAL D 522 -51.94 -8.58 -3.01
C VAL D 522 -52.43 -7.17 -2.70
N THR D 523 -52.93 -6.45 -3.70
CA THR D 523 -53.55 -5.15 -3.43
C THR D 523 -54.84 -5.27 -2.61
N GLU D 524 -55.42 -6.47 -2.50
CA GLU D 524 -56.65 -6.68 -1.75
C GLU D 524 -56.54 -7.95 -0.92
N LEU D 525 -56.79 -7.83 0.39
CA LEU D 525 -56.93 -9.02 1.23
C LEU D 525 -58.01 -9.93 0.67
N GLY D 526 -57.71 -11.23 0.59
CA GLY D 526 -58.70 -12.21 0.23
C GLY D 526 -58.98 -12.38 -1.25
N GLU D 527 -58.09 -11.91 -2.13
CA GLU D 527 -58.27 -12.04 -3.57
C GLU D 527 -57.07 -12.77 -4.19
N TYR D 528 -57.35 -13.73 -5.06
CA TYR D 528 -56.31 -14.38 -5.83
C TYR D 528 -56.19 -13.73 -7.21
N GLY D 529 -55.07 -14.01 -7.89
CA GLY D 529 -54.80 -13.43 -9.18
C GLY D 529 -55.43 -14.25 -10.28
N GLY D 530 -56.12 -13.57 -11.19
CA GLY D 530 -56.74 -14.21 -12.34
C GLY D 530 -55.75 -14.34 -13.48
N GLY D 531 -56.31 -14.72 -14.63
CA GLY D 531 -55.45 -14.95 -15.77
C GLY D 531 -54.55 -16.15 -15.51
N GLY D 532 -53.46 -16.21 -16.27
CA GLY D 532 -52.53 -17.30 -16.13
C GLY D 532 -52.83 -18.44 -17.10
N GLU D 533 -51.79 -19.18 -17.42
CA GLU D 533 -51.86 -20.32 -18.33
C GLU D 533 -52.64 -21.50 -17.76
N TYR D 534 -53.26 -21.38 -16.58
CA TYR D 534 -53.74 -22.53 -15.83
C TYR D 534 -55.23 -22.39 -15.53
N MET D 535 -55.97 -23.46 -15.75
CA MET D 535 -57.38 -23.54 -15.38
C MET D 535 -57.50 -23.81 -13.88
N PRO D 536 -58.65 -23.49 -13.27
CA PRO D 536 -58.77 -23.69 -11.82
C PRO D 536 -58.43 -25.13 -11.45
N GLN D 537 -57.71 -25.28 -10.34
CA GLN D 537 -57.21 -26.59 -9.96
C GLN D 537 -56.80 -26.54 -8.50
N THR D 538 -56.62 -27.73 -7.93
CA THR D 538 -56.03 -27.87 -6.61
C THR D 538 -54.57 -27.45 -6.64
N GLY D 539 -54.17 -26.62 -5.69
CA GLY D 539 -52.78 -26.19 -5.60
C GLY D 539 -52.44 -25.74 -4.19
N PHE D 540 -51.36 -24.97 -4.08
CA PHE D 540 -50.43 -24.74 -5.17
C PHE D 540 -49.02 -24.77 -4.60
N GLY D 541 -48.18 -25.59 -5.22
CA GLY D 541 -46.87 -25.96 -4.72
C GLY D 541 -46.12 -24.95 -3.88
N TRP D 542 -45.52 -23.93 -4.51
CA TRP D 542 -44.70 -23.01 -3.72
C TRP D 542 -45.54 -22.12 -2.81
N SER D 543 -46.82 -21.94 -3.12
CA SER D 543 -47.69 -21.20 -2.20
C SER D 543 -47.90 -21.97 -0.91
N ASN D 544 -48.28 -23.24 -1.02
CA ASN D 544 -48.41 -24.07 0.18
C ASN D 544 -47.10 -24.13 0.94
N GLY D 545 -45.98 -24.17 0.21
CA GLY D 545 -44.70 -24.28 0.89
C GLY D 545 -44.38 -23.07 1.74
N VAL D 546 -44.72 -21.89 1.25
CA VAL D 546 -44.37 -20.65 1.95
C VAL D 546 -45.33 -20.41 3.12
N ILE D 547 -46.61 -20.74 2.94
CA ILE D 547 -47.54 -20.73 4.07
C ILE D 547 -46.99 -21.56 5.21
N LEU D 548 -46.64 -22.81 4.92
CA LEU D 548 -46.12 -23.71 5.94
C LEU D 548 -44.82 -23.19 6.54
N ALA D 549 -43.89 -22.69 5.72
CA ALA D 549 -42.62 -22.21 6.26
C ALA D 549 -42.82 -20.95 7.12
N PHE D 550 -43.67 -20.03 6.67
CA PHE D 550 -43.93 -18.83 7.45
C PHE D 550 -44.56 -19.17 8.79
N LEU D 551 -45.48 -20.14 8.82
CA LEU D 551 -46.12 -20.53 10.06
C LEU D 551 -45.13 -21.22 10.98
N GLU D 552 -44.22 -22.02 10.44
CA GLU D 552 -43.22 -22.65 11.27
C GLU D 552 -42.34 -21.60 11.94
N GLU D 553 -42.01 -20.52 11.22
CA GLU D 553 -41.10 -19.52 11.77
C GLU D 553 -41.79 -18.60 12.77
N TYR D 554 -43.02 -18.19 12.48
CA TYR D 554 -43.67 -17.14 13.24
C TYR D 554 -44.79 -17.63 14.14
N GLY D 555 -45.33 -18.82 13.89
CA GLY D 555 -46.46 -19.27 14.63
C GLY D 555 -47.65 -18.34 14.41
N TRP D 556 -48.60 -18.45 15.33
CA TRP D 556 -49.78 -17.59 15.30
C TRP D 556 -50.42 -17.64 16.68
N PRO D 557 -50.49 -16.53 17.40
CA PRO D 557 -51.12 -16.54 18.73
C PRO D 557 -52.62 -16.75 18.61
N SER D 558 -53.19 -17.41 19.63
CA SER D 558 -54.63 -17.67 19.61
C SER D 558 -55.45 -16.41 19.78
N HIS D 559 -54.86 -15.34 20.32
CA HIS D 559 -55.52 -14.05 20.50
C HIS D 559 -55.53 -13.19 19.24
N LEU D 560 -55.08 -13.71 18.11
CA LEU D 560 -55.07 -12.97 16.85
C LEU D 560 -56.02 -13.66 15.89
N SER D 561 -57.03 -12.92 15.42
CA SER D 561 -58.01 -13.48 14.50
C SER D 561 -57.51 -13.38 13.07
N ILE D 562 -57.36 -14.54 12.42
CA ILE D 562 -57.01 -14.55 11.01
C ILE D 562 -58.18 -14.10 10.15
N GLU D 563 -59.41 -14.23 10.64
CA GLU D 563 -60.59 -13.88 9.84
C GLU D 563 -60.87 -12.38 9.86
N ALA D 564 -60.51 -11.68 10.93
CA ALA D 564 -60.86 -10.27 11.09
C ALA D 564 -60.16 -9.38 10.06
#